data_1LI2
# 
_entry.id   1LI2 
# 
_audit_conform.dict_name       mmcif_pdbx.dic 
_audit_conform.dict_version    5.376 
_audit_conform.dict_location   http://mmcif.pdb.org/dictionaries/ascii/mmcif_pdbx.dic 
# 
loop_
_database_2.database_id 
_database_2.database_code 
_database_2.pdbx_database_accession 
_database_2.pdbx_DOI 
PDB   1LI2         pdb_00001li2 10.2210/pdb1li2/pdb 
RCSB  RCSB015960   ?            ?                   
WWPDB D_1000015960 ?            ?                   
# 
loop_
_pdbx_database_related.db_name 
_pdbx_database_related.db_id 
_pdbx_database_related.details 
_pdbx_database_related.content_type 
PDB 1LGU 'T4 Lysozyme Mutant L99A/M102Q'                              unspecified 
PDB 1LGW 'T4 lysozyme mutant L99A/M102Q bound by 2-fluoroaniline'     unspecified 
PDB 1LGX 'T4 lysozyme mutant L99A/M102Q bound by 3,5-difluoroaniline' unspecified 
PDB 1LI3 'T4 lysozyme mutant L99A/M102Q bound by 3-chlorophenol'      unspecified 
PDB 1LI6 'T4 lysozyme mutant L99A/M102Q bound by 5-methylpyrrole'     unspecified 
# 
_pdbx_database_status.status_code                     REL 
_pdbx_database_status.entry_id                        1LI2 
_pdbx_database_status.recvd_initial_deposition_date   2002-04-17 
_pdbx_database_status.deposit_site                    RCSB 
_pdbx_database_status.process_site                    RCSB 
_pdbx_database_status.status_code_sf                  REL 
_pdbx_database_status.SG_entry                        . 
_pdbx_database_status.pdb_format_compatible           Y 
_pdbx_database_status.status_code_mr                  ? 
_pdbx_database_status.status_code_cs                  ? 
_pdbx_database_status.status_code_nmr_data            ? 
_pdbx_database_status.methods_development_category    ? 
# 
loop_
_audit_author.name 
_audit_author.pdbx_ordinal 
'Wei, B.Q.'      1 
'Baase, W.A.'    2 
'Weaver, L.H.'   3 
'Matthews, B.W.' 4 
'Shoichet, B.K.' 5 
# 
_citation.id                        primary 
_citation.title                     'A Model Binding Site for Testing Scoring Functions in Molecular Docking' 
_citation.journal_abbrev            J.Mol.Biol. 
_citation.journal_volume            322 
_citation.page_first                339 
_citation.page_last                 355 
_citation.year                      2002 
_citation.journal_id_ASTM           JMOBAK 
_citation.country                   UK 
_citation.journal_id_ISSN           0022-2836 
_citation.journal_id_CSD            0070 
_citation.book_publisher            ? 
_citation.pdbx_database_id_PubMed   12217695 
_citation.pdbx_database_id_DOI      '10.1016/S0022-2836(02)00777-5' 
# 
loop_
_citation_author.citation_id 
_citation_author.name 
_citation_author.ordinal 
_citation_author.identifier_ORCID 
primary 'Wei, B.Q.'      1 ? 
primary 'Baase, W.A.'    2 ? 
primary 'Weaver, L.H.'   3 ? 
primary 'Matthews, B.W.' 4 ? 
primary 'Shoichet, B.K.' 5 ? 
# 
_cell.entry_id           1LI2 
_cell.length_a           60.800 
_cell.length_b           60.800 
_cell.length_c           97.400 
_cell.angle_alpha        90.00 
_cell.angle_beta         90.00 
_cell.angle_gamma        120.00 
_cell.Z_PDB              6 
_cell.pdbx_unique_axis   ? 
# 
_symmetry.entry_id                         1LI2 
_symmetry.space_group_name_H-M             'P 32 2 1' 
_symmetry.pdbx_full_space_group_name_H-M   ? 
_symmetry.cell_setting                     ? 
_symmetry.Int_Tables_number                154 
# 
loop_
_entity.id 
_entity.type 
_entity.src_method 
_entity.pdbx_description 
_entity.formula_weight 
_entity.pdbx_number_of_molecules 
_entity.pdbx_ec 
_entity.pdbx_mutation 
_entity.pdbx_fragment 
_entity.details 
1 polymer     man Lysozyme             18617.320 1  3.2.1.17 'L99A, M102Q' ? ? 
2 non-polymer syn 'CHLORIDE ION'       35.453    2  ?        ?             ? ? 
3 non-polymer syn PHENOL               94.111    1  ?        ?             ? ? 
4 non-polymer syn BETA-MERCAPTOETHANOL 78.133    2  ?        ?             ? ? 
5 water       nat water                18.015    66 ?        ?             ? ? 
# 
_entity_name_com.entity_id   1 
_entity_name_com.name        'Lysis protein, Muramidase, Endolysin' 
# 
_entity_poly.entity_id                      1 
_entity_poly.type                           'polypeptide(L)' 
_entity_poly.nstd_linkage                   no 
_entity_poly.nstd_monomer                   no 
_entity_poly.pdbx_seq_one_letter_code       
;MNIFEMLRIDEGLRLKIYKDTEGYYTIGIGHLLTKSPSLNAAKSELDKAIGRNCNGVITKDEAEKLFNQDVDAAVRGILR
NAKLKPVYDSLDAVRRCAAINQVFQMGETGVAGFTNSLRMLQQKRWDEAAVNLAKSRWYNQTPNRAKRVITTFRTGTWDA
YKNL
;
_entity_poly.pdbx_seq_one_letter_code_can   
;MNIFEMLRIDEGLRLKIYKDTEGYYTIGIGHLLTKSPSLNAAKSELDKAIGRNCNGVITKDEAEKLFNQDVDAAVRGILR
NAKLKPVYDSLDAVRRCAAINQVFQMGETGVAGFTNSLRMLQQKRWDEAAVNLAKSRWYNQTPNRAKRVITTFRTGTWDA
YKNL
;
_entity_poly.pdbx_strand_id                 A 
_entity_poly.pdbx_target_identifier         ? 
# 
loop_
_entity_poly_seq.entity_id 
_entity_poly_seq.num 
_entity_poly_seq.mon_id 
_entity_poly_seq.hetero 
1 1   MET n 
1 2   ASN n 
1 3   ILE n 
1 4   PHE n 
1 5   GLU n 
1 6   MET n 
1 7   LEU n 
1 8   ARG n 
1 9   ILE n 
1 10  ASP n 
1 11  GLU n 
1 12  GLY n 
1 13  LEU n 
1 14  ARG n 
1 15  LEU n 
1 16  LYS n 
1 17  ILE n 
1 18  TYR n 
1 19  LYS n 
1 20  ASP n 
1 21  THR n 
1 22  GLU n 
1 23  GLY n 
1 24  TYR n 
1 25  TYR n 
1 26  THR n 
1 27  ILE n 
1 28  GLY n 
1 29  ILE n 
1 30  GLY n 
1 31  HIS n 
1 32  LEU n 
1 33  LEU n 
1 34  THR n 
1 35  LYS n 
1 36  SER n 
1 37  PRO n 
1 38  SER n 
1 39  LEU n 
1 40  ASN n 
1 41  ALA n 
1 42  ALA n 
1 43  LYS n 
1 44  SER n 
1 45  GLU n 
1 46  LEU n 
1 47  ASP n 
1 48  LYS n 
1 49  ALA n 
1 50  ILE n 
1 51  GLY n 
1 52  ARG n 
1 53  ASN n 
1 54  CYS n 
1 55  ASN n 
1 56  GLY n 
1 57  VAL n 
1 58  ILE n 
1 59  THR n 
1 60  LYS n 
1 61  ASP n 
1 62  GLU n 
1 63  ALA n 
1 64  GLU n 
1 65  LYS n 
1 66  LEU n 
1 67  PHE n 
1 68  ASN n 
1 69  GLN n 
1 70  ASP n 
1 71  VAL n 
1 72  ASP n 
1 73  ALA n 
1 74  ALA n 
1 75  VAL n 
1 76  ARG n 
1 77  GLY n 
1 78  ILE n 
1 79  LEU n 
1 80  ARG n 
1 81  ASN n 
1 82  ALA n 
1 83  LYS n 
1 84  LEU n 
1 85  LYS n 
1 86  PRO n 
1 87  VAL n 
1 88  TYR n 
1 89  ASP n 
1 90  SER n 
1 91  LEU n 
1 92  ASP n 
1 93  ALA n 
1 94  VAL n 
1 95  ARG n 
1 96  ARG n 
1 97  CYS n 
1 98  ALA n 
1 99  ALA n 
1 100 ILE n 
1 101 ASN n 
1 102 GLN n 
1 103 VAL n 
1 104 PHE n 
1 105 GLN n 
1 106 MET n 
1 107 GLY n 
1 108 GLU n 
1 109 THR n 
1 110 GLY n 
1 111 VAL n 
1 112 ALA n 
1 113 GLY n 
1 114 PHE n 
1 115 THR n 
1 116 ASN n 
1 117 SER n 
1 118 LEU n 
1 119 ARG n 
1 120 MET n 
1 121 LEU n 
1 122 GLN n 
1 123 GLN n 
1 124 LYS n 
1 125 ARG n 
1 126 TRP n 
1 127 ASP n 
1 128 GLU n 
1 129 ALA n 
1 130 ALA n 
1 131 VAL n 
1 132 ASN n 
1 133 LEU n 
1 134 ALA n 
1 135 LYS n 
1 136 SER n 
1 137 ARG n 
1 138 TRP n 
1 139 TYR n 
1 140 ASN n 
1 141 GLN n 
1 142 THR n 
1 143 PRO n 
1 144 ASN n 
1 145 ARG n 
1 146 ALA n 
1 147 LYS n 
1 148 ARG n 
1 149 VAL n 
1 150 ILE n 
1 151 THR n 
1 152 THR n 
1 153 PHE n 
1 154 ARG n 
1 155 THR n 
1 156 GLY n 
1 157 THR n 
1 158 TRP n 
1 159 ASP n 
1 160 ALA n 
1 161 TYR n 
1 162 LYS n 
1 163 ASN n 
1 164 LEU n 
# 
_entity_src_gen.entity_id                          1 
_entity_src_gen.pdbx_src_id                        1 
_entity_src_gen.pdbx_alt_source_flag               sample 
_entity_src_gen.pdbx_seq_type                      ? 
_entity_src_gen.pdbx_beg_seq_num                   ? 
_entity_src_gen.pdbx_end_seq_num                   ? 
_entity_src_gen.gene_src_common_name               ? 
_entity_src_gen.gene_src_genus                     'T4-like viruses' 
_entity_src_gen.pdbx_gene_src_gene                 ? 
_entity_src_gen.gene_src_species                   'Enterobacteria phage T4 sensu lato' 
_entity_src_gen.gene_src_strain                    ? 
_entity_src_gen.gene_src_tissue                    ? 
_entity_src_gen.gene_src_tissue_fraction           ? 
_entity_src_gen.gene_src_details                   ? 
_entity_src_gen.pdbx_gene_src_fragment             ? 
_entity_src_gen.pdbx_gene_src_scientific_name      'Enterobacteria phage T4' 
_entity_src_gen.pdbx_gene_src_ncbi_taxonomy_id     10665 
_entity_src_gen.pdbx_gene_src_variant              ? 
_entity_src_gen.pdbx_gene_src_cell_line            ? 
_entity_src_gen.pdbx_gene_src_atcc                 ? 
_entity_src_gen.pdbx_gene_src_organ                ? 
_entity_src_gen.pdbx_gene_src_organelle            ? 
_entity_src_gen.pdbx_gene_src_cell                 ? 
_entity_src_gen.pdbx_gene_src_cellular_location    ? 
_entity_src_gen.host_org_common_name               ? 
_entity_src_gen.pdbx_host_org_scientific_name      'Escherichia coli' 
_entity_src_gen.pdbx_host_org_ncbi_taxonomy_id     562 
_entity_src_gen.host_org_genus                     Escherichia 
_entity_src_gen.pdbx_host_org_gene                 ? 
_entity_src_gen.pdbx_host_org_organ                ? 
_entity_src_gen.host_org_species                   ? 
_entity_src_gen.pdbx_host_org_tissue               ? 
_entity_src_gen.pdbx_host_org_tissue_fraction      ? 
_entity_src_gen.pdbx_host_org_strain               ? 
_entity_src_gen.pdbx_host_org_variant              ? 
_entity_src_gen.pdbx_host_org_cell_line            ? 
_entity_src_gen.pdbx_host_org_atcc                 ? 
_entity_src_gen.pdbx_host_org_culture_collection   ? 
_entity_src_gen.pdbx_host_org_cell                 ? 
_entity_src_gen.pdbx_host_org_organelle            ? 
_entity_src_gen.pdbx_host_org_cellular_location    ? 
_entity_src_gen.pdbx_host_org_vector_type          ? 
_entity_src_gen.pdbx_host_org_vector               ? 
_entity_src_gen.host_org_details                   ? 
_entity_src_gen.expression_system_id               ? 
_entity_src_gen.plasmid_name                       ? 
_entity_src_gen.plasmid_details                    ? 
_entity_src_gen.pdbx_description                   ? 
# 
_struct_ref.id                         1 
_struct_ref.db_name                    UNP 
_struct_ref.db_code                    LYS_BPT4 
_struct_ref.entity_id                  1 
_struct_ref.pdbx_seq_one_letter_code   
;MNIFEMLRIDEGLRLKIYKDTEGYYTIGIGHLLTKSPSLNAAKSELDKAIGRNCNGVITKDEAEKLFNQDVDAAVRGILR
NAKLKPVYDSLDAVRRCALINMVFQMGETGVAGFTNSLRMLQQKRWDEAAVNLAKSRWYNQTPNRAKRVITTFRTGTWDA
YKNL
;
_struct_ref.pdbx_align_begin           1 
_struct_ref.pdbx_db_accession          P00720 
_struct_ref.pdbx_db_isoform            ? 
# 
_struct_ref_seq.align_id                      1 
_struct_ref_seq.ref_id                        1 
_struct_ref_seq.pdbx_PDB_id_code              1LI2 
_struct_ref_seq.pdbx_strand_id                A 
_struct_ref_seq.seq_align_beg                 1 
_struct_ref_seq.pdbx_seq_align_beg_ins_code   ? 
_struct_ref_seq.seq_align_end                 164 
_struct_ref_seq.pdbx_seq_align_end_ins_code   ? 
_struct_ref_seq.pdbx_db_accession             P00720 
_struct_ref_seq.db_align_beg                  1 
_struct_ref_seq.pdbx_db_align_beg_ins_code    ? 
_struct_ref_seq.db_align_end                  164 
_struct_ref_seq.pdbx_db_align_end_ins_code    ? 
_struct_ref_seq.pdbx_auth_seq_align_beg       1 
_struct_ref_seq.pdbx_auth_seq_align_end       164 
# 
loop_
_struct_ref_seq_dif.align_id 
_struct_ref_seq_dif.pdbx_pdb_id_code 
_struct_ref_seq_dif.mon_id 
_struct_ref_seq_dif.pdbx_pdb_strand_id 
_struct_ref_seq_dif.seq_num 
_struct_ref_seq_dif.pdbx_pdb_ins_code 
_struct_ref_seq_dif.pdbx_seq_db_name 
_struct_ref_seq_dif.pdbx_seq_db_accession_code 
_struct_ref_seq_dif.db_mon_id 
_struct_ref_seq_dif.pdbx_seq_db_seq_num 
_struct_ref_seq_dif.details 
_struct_ref_seq_dif.pdbx_auth_seq_num 
_struct_ref_seq_dif.pdbx_ordinal 
1 1LI2 ALA A 99  ? UNP P00720 LEU 99  'engineered mutation' 99  1 
1 1LI2 GLN A 102 ? UNP P00720 MET 102 'engineered mutation' 102 2 
# 
loop_
_chem_comp.id 
_chem_comp.type 
_chem_comp.mon_nstd_flag 
_chem_comp.name 
_chem_comp.pdbx_synonyms 
_chem_comp.formula 
_chem_comp.formula_weight 
ALA 'L-peptide linking' y ALANINE              ? 'C3 H7 N O2'     89.093  
ARG 'L-peptide linking' y ARGININE             ? 'C6 H15 N4 O2 1' 175.209 
ASN 'L-peptide linking' y ASPARAGINE           ? 'C4 H8 N2 O3'    132.118 
ASP 'L-peptide linking' y 'ASPARTIC ACID'      ? 'C4 H7 N O4'     133.103 
BME non-polymer         . BETA-MERCAPTOETHANOL ? 'C2 H6 O S'      78.133  
CL  non-polymer         . 'CHLORIDE ION'       ? 'Cl -1'          35.453  
CYS 'L-peptide linking' y CYSTEINE             ? 'C3 H7 N O2 S'   121.158 
GLN 'L-peptide linking' y GLUTAMINE            ? 'C5 H10 N2 O3'   146.144 
GLU 'L-peptide linking' y 'GLUTAMIC ACID'      ? 'C5 H9 N O4'     147.129 
GLY 'peptide linking'   y GLYCINE              ? 'C2 H5 N O2'     75.067  
HIS 'L-peptide linking' y HISTIDINE            ? 'C6 H10 N3 O2 1' 156.162 
HOH non-polymer         . WATER                ? 'H2 O'           18.015  
ILE 'L-peptide linking' y ISOLEUCINE           ? 'C6 H13 N O2'    131.173 
IPH non-polymer         . PHENOL               ? 'C6 H6 O'        94.111  
LEU 'L-peptide linking' y LEUCINE              ? 'C6 H13 N O2'    131.173 
LYS 'L-peptide linking' y LYSINE               ? 'C6 H15 N2 O2 1' 147.195 
MET 'L-peptide linking' y METHIONINE           ? 'C5 H11 N O2 S'  149.211 
PHE 'L-peptide linking' y PHENYLALANINE        ? 'C9 H11 N O2'    165.189 
PRO 'L-peptide linking' y PROLINE              ? 'C5 H9 N O2'     115.130 
SER 'L-peptide linking' y SERINE               ? 'C3 H7 N O3'     105.093 
THR 'L-peptide linking' y THREONINE            ? 'C4 H9 N O3'     119.119 
TRP 'L-peptide linking' y TRYPTOPHAN           ? 'C11 H12 N2 O2'  204.225 
TYR 'L-peptide linking' y TYROSINE             ? 'C9 H11 N O3'    181.189 
VAL 'L-peptide linking' y VALINE               ? 'C5 H11 N O2'    117.146 
# 
_exptl.entry_id          1LI2 
_exptl.method            'X-RAY DIFFRACTION' 
_exptl.crystals_number   1 
# 
_exptl_crystal.id                    1 
_exptl_crystal.density_meas          ? 
_exptl_crystal.density_percent_sol   55.93 
_exptl_crystal.density_Matthews      2.79 
_exptl_crystal.description           ? 
# 
_diffrn.id                     1 
_diffrn.ambient_temp           298 
_diffrn.ambient_temp_details   ? 
_diffrn.crystal_id             1 
# 
_diffrn_detector.diffrn_id              1 
_diffrn_detector.detector               'AREA DETECTOR' 
_diffrn_detector.type                   SDMS 
_diffrn_detector.pdbx_collection_date   2001-05-01 
_diffrn_detector.details                'graphite plus pinhole' 
# 
_diffrn_radiation.diffrn_id                        1 
_diffrn_radiation.wavelength_id                    1 
_diffrn_radiation.pdbx_monochromatic_or_laue_m_l   M 
_diffrn_radiation.monochromator                    graphite 
_diffrn_radiation.pdbx_diffrn_protocol             'SINGLE WAVELENGTH' 
_diffrn_radiation.pdbx_scattering_type             x-ray 
# 
_diffrn_radiation_wavelength.id           1 
_diffrn_radiation_wavelength.wavelength   1.5418 
_diffrn_radiation_wavelength.wt           1.0 
# 
_diffrn_source.diffrn_id                   1 
_diffrn_source.source                      'ROTATING ANODE' 
_diffrn_source.type                        'RIGAKU RU200' 
_diffrn_source.pdbx_synchrotron_site       ? 
_diffrn_source.pdbx_synchrotron_beamline   ? 
_diffrn_source.pdbx_wavelength             ? 
_diffrn_source.pdbx_wavelength_list        1.5418 
# 
_reflns.entry_id                     1LI2 
_reflns.observed_criterion_sigma_I   0. 
_reflns.observed_criterion_sigma_F   ? 
_reflns.d_resolution_low             15. 
_reflns.d_resolution_high            2.0 
_reflns.number_obs                   13467 
_reflns.number_all                   13467 
_reflns.percent_possible_obs         89 
_reflns.pdbx_Rmerge_I_obs            0.048 
_reflns.pdbx_Rsym_value              ? 
_reflns.pdbx_netI_over_sigmaI        11.2 
_reflns.B_iso_Wilson_estimate        ? 
_reflns.pdbx_redundancy              ? 
_reflns.R_free_details               ? 
_reflns.limit_h_max                  ? 
_reflns.limit_h_min                  ? 
_reflns.limit_k_max                  ? 
_reflns.limit_k_min                  ? 
_reflns.limit_l_max                  ? 
_reflns.limit_l_min                  ? 
_reflns.observed_criterion_F_max     ? 
_reflns.observed_criterion_F_min     ? 
_reflns.pdbx_diffrn_id               1 
_reflns.pdbx_ordinal                 1 
# 
_reflns_shell.d_res_high             2.00 
_reflns_shell.d_res_low              2.15 
_reflns_shell.percent_possible_all   78 
_reflns_shell.Rmerge_I_obs           0.137 
_reflns_shell.pdbx_Rsym_value        ? 
_reflns_shell.meanI_over_sigI_obs    3.2 
_reflns_shell.pdbx_redundancy        ? 
_reflns_shell.percent_possible_obs   ? 
_reflns_shell.number_unique_all      2225 
_reflns_shell.pdbx_diffrn_id         ? 
_reflns_shell.pdbx_ordinal           1 
# 
_refine.entry_id                                 1LI2 
_refine.ls_number_reflns_obs                     13467 
_refine.ls_number_reflns_all                     13467 
_refine.pdbx_ls_sigma_I                          ? 
_refine.pdbx_ls_sigma_F                          0. 
_refine.pdbx_data_cutoff_high_absF               ? 
_refine.pdbx_data_cutoff_low_absF                ? 
_refine.ls_d_res_low                             15. 
_refine.ls_d_res_high                            2.0 
_refine.ls_percent_reflns_obs                    89 
_refine.ls_R_factor_obs                          ? 
_refine.ls_R_factor_all                          ? 
_refine.ls_R_factor_R_work                       0.168 
_refine.ls_R_factor_R_free                       ? 
_refine.ls_R_factor_R_free_error                 ? 
_refine.ls_R_factor_R_free_error_details         ? 
_refine.ls_percent_reflns_R_free                 ? 
_refine.ls_number_reflns_R_free                  ? 
_refine.ls_number_parameters                     ? 
_refine.ls_number_restraints                     ? 
_refine.occupancy_min                            ? 
_refine.occupancy_max                            ? 
_refine.correlation_coeff_Fo_to_Fc               ? 
_refine.correlation_coeff_Fo_to_Fc_free          ? 
_refine.B_iso_mean                               ? 
_refine.aniso_B[1][1]                            ? 
_refine.aniso_B[2][2]                            ? 
_refine.aniso_B[3][3]                            ? 
_refine.aniso_B[1][2]                            ? 
_refine.aniso_B[1][3]                            ? 
_refine.aniso_B[2][3]                            ? 
_refine.solvent_model_details                    ? 
_refine.solvent_model_param_ksol                 ? 
_refine.solvent_model_param_bsol                 ? 
_refine.pdbx_solvent_vdw_probe_radii             ? 
_refine.pdbx_solvent_ion_probe_radii             ? 
_refine.pdbx_solvent_shrinkage_radii             ? 
_refine.pdbx_ls_cross_valid_method               ? 
_refine.details                                  'residues ASN163 and LEU164 are missing in the electron density' 
_refine.pdbx_starting_model                      'PDB ENTRY 1LGU' 
_refine.pdbx_method_to_determine_struct          'MOLECULAR REPLACEMENT' 
_refine.pdbx_isotropic_thermal_model             ? 
_refine.pdbx_stereochemistry_target_values       'Engh & Huber' 
_refine.pdbx_stereochem_target_val_spec_case     ? 
_refine.pdbx_R_Free_selection_details            ? 
_refine.pdbx_overall_ESU_R_Free                  ? 
_refine.overall_SU_B                             ? 
_refine.ls_redundancy_reflns_obs                 ? 
_refine.B_iso_min                                ? 
_refine.B_iso_max                                ? 
_refine.overall_SU_R_Cruickshank_DPI             ? 
_refine.overall_SU_R_free                        ? 
_refine.overall_SU_ML                            ? 
_refine.pdbx_overall_ESU_R                       ? 
_refine.pdbx_data_cutoff_high_rms_absF           ? 
_refine.pdbx_refine_id                           'X-RAY DIFFRACTION' 
_refine.pdbx_diffrn_id                           1 
_refine.pdbx_TLS_residual_ADP_flag               ? 
_refine.pdbx_overall_phase_error                 ? 
_refine.pdbx_overall_SU_R_free_Cruickshank_DPI   ? 
_refine.pdbx_overall_SU_R_Blow_DPI               ? 
_refine.pdbx_overall_SU_R_free_Blow_DPI          ? 
# 
_refine_hist.pdbx_refine_id                   'X-RAY DIFFRACTION' 
_refine_hist.cycle_id                         LAST 
_refine_hist.pdbx_number_atoms_protein        1290 
_refine_hist.pdbx_number_atoms_nucleic_acid   0 
_refine_hist.pdbx_number_atoms_ligand         17 
_refine_hist.number_atoms_solvent             66 
_refine_hist.number_atoms_total               1373 
_refine_hist.d_res_high                       2.0 
_refine_hist.d_res_low                        15. 
# 
loop_
_refine_ls_restr.type 
_refine_ls_restr.dev_ideal 
_refine_ls_restr.dev_ideal_target 
_refine_ls_restr.weight 
_refine_ls_restr.number 
_refine_ls_restr.pdbx_refine_id 
_refine_ls_restr.pdbx_restraint_function 
t_bond_d    0.016 ? ? ? 'X-RAY DIFFRACTION' ? 
t_angle_deg 2.6   ? ? ? 'X-RAY DIFFRACTION' ? 
# 
_struct.entry_id                  1LI2 
_struct.title                     'T4 Lysozyme Mutant L99A/M102Q Bound by Phenol' 
_struct.pdbx_model_details        ? 
_struct.pdbx_CASP_flag            ? 
_struct.pdbx_model_type_details   ? 
# 
_struct_keywords.entry_id        1LI2 
_struct_keywords.pdbx_keywords   HYDROLASE 
_struct_keywords.text            'Glycosidase, Bacteriolytic enzyme, HYDROLASE' 
# 
loop_
_struct_asym.id 
_struct_asym.pdbx_blank_PDB_chainid_flag 
_struct_asym.pdbx_modified 
_struct_asym.entity_id 
_struct_asym.details 
A N N 1 ? 
B N N 2 ? 
C N N 2 ? 
D N N 3 ? 
E N N 4 ? 
F N N 4 ? 
G N N 5 ? 
# 
_struct_biol.id                    1 
_struct_biol.pdbx_parent_biol_id   ? 
_struct_biol.details               ? 
# 
loop_
_struct_conf.conf_type_id 
_struct_conf.id 
_struct_conf.pdbx_PDB_helix_id 
_struct_conf.beg_label_comp_id 
_struct_conf.beg_label_asym_id 
_struct_conf.beg_label_seq_id 
_struct_conf.pdbx_beg_PDB_ins_code 
_struct_conf.end_label_comp_id 
_struct_conf.end_label_asym_id 
_struct_conf.end_label_seq_id 
_struct_conf.pdbx_end_PDB_ins_code 
_struct_conf.beg_auth_comp_id 
_struct_conf.beg_auth_asym_id 
_struct_conf.beg_auth_seq_id 
_struct_conf.end_auth_comp_id 
_struct_conf.end_auth_asym_id 
_struct_conf.end_auth_seq_id 
_struct_conf.pdbx_PDB_helix_class 
_struct_conf.details 
_struct_conf.pdbx_PDB_helix_length 
HELX_P HELX_P1  1  ASN A 2   ? GLY A 12  ? ASN A 2   GLY A 12  1 ? 11 
HELX_P HELX_P2  2  SER A 38  ? GLY A 51  ? SER A 38  GLY A 51  1 ? 14 
HELX_P HELX_P3  3  THR A 59  ? ASN A 81  ? THR A 59  ASN A 81  1 ? 23 
HELX_P HELX_P4  4  LYS A 83  ? LEU A 91  ? LYS A 83  LEU A 91  1 ? 9  
HELX_P HELX_P5  5  ASP A 92  ? GLY A 113 ? ASP A 92  GLY A 113 1 ? 22 
HELX_P HELX_P6  6  PHE A 114 ? GLN A 123 ? PHE A 114 GLN A 123 1 ? 10 
HELX_P HELX_P7  7  ARG A 125 ? LYS A 135 ? ARG A 125 LYS A 135 1 ? 11 
HELX_P HELX_P8  8  SER A 136 ? THR A 142 ? SER A 136 THR A 142 1 ? 7  
HELX_P HELX_P9  9  THR A 142 ? GLY A 156 ? THR A 142 GLY A 156 1 ? 15 
HELX_P HELX_P10 10 TRP A 158 ? LYS A 162 ? TRP A 158 LYS A 162 5 ? 5  
# 
_struct_conf_type.id          HELX_P 
_struct_conf_type.criteria    ? 
_struct_conf_type.reference   ? 
# 
_struct_sheet.id               A 
_struct_sheet.type             ? 
_struct_sheet.number_strands   3 
_struct_sheet.details          ? 
# 
loop_
_struct_sheet_order.sheet_id 
_struct_sheet_order.range_id_1 
_struct_sheet_order.range_id_2 
_struct_sheet_order.offset 
_struct_sheet_order.sense 
A 1 2 ? anti-parallel 
A 2 3 ? anti-parallel 
# 
loop_
_struct_sheet_range.sheet_id 
_struct_sheet_range.id 
_struct_sheet_range.beg_label_comp_id 
_struct_sheet_range.beg_label_asym_id 
_struct_sheet_range.beg_label_seq_id 
_struct_sheet_range.pdbx_beg_PDB_ins_code 
_struct_sheet_range.end_label_comp_id 
_struct_sheet_range.end_label_asym_id 
_struct_sheet_range.end_label_seq_id 
_struct_sheet_range.pdbx_end_PDB_ins_code 
_struct_sheet_range.beg_auth_comp_id 
_struct_sheet_range.beg_auth_asym_id 
_struct_sheet_range.beg_auth_seq_id 
_struct_sheet_range.end_auth_comp_id 
_struct_sheet_range.end_auth_asym_id 
_struct_sheet_range.end_auth_seq_id 
A 1 ARG A 14 ? LYS A 19 ? ARG A 14 LYS A 19 
A 2 TYR A 25 ? GLY A 28 ? TYR A 25 GLY A 28 
A 3 HIS A 31 ? THR A 34 ? HIS A 31 THR A 34 
# 
loop_
_pdbx_struct_sheet_hbond.sheet_id 
_pdbx_struct_sheet_hbond.range_id_1 
_pdbx_struct_sheet_hbond.range_id_2 
_pdbx_struct_sheet_hbond.range_1_label_atom_id 
_pdbx_struct_sheet_hbond.range_1_label_comp_id 
_pdbx_struct_sheet_hbond.range_1_label_asym_id 
_pdbx_struct_sheet_hbond.range_1_label_seq_id 
_pdbx_struct_sheet_hbond.range_1_PDB_ins_code 
_pdbx_struct_sheet_hbond.range_1_auth_atom_id 
_pdbx_struct_sheet_hbond.range_1_auth_comp_id 
_pdbx_struct_sheet_hbond.range_1_auth_asym_id 
_pdbx_struct_sheet_hbond.range_1_auth_seq_id 
_pdbx_struct_sheet_hbond.range_2_label_atom_id 
_pdbx_struct_sheet_hbond.range_2_label_comp_id 
_pdbx_struct_sheet_hbond.range_2_label_asym_id 
_pdbx_struct_sheet_hbond.range_2_label_seq_id 
_pdbx_struct_sheet_hbond.range_2_PDB_ins_code 
_pdbx_struct_sheet_hbond.range_2_auth_atom_id 
_pdbx_struct_sheet_hbond.range_2_auth_comp_id 
_pdbx_struct_sheet_hbond.range_2_auth_asym_id 
_pdbx_struct_sheet_hbond.range_2_auth_seq_id 
A 1 2 N TYR A 18 ? N TYR A 18 O THR A 26 ? O THR A 26 
A 2 3 N TYR A 25 ? N TYR A 25 O LEU A 33 ? O LEU A 33 
# 
loop_
_struct_site.id 
_struct_site.pdbx_evidence_code 
_struct_site.pdbx_auth_asym_id 
_struct_site.pdbx_auth_comp_id 
_struct_site.pdbx_auth_seq_id 
_struct_site.pdbx_auth_ins_code 
_struct_site.pdbx_num_residues 
_struct_site.details 
AC1 Software A CL  173 ? 4 'BINDING SITE FOR RESIDUE CL A 173'  
AC2 Software A CL  178 ? 6 'BINDING SITE FOR RESIDUE CL A 178'  
AC3 Software A IPH 400 ? 7 'BINDING SITE FOR RESIDUE IPH A 400' 
AC4 Software A BME 169 ? 4 'BINDING SITE FOR RESIDUE BME A 169' 
AC5 Software A BME 170 ? 3 'BINDING SITE FOR RESIDUE BME A 170' 
# 
loop_
_struct_site_gen.id 
_struct_site_gen.site_id 
_struct_site_gen.pdbx_num_res 
_struct_site_gen.label_comp_id 
_struct_site_gen.label_asym_id 
_struct_site_gen.label_seq_id 
_struct_site_gen.pdbx_auth_ins_code 
_struct_site_gen.auth_comp_id 
_struct_site_gen.auth_asym_id 
_struct_site_gen.auth_seq_id 
_struct_site_gen.label_atom_id 
_struct_site_gen.label_alt_id 
_struct_site_gen.symmetry 
_struct_site_gen.details 
1  AC1 4 THR A 142 ? THR A 142 . ? 1_555 ? 
2  AC1 4 ASN A 144 ? ASN A 144 . ? 1_555 ? 
3  AC1 4 ARG A 145 ? ARG A 145 . ? 1_555 ? 
4  AC1 4 HOH G .   ? HOH A 291 . ? 4_655 ? 
5  AC2 6 ALA A 49  ? ALA A 49  . ? 1_555 ? 
6  AC2 6 GLN A 69  ? GLN A 69  . ? 1_555 ? 
7  AC2 6 SER A 136 ? SER A 136 . ? 3_665 ? 
8  AC2 6 ARG A 137 ? ARG A 137 . ? 3_665 ? 
9  AC2 6 ASN A 140 ? ASN A 140 . ? 3_665 ? 
10 AC2 6 HOH G .   ? HOH A 282 . ? 1_555 ? 
11 AC3 7 TYR A 88  ? TYR A 88  . ? 1_555 ? 
12 AC3 7 ALA A 99  ? ALA A 99  . ? 1_555 ? 
13 AC3 7 GLN A 102 ? GLN A 102 . ? 1_555 ? 
14 AC3 7 VAL A 111 ? VAL A 111 . ? 1_555 ? 
15 AC3 7 LEU A 118 ? LEU A 118 . ? 1_555 ? 
16 AC3 7 PHE A 153 ? PHE A 153 . ? 1_555 ? 
17 AC3 7 HOH G .   ? HOH A 401 . ? 1_555 ? 
18 AC4 4 ASP A 72  ? ASP A 72  . ? 1_555 ? 
19 AC4 4 VAL A 75  ? VAL A 75  . ? 1_555 ? 
20 AC4 4 TYR A 88  ? TYR A 88  . ? 5_555 ? 
21 AC4 4 BME F .   ? BME A 170 . ? 5_555 ? 
22 AC5 3 ASP A 72  ? ASP A 72  . ? 5_555 ? 
23 AC5 3 BME E .   ? BME A 169 . ? 5_555 ? 
24 AC5 3 HOH G .   ? HOH A 199 . ? 1_555 ? 
# 
_atom_sites.entry_id                    1LI2 
_atom_sites.fract_transf_matrix[1][1]   0.00599911 
_atom_sites.fract_transf_matrix[1][2]   -0.01579894 
_atom_sites.fract_transf_matrix[1][3]   0.00866499 
_atom_sites.fract_transf_matrix[2][1]   0.00098225 
_atom_sites.fract_transf_matrix[2][2]   -0.01633160 
_atom_sites.fract_transf_matrix[2][3]   -0.00964417 
_atom_sites.fract_transf_matrix[3][1]   0.00965956 
_atom_sites.fract_transf_matrix[3][2]   0.00218144 
_atom_sites.fract_transf_matrix[3][3]   -0.00271026 
_atom_sites.fract_transf_vector[1]      0.682495 
_atom_sites.fract_transf_vector[2]      0.221253 
_atom_sites.fract_transf_vector[3]      0.100610 
# 
loop_
_atom_type.symbol 
C  
CL 
N  
O  
S  
# 
loop_
_atom_site.group_PDB 
_atom_site.id 
_atom_site.type_symbol 
_atom_site.label_atom_id 
_atom_site.label_alt_id 
_atom_site.label_comp_id 
_atom_site.label_asym_id 
_atom_site.label_entity_id 
_atom_site.label_seq_id 
_atom_site.pdbx_PDB_ins_code 
_atom_site.Cartn_x 
_atom_site.Cartn_y 
_atom_site.Cartn_z 
_atom_site.occupancy 
_atom_site.B_iso_or_equiv 
_atom_site.pdbx_formal_charge 
_atom_site.auth_seq_id 
_atom_site.auth_comp_id 
_atom_site.auth_asym_id 
_atom_site.auth_atom_id 
_atom_site.pdbx_PDB_model_num 
ATOM   1    N  N   . MET A 1 1   ? 1.598   8.376   15.332  1.00 36.36  ? 1   MET A N   1 
ATOM   2    C  CA  . MET A 1 1   ? 1.558   7.511   14.176  1.00 18.33  ? 1   MET A CA  1 
ATOM   3    C  C   . MET A 1 1   ? 1.669   8.335   12.885  1.00 14.57  ? 1   MET A C   1 
ATOM   4    O  O   . MET A 1 1   ? 1.172   9.435   12.812  1.00 20.97  ? 1   MET A O   1 
ATOM   5    C  CB  . MET A 1 1   ? 0.372   6.528   14.384  1.00 18.24  ? 1   MET A CB  1 
ATOM   6    C  CG  . MET A 1 1   ? 0.084   5.666   13.181  1.00 42.14  ? 1   MET A CG  1 
ATOM   7    S  SD  . MET A 1 1   ? 0.797   4.016   13.321  1.00 38.47  ? 1   MET A SD  1 
ATOM   8    C  CE  . MET A 1 1   ? 0.432   3.728   15.041  1.00 23.80  ? 1   MET A CE  1 
ATOM   9    N  N   . ASN A 1 2   ? 2.255   7.745   11.854  1.00 13.43  ? 2   ASN A N   1 
ATOM   10   C  CA  . ASN A 1 2   ? 2.336   8.381   10.566  1.00 11.93  ? 2   ASN A CA  1 
ATOM   11   C  C   . ASN A 1 2   ? 2.290   7.265   9.526   1.00 15.76  ? 2   ASN A C   1 
ATOM   12   O  O   . ASN A 1 2   ? 2.261   6.076   9.831   1.00 11.90  ? 2   ASN A O   1 
ATOM   13   C  CB  . ASN A 1 2   ? 3.561   9.334   10.535  1.00 9.46   ? 2   ASN A CB  1 
ATOM   14   C  CG  . ASN A 1 2   ? 4.855   8.591   10.698  1.00 24.09  ? 2   ASN A CG  1 
ATOM   15   O  OD1 . ASN A 1 2   ? 5.192   7.693   9.928   1.00 15.53  ? 2   ASN A OD1 1 
ATOM   16   N  ND2 . ASN A 1 2   ? 5.601   8.953   11.714  1.00 12.67  ? 2   ASN A ND2 1 
ATOM   17   N  N   . ILE A 1 3   ? 2.279   7.662   8.276   1.00 7.17   ? 3   ILE A N   1 
ATOM   18   C  CA  . ILE A 1 3   ? 2.188   6.714   7.179   1.00 9.86   ? 3   ILE A CA  1 
ATOM   19   C  C   . ILE A 1 3   ? 3.286   5.588   7.210   1.00 11.16  ? 3   ILE A C   1 
ATOM   20   O  O   . ILE A 1 3   ? 3.101   4.427   6.835   1.00 12.04  ? 3   ILE A O   1 
ATOM   21   C  CB  . ILE A 1 3   ? 2.024   7.533   5.883   1.00 16.82  ? 3   ILE A CB  1 
ATOM   22   C  CG1 . ILE A 1 3   ? 1.740   6.676   4.652   1.00 5.93   ? 3   ILE A CG1 1 
ATOM   23   C  CG2 . ILE A 1 3   ? 3.327   8.293   5.509   1.00 12.03  ? 3   ILE A CG2 1 
ATOM   24   C  CD1 . ILE A 1 3   ? 0.619   5.614   4.810   1.00 6.31   ? 3   ILE A CD1 1 
ATOM   25   N  N   . PHE A 1 4   ? 4.545   5.969   7.535   1.00 13.37  ? 4   PHE A N   1 
ATOM   26   C  CA  . PHE A 1 4   ? 5.644   5.005   7.487   1.00 9.10   ? 4   PHE A CA  1 
ATOM   27   C  C   . PHE A 1 4   ? 5.503   3.932   8.515   1.00 12.63  ? 4   PHE A C   1 
ATOM   28   O  O   . PHE A 1 4   ? 5.723   2.757   8.259   1.00 12.95  ? 4   PHE A O   1 
ATOM   29   C  CB  . PHE A 1 4   ? 6.926   5.765   7.702   1.00 10.03  ? 4   PHE A CB  1 
ATOM   30   C  CG  . PHE A 1 4   ? 7.260   6.588   6.467   1.00 19.39  ? 4   PHE A CG  1 
ATOM   31   C  CD1 . PHE A 1 4   ? 7.016   7.961   6.425   1.00 17.21  ? 4   PHE A CD1 1 
ATOM   32   C  CD2 . PHE A 1 4   ? 7.815   5.990   5.332   1.00 14.72  ? 4   PHE A CD2 1 
ATOM   33   C  CE1 . PHE A 1 4   ? 7.325   8.711   5.287   1.00 15.56  ? 4   PHE A CE1 1 
ATOM   34   C  CE2 . PHE A 1 4   ? 8.176   6.719   4.203   1.00 18.10  ? 4   PHE A CE2 1 
ATOM   35   C  CZ  . PHE A 1 4   ? 7.904   8.083   4.178   1.00 12.69  ? 4   PHE A CZ  1 
ATOM   36   N  N   . GLU A 1 5   ? 5.117   4.394   9.700   1.00 9.38   ? 5   GLU A N   1 
ATOM   37   C  CA  . GLU A 1 5   ? 4.928   3.479   10.802  1.00 12.02  ? 5   GLU A CA  1 
ATOM   38   C  C   . GLU A 1 5   ? 3.716   2.622   10.528  1.00 18.85  ? 5   GLU A C   1 
ATOM   39   O  O   . GLU A 1 5   ? 3.712   1.487   10.861  1.00 13.23  ? 5   GLU A O   1 
ATOM   40   C  CB  . GLU A 1 5   ? 4.437   4.240   12.033  1.00 12.00  ? 5   GLU A CB  1 
ATOM   41   C  CG  . GLU A 1 5   ? 5.587   5.091   12.618  1.00 21.64  ? 5   GLU A CG  1 
ATOM   42   C  CD  . GLU A 1 5   ? 5.210   5.873   13.862  1.00 38.17  ? 5   GLU A CD  1 
ATOM   43   O  OE1 . GLU A 1 5   ? 4.087   6.290   14.061  1.00 61.19  ? 5   GLU A OE1 1 
ATOM   44   O  OE2 . GLU A 1 5   ? 6.213   6.064   14.683  1.00 100.00 ? 5   GLU A OE2 1 
ATOM   45   N  N   . MET A 1 6   ? 2.681   3.180   9.929   1.00 10.44  ? 6   MET A N   1 
ATOM   46   C  CA  . MET A 1 6   ? 1.495   2.390   9.651   1.00 8.28   ? 6   MET A CA  1 
ATOM   47   C  C   . MET A 1 6   ? 1.831   1.343   8.605   1.00 13.95  ? 6   MET A C   1 
ATOM   48   O  O   . MET A 1 6   ? 1.588   0.163   8.722   1.00 10.48  ? 6   MET A O   1 
ATOM   49   C  CB  . MET A 1 6   ? 0.444   3.342   9.053   1.00 12.18  ? 6   MET A CB  1 
ATOM   50   C  CG  . MET A 1 6   ? -0.824  2.646   8.582   1.00 10.50  ? 6   MET A CG  1 
ATOM   51   S  SD  . MET A 1 6   ? -1.841  3.674   7.460   1.00 14.44  ? 6   MET A SD  1 
ATOM   52   C  CE  . MET A 1 6   ? -3.538  3.316   7.951   1.00 22.03  ? 6   MET A CE  1 
ATOM   53   N  N   . LEU A 1 7   ? 2.452   1.775   7.541   1.00 12.22  ? 7   LEU A N   1 
ATOM   54   C  CA  . LEU A 1 7   ? 2.791   0.774   6.555   1.00 13.74  ? 7   LEU A CA  1 
ATOM   55   C  C   . LEU A 1 7   ? 3.869   -0.202  7.026   1.00 18.84  ? 7   LEU A C   1 
ATOM   56   O  O   . LEU A 1 7   ? 3.905   -1.351  6.601   1.00 10.04  ? 7   LEU A O   1 
ATOM   57   C  CB  . LEU A 1 7   ? 3.355   1.409   5.293   1.00 12.54  ? 7   LEU A CB  1 
ATOM   58   C  CG  . LEU A 1 7   ? 2.218   1.920   4.379   1.00 19.70  ? 7   LEU A CG  1 
ATOM   59   C  CD1 . LEU A 1 7   ? 2.759   2.949   3.396   1.00 17.33  ? 7   LEU A CD1 1 
ATOM   60   C  CD2 . LEU A 1 7   ? 1.508   0.770   3.710   1.00 12.99  ? 7   LEU A CD2 1 
ATOM   61   N  N   . ARG A 1 8   ? 4.801   0.264   7.846   1.00 12.73  ? 8   ARG A N   1 
ATOM   62   C  CA  . ARG A 1 8   ? 5.807   -0.681  8.281   1.00 12.83  ? 8   ARG A CA  1 
ATOM   63   C  C   . ARG A 1 8   ? 5.125   -1.746  9.099   1.00 18.97  ? 8   ARG A C   1 
ATOM   64   O  O   . ARG A 1 8   ? 5.565   -2.880  9.126   1.00 19.73  ? 8   ARG A O   1 
ATOM   65   C  CB  . ARG A 1 8   ? 6.822   -0.045  9.199   1.00 16.96  ? 8   ARG A CB  1 
ATOM   66   C  CG  . ARG A 1 8   ? 7.647   -1.025  10.001  1.00 25.55  ? 8   ARG A CG  1 
ATOM   67   C  CD  . ARG A 1 8   ? 8.963   -1.307  9.289   1.00 31.58  ? 8   ARG A CD  1 
ATOM   68   N  NE  . ARG A 1 8   ? 9.947   -2.081  10.060  1.00 49.85  ? 8   ARG A NE  1 
ATOM   69   C  CZ  . ARG A 1 8   ? 9.665   -3.277  10.620  1.00 100.00 ? 8   ARG A CZ  1 
ATOM   70   N  NH1 . ARG A 1 8   ? 8.449   -3.868  10.540  1.00 40.09  ? 8   ARG A NH1 1 
ATOM   71   N  NH2 . ARG A 1 8   ? 10.632  -3.902  11.302  1.00 100.00 ? 8   ARG A NH2 1 
ATOM   72   N  N   . ILE A 1 9   ? 4.017   -1.388  9.749   1.00 19.92  ? 9   ILE A N   1 
ATOM   73   C  CA  . ILE A 1 9   ? 3.255   -2.375  10.483  1.00 13.97  ? 9   ILE A CA  1 
ATOM   74   C  C   . ILE A 1 9   ? 2.536   -3.330  9.513   1.00 20.40  ? 9   ILE A C   1 
ATOM   75   O  O   . ILE A 1 9   ? 2.562   -4.516  9.713   1.00 14.77  ? 9   ILE A O   1 
ATOM   76   C  CB  . ILE A 1 9   ? 2.230   -1.726  11.428  1.00 14.83  ? 9   ILE A CB  1 
ATOM   77   C  CG1 . ILE A 1 9   ? 2.804   -1.269  12.779  1.00 11.05  ? 9   ILE A CG1 1 
ATOM   78   C  CG2 . ILE A 1 9   ? 1.169   -2.687  11.968  1.00 12.93  ? 9   ILE A CG2 1 
ATOM   79   C  CD1 . ILE A 1 9   ? 1.883   -0.264  13.476  1.00 23.63  ? 9   ILE A CD1 1 
ATOM   80   N  N   . ASP A 1 10  ? 1.887   -2.831  8.459   1.00 13.62  ? 10  ASP A N   1 
ATOM   81   C  CA  . ASP A 1 10  ? 1.139   -3.674  7.564   1.00 10.71  ? 10  ASP A CA  1 
ATOM   82   C  C   . ASP A 1 10  ? 2.012   -4.529  6.661   1.00 19.03  ? 10  ASP A C   1 
ATOM   83   O  O   . ASP A 1 10  ? 1.631   -5.636  6.321   1.00 15.95  ? 10  ASP A O   1 
ATOM   84   C  CB  . ASP A 1 10  ? 0.099   -2.941  6.697   1.00 7.12   ? 10  ASP A CB  1 
ATOM   85   C  CG  . ASP A 1 10  ? -1.040  -2.461  7.532   1.00 19.58  ? 10  ASP A CG  1 
ATOM   86   O  OD1 . ASP A 1 10  ? -1.473  -3.114  8.488   1.00 13.16  ? 10  ASP A OD1 1 
ATOM   87   O  OD2 . ASP A 1 10  ? -1.416  -1.247  7.213   1.00 12.04  ? 10  ASP A OD2 1 
ATOM   88   N  N   . GLU A 1 11  ? 3.204   -4.070  6.306   1.00 9.94   ? 11  GLU A N   1 
ATOM   89   C  CA  . GLU A 1 11  ? 3.989   -4.862  5.374   1.00 13.17  ? 11  GLU A CA  1 
ATOM   90   C  C   . GLU A 1 11  ? 5.135   -5.655  5.975   1.00 17.48  ? 11  GLU A C   1 
ATOM   91   O  O   . GLU A 1 11  ? 5.774   -6.489  5.343   1.00 22.26  ? 11  GLU A O   1 
ATOM   92   C  CB  . GLU A 1 11  ? 4.671   -3.876  4.445   1.00 12.18  ? 11  GLU A CB  1 
ATOM   93   C  CG  . GLU A 1 11  ? 3.622   -3.079  3.669   1.00 11.62  ? 11  GLU A CG  1 
ATOM   94   C  CD  . GLU A 1 11  ? 2.958   -3.944  2.635   1.00 22.33  ? 11  GLU A CD  1 
ATOM   95   O  OE1 . GLU A 1 11  ? 3.345   -5.049  2.325   1.00 19.29  ? 11  GLU A OE1 1 
ATOM   96   O  OE2 . GLU A 1 11  ? 1.905   -3.431  2.110   1.00 14.84  ? 11  GLU A OE2 1 
ATOM   97   N  N   . GLY A 1 12  ? 5.519   -5.290  7.182   1.00 16.64  ? 12  GLY A N   1 
ATOM   98   C  CA  . GLY A 1 12  ? 6.692   -5.913  7.813   1.00 15.28  ? 12  GLY A CA  1 
ATOM   99   C  C   . GLY A 1 12  ? 7.997   -5.512  7.123   1.00 29.51  ? 12  GLY A C   1 
ATOM   100  O  O   . GLY A 1 12  ? 8.006   -4.672  6.229   1.00 17.39  ? 12  GLY A O   1 
ATOM   101  N  N   . LEU A 1 13  ? 9.115   -6.102  7.556   1.00 17.90  ? 13  LEU A N   1 
ATOM   102  C  CA  . LEU A 1 13  ? 10.380  -5.811  6.899   1.00 26.26  ? 13  LEU A CA  1 
ATOM   103  C  C   . LEU A 1 13  ? 11.190  -7.070  6.689   1.00 25.10  ? 13  LEU A C   1 
ATOM   104  O  O   . LEU A 1 13  ? 11.414  -7.799  7.621   1.00 16.46  ? 13  LEU A O   1 
ATOM   105  C  CB  . LEU A 1 13  ? 11.247  -4.813  7.667   1.00 23.64  ? 13  LEU A CB  1 
ATOM   106  C  CG  . LEU A 1 13  ? 12.747  -4.829  7.307   1.00 31.23  ? 13  LEU A CG  1 
ATOM   107  C  CD1 . LEU A 1 13  ? 13.058  -4.038  6.060   1.00 19.94  ? 13  LEU A CD1 1 
ATOM   108  C  CD2 . LEU A 1 13  ? 13.518  -3.982  8.308   1.00 26.21  ? 13  LEU A CD2 1 
ATOM   109  N  N   . ARG A 1 14  ? 11.615  -7.363  5.478   1.00 19.02  ? 14  ARG A N   1 
ATOM   110  C  CA  . ARG A 1 14  ? 12.446  -8.546  5.226   1.00 16.94  ? 14  ARG A CA  1 
ATOM   111  C  C   . ARG A 1 14  ? 13.554  -8.148  4.295   1.00 20.43  ? 14  ARG A C   1 
ATOM   112  O  O   . ARG A 1 14  ? 13.300  -7.429  3.316   1.00 16.98  ? 14  ARG A O   1 
ATOM   113  C  CB  . ARG A 1 14  ? 11.709  -9.629  4.504   1.00 12.30  ? 14  ARG A CB  1 
ATOM   114  C  CG  . ARG A 1 14  ? 10.426  -9.875  5.220   1.00 31.42  ? 14  ARG A CG  1 
ATOM   115  C  CD  . ARG A 1 14  ? 10.196  -11.363 5.371   1.00 30.54  ? 14  ARG A CD  1 
ATOM   116  N  NE  . ARG A 1 14  ? 8.755   -11.574 5.244   1.00 100.00 ? 14  ARG A NE  1 
ATOM   117  C  CZ  . ARG A 1 14  ? 8.172   -12.679 4.762   1.00 100.00 ? 14  ARG A CZ  1 
ATOM   118  N  NH1 . ARG A 1 14  ? 8.912   -13.746 4.350   1.00 53.34  ? 14  ARG A NH1 1 
ATOM   119  N  NH2 . ARG A 1 14  ? 6.814   -12.693 4.712   1.00 92.05  ? 14  ARG A NH2 1 
ATOM   120  N  N   . LEU A 1 15  ? 14.763  -8.544  4.646   1.00 18.31  ? 15  LEU A N   1 
ATOM   121  C  CA  . LEU A 1 15  ? 15.946  -8.194  3.870   1.00 17.97  ? 15  LEU A CA  1 
ATOM   122  C  C   . LEU A 1 15  ? 16.398  -9.188  2.798   1.00 18.26  ? 15  LEU A C   1 
ATOM   123  O  O   . LEU A 1 15  ? 17.385  -8.902  2.084   1.00 29.53  ? 15  LEU A O   1 
ATOM   124  C  CB  . LEU A 1 15  ? 17.121  -8.011  4.800   1.00 14.03  ? 15  LEU A CB  1 
ATOM   125  C  CG  . LEU A 1 15  ? 16.796  -6.982  5.879   1.00 23.01  ? 15  LEU A CG  1 
ATOM   126  C  CD1 . LEU A 1 15  ? 18.030  -6.658  6.712   1.00 29.39  ? 15  LEU A CD1 1 
ATOM   127  C  CD2 . LEU A 1 15  ? 16.471  -5.608  5.276   1.00 24.18  ? 15  LEU A CD2 1 
ATOM   128  N  N   . LYS A 1 16  ? 15.674  -10.333 2.695   1.00 12.89  ? 16  LYS A N   1 
ATOM   129  C  CA  . LYS A 1 16  ? 15.939  -11.411 1.712   1.00 21.57  ? 16  LYS A CA  1 
ATOM   130  C  C   . LYS A 1 16  ? 14.729  -11.514 0.815   1.00 21.74  ? 16  LYS A C   1 
ATOM   131  O  O   . LYS A 1 16  ? 13.642  -11.295 1.331   1.00 21.81  ? 16  LYS A O   1 
ATOM   132  C  CB  . LYS A 1 16  ? 16.053  -12.851 2.298   1.00 27.10  ? 16  LYS A CB  1 
ATOM   133  C  CG  . LYS A 1 16  ? 16.828  -13.916 1.506   1.00 100.00 ? 16  LYS A CG  1 
ATOM   134  C  CD  . LYS A 1 16  ? 16.824  -13.782 -0.028  1.00 100.00 ? 16  LYS A CD  1 
ATOM   135  C  CE  . LYS A 1 16  ? 16.589  -15.080 -0.830  1.00 100.00 ? 16  LYS A CE  1 
ATOM   136  N  NZ  . LYS A 1 16  ? 17.197  -15.077 -2.188  1.00 79.65  ? 16  LYS A NZ  1 
ATOM   137  N  N   . ILE A 1 17  ? 14.917  -11.798 -0.497  1.00 20.13  ? 17  ILE A N   1 
ATOM   138  C  CA  . ILE A 1 17  ? 13.761  -11.864 -1.417  1.00 11.09  ? 17  ILE A CA  1 
ATOM   139  C  C   . ILE A 1 17  ? 12.692  -12.748 -0.805  1.00 26.50  ? 17  ILE A C   1 
ATOM   140  O  O   . ILE A 1 17  ? 13.036  -13.776 -0.225  1.00 22.23  ? 17  ILE A O   1 
ATOM   141  C  CB  . ILE A 1 17  ? 14.093  -12.412 -2.808  1.00 12.87  ? 17  ILE A CB  1 
ATOM   142  C  CG1 . ILE A 1 17  ? 14.905  -11.324 -3.465  1.00 18.62  ? 17  ILE A CG1 1 
ATOM   143  C  CG2 . ILE A 1 17  ? 12.842  -12.702 -3.678  1.00 13.51  ? 17  ILE A CG2 1 
ATOM   144  C  CD1 . ILE A 1 17  ? 15.182  -11.586 -4.934  1.00 18.67  ? 17  ILE A CD1 1 
ATOM   145  N  N   . TYR A 1 18  ? 11.429  -12.327 -0.939  1.00 12.78  ? 18  TYR A N   1 
ATOM   146  C  CA  . TYR A 1 18  ? 10.383  -13.172 -0.410  1.00 10.00  ? 18  TYR A CA  1 
ATOM   147  C  C   . TYR A 1 18  ? 9.203   -13.112 -1.335  1.00 20.96  ? 18  TYR A C   1 
ATOM   148  O  O   . TYR A 1 18  ? 9.193   -12.223 -2.199  1.00 22.12  ? 18  TYR A O   1 
ATOM   149  C  CB  . TYR A 1 18  ? 10.061  -12.794 1.047   1.00 16.96  ? 18  TYR A CB  1 
ATOM   150  C  CG  . TYR A 1 18  ? 9.382   -11.438 1.233   1.00 25.18  ? 18  TYR A CG  1 
ATOM   151  C  CD1 . TYR A 1 18  ? 7.986   -11.312 1.237   1.00 24.58  ? 18  TYR A CD1 1 
ATOM   152  C  CD2 . TYR A 1 18  ? 10.163  -10.308 1.487   1.00 16.52  ? 18  TYR A CD2 1 
ATOM   153  C  CE1 . TYR A 1 18  ? 7.348   -10.088 1.491   1.00 15.12  ? 18  TYR A CE1 1 
ATOM   154  C  CE2 . TYR A 1 18  ? 9.550   -9.079  1.714   1.00 23.46  ? 18  TYR A CE2 1 
ATOM   155  C  CZ  . TYR A 1 18  ? 8.155   -8.969  1.679   1.00 28.02  ? 18  TYR A CZ  1 
ATOM   156  O  OH  . TYR A 1 18  ? 7.596   -7.750  1.951   1.00 35.06  ? 18  TYR A OH  1 
ATOM   157  N  N   . LYS A 1 19  ? 8.249   -14.058 -1.139  1.00 9.98   ? 19  LYS A N   1 
ATOM   158  C  CA  . LYS A 1 19  ? 7.029   -14.078 -1.929  1.00 17.08  ? 19  LYS A CA  1 
ATOM   159  C  C   . LYS A 1 19  ? 5.909   -13.414 -1.084  1.00 33.13  ? 19  LYS A C   1 
ATOM   160  O  O   . LYS A 1 19  ? 5.777   -13.650 0.122   1.00 21.20  ? 19  LYS A O   1 
ATOM   161  C  CB  . LYS A 1 19  ? 6.573   -15.411 -2.484  1.00 17.21  ? 19  LYS A CB  1 
ATOM   162  C  CG  . LYS A 1 19  ? 7.484   -16.127 -3.447  1.00 21.04  ? 19  LYS A CG  1 
ATOM   163  C  CD  . LYS A 1 19  ? 6.694   -17.005 -4.413  1.00 43.56  ? 19  LYS A CD  1 
ATOM   164  C  CE  . LYS A 1 19  ? 7.403   -18.263 -4.887  1.00 33.90  ? 19  LYS A CE  1 
ATOM   165  N  NZ  . LYS A 1 19  ? 6.588   -19.087 -5.794  1.00 59.46  ? 19  LYS A NZ  1 
ATOM   166  N  N   . ASP A 1 20  ? 5.117   -12.529 -1.689  1.00 16.59  ? 20  ASP A N   1 
ATOM   167  C  CA  . ASP A 1 20  ? 4.100   -11.819 -0.951  1.00 14.42  ? 20  ASP A CA  1 
ATOM   168  C  C   . ASP A 1 20  ? 2.878   -12.660 -0.832  1.00 21.35  ? 20  ASP A C   1 
ATOM   169  O  O   . ASP A 1 20  ? 2.877   -13.808 -1.287  1.00 21.20  ? 20  ASP A O   1 
ATOM   170  C  CB  . ASP A 1 20  ? 3.896   -10.440 -1.553  1.00 8.34   ? 20  ASP A CB  1 
ATOM   171  C  CG  . ASP A 1 20  ? 3.184   -10.552 -2.871  1.00 18.55  ? 20  ASP A CG  1 
ATOM   172  O  OD1 . ASP A 1 20  ? 2.849   -11.583 -3.378  1.00 23.45  ? 20  ASP A OD1 1 
ATOM   173  O  OD2 . ASP A 1 20  ? 2.908   -9.413  -3.394  1.00 23.24  ? 20  ASP A OD2 1 
ATOM   174  N  N   . THR A 1 21  ? 1.812   -12.087 -0.291  1.00 18.95  ? 21  THR A N   1 
ATOM   175  C  CA  . THR A 1 21  ? 0.647   -12.961 -0.143  1.00 23.35  ? 21  THR A CA  1 
ATOM   176  C  C   . THR A 1 21  ? 0.047   -13.407 -1.447  1.00 29.67  ? 21  THR A C   1 
ATOM   177  O  O   . THR A 1 21  ? -0.747  -14.346 -1.419  1.00 26.20  ? 21  THR A O   1 
ATOM   178  C  CB  . THR A 1 21  ? -0.518  -12.398 0.646   1.00 32.88  ? 21  THR A CB  1 
ATOM   179  O  OG1 . THR A 1 21  ? -0.816  -11.163 0.021   1.00 32.32  ? 21  THR A OG1 1 
ATOM   180  C  CG2 . THR A 1 21  ? -0.023  -12.161 2.065   1.00 78.71  ? 21  THR A CG2 1 
ATOM   181  N  N   . GLU A 1 22  ? 0.397   -12.727 -2.557  1.00 21.87  ? 22  GLU A N   1 
ATOM   182  C  CA  . GLU A 1 22  ? -0.101  -13.134 -3.895  1.00 12.02  ? 22  GLU A CA  1 
ATOM   183  C  C   . GLU A 1 22  ? 0.864   -14.090 -4.597  1.00 16.82  ? 22  GLU A C   1 
ATOM   184  O  O   . GLU A 1 22  ? 0.571   -14.549 -5.687  1.00 22.66  ? 22  GLU A O   1 
ATOM   185  C  CB  . GLU A 1 22  ? -0.409  -11.991 -4.875  1.00 15.27  ? 22  GLU A CB  1 
ATOM   186  C  CG  . GLU A 1 22  ? -1.457  -11.008 -4.288  1.00 27.62  ? 22  GLU A CG  1 
ATOM   187  C  CD  . GLU A 1 22  ? -2.838  -11.441 -4.691  1.00 36.25  ? 22  GLU A CD  1 
ATOM   188  O  OE1 . GLU A 1 22  ? -3.220  -11.393 -5.852  1.00 80.09  ? 22  GLU A OE1 1 
ATOM   189  O  OE2 . GLU A 1 22  ? -3.517  -11.964 -3.708  1.00 97.78  ? 22  GLU A OE2 1 
ATOM   190  N  N   . GLY A 1 23  ? 2.007   -14.364 -3.929  1.00 13.73  ? 23  GLY A N   1 
ATOM   191  C  CA  . GLY A 1 23  ? 3.098   -15.215 -4.396  1.00 13.05  ? 23  GLY A CA  1 
ATOM   192  C  C   . GLY A 1 23  ? 4.138   -14.496 -5.267  1.00 27.00  ? 23  GLY A C   1 
ATOM   193  O  O   . GLY A 1 23  ? 4.865   -15.143 -5.990  1.00 28.57  ? 23  GLY A O   1 
ATOM   194  N  N   . TYR A 1 24  ? 4.219   -13.169 -5.200  1.00 22.45  ? 24  TYR A N   1 
ATOM   195  C  CA  . TYR A 1 24  ? 5.170   -12.451 -6.008  1.00 17.78  ? 24  TYR A CA  1 
ATOM   196  C  C   . TYR A 1 24  ? 6.366   -12.002 -5.256  1.00 19.18  ? 24  TYR A C   1 
ATOM   197  O  O   . TYR A 1 24  ? 6.278   -11.597 -4.095  1.00 14.85  ? 24  TYR A O   1 
ATOM   198  C  CB  . TYR A 1 24  ? 4.630   -11.102 -6.391  1.00 22.13  ? 24  TYR A CB  1 
ATOM   199  C  CG  . TYR A 1 24  ? 3.376   -11.279 -7.215  1.00 30.51  ? 24  TYR A CG  1 
ATOM   200  C  CD1 . TYR A 1 24  ? 2.276   -10.442 -7.039  1.00 18.56  ? 24  TYR A CD1 1 
ATOM   201  C  CD2 . TYR A 1 24  ? 3.320   -12.242 -8.222  1.00 32.94  ? 24  TYR A CD2 1 
ATOM   202  C  CE1 . TYR A 1 24  ? 1.095   -10.598 -7.767  1.00 28.85  ? 24  TYR A CE1 1 
ATOM   203  C  CE2 . TYR A 1 24  ? 2.170   -12.364 -9.002  1.00 48.71  ? 24  TYR A CE2 1 
ATOM   204  C  CZ  . TYR A 1 24  ? 1.051   -11.558 -8.779  1.00 45.45  ? 24  TYR A CZ  1 
ATOM   205  O  OH  . TYR A 1 24  ? -0.077  -11.709 -9.556  1.00 45.96  ? 24  TYR A OH  1 
ATOM   206  N  N   . TYR A 1 25  ? 7.468   -12.016 -5.974  1.00 18.64  ? 25  TYR A N   1 
ATOM   207  C  CA  . TYR A 1 25  ? 8.731   -11.616 -5.403  1.00 14.31  ? 25  TYR A CA  1 
ATOM   208  C  C   . TYR A 1 25  ? 8.760   -10.177 -4.945  1.00 9.87   ? 25  TYR A C   1 
ATOM   209  O  O   . TYR A 1 25  ? 8.610   -9.193  -5.721  1.00 15.60  ? 25  TYR A O   1 
ATOM   210  C  CB  . TYR A 1 25  ? 9.847   -11.851 -6.450  1.00 11.44  ? 25  TYR A CB  1 
ATOM   211  C  CG  . TYR A 1 25  ? 10.042  -13.314 -6.622  1.00 26.49  ? 25  TYR A CG  1 
ATOM   212  C  CD1 . TYR A 1 25  ? 10.091  -13.883 -7.892  1.00 22.33  ? 25  TYR A CD1 1 
ATOM   213  C  CD2 . TYR A 1 25  ? 10.165  -14.148 -5.507  1.00 25.06  ? 25  TYR A CD2 1 
ATOM   214  C  CE1 . TYR A 1 25  ? 10.233  -15.269 -8.037  1.00 21.33  ? 25  TYR A CE1 1 
ATOM   215  C  CE2 . TYR A 1 25  ? 10.342  -15.527 -5.645  1.00 37.27  ? 25  TYR A CE2 1 
ATOM   216  C  CZ  . TYR A 1 25  ? 10.377  -16.097 -6.921  1.00 33.45  ? 25  TYR A CZ  1 
ATOM   217  O  OH  . TYR A 1 25  ? 10.566  -17.457 -7.075  1.00 40.14  ? 25  TYR A OH  1 
ATOM   218  N  N   . THR A 1 26  ? 9.150   -10.075 -3.708  1.00 13.02  ? 26  THR A N   1 
ATOM   219  C  CA  . THR A 1 26  ? 9.178   -8.811  -3.030  1.00 17.71  ? 26  THR A CA  1 
ATOM   220  C  C   . THR A 1 26  ? 10.350  -8.784  -2.086  1.00 12.65  ? 26  THR A C   1 
ATOM   221  O  O   . THR A 1 26  ? 10.945  -9.823  -1.758  1.00 20.39  ? 26  THR A O   1 
ATOM   222  C  CB  . THR A 1 26  ? 7.867   -8.809  -2.135  1.00 22.12  ? 26  THR A CB  1 
ATOM   223  O  OG1 . THR A 1 26  ? 6.712   -9.127  -2.947  1.00 16.02  ? 26  THR A OG1 1 
ATOM   224  C  CG2 . THR A 1 26  ? 7.532   -7.589  -1.258  1.00 7.18   ? 26  THR A CG2 1 
ATOM   225  N  N   . ILE A 1 27  ? 10.622  -7.596  -1.575  1.00 18.74  ? 27  ILE A N   1 
ATOM   226  C  CA  . ILE A 1 27  ? 11.683  -7.465  -0.615  1.00 17.28  ? 27  ILE A CA  1 
ATOM   227  C  C   . ILE A 1 27  ? 11.492  -6.214  0.234   1.00 8.91   ? 27  ILE A C   1 
ATOM   228  O  O   . ILE A 1 27  ? 10.765  -5.298  -0.094  1.00 10.71  ? 27  ILE A O   1 
ATOM   229  C  CB  . ILE A 1 27  ? 13.054  -7.411  -1.319  1.00 25.67  ? 27  ILE A CB  1 
ATOM   230  C  CG1 . ILE A 1 27  ? 14.181  -7.508  -0.307  1.00 17.36  ? 27  ILE A CG1 1 
ATOM   231  C  CG2 . ILE A 1 27  ? 13.188  -6.030  -1.942  1.00 18.69  ? 27  ILE A CG2 1 
ATOM   232  C  CD1 . ILE A 1 27  ? 15.483  -8.108  -0.764  1.00 14.86  ? 27  ILE A CD1 1 
ATOM   233  N  N   . GLY A 1 28  ? 12.188  -6.166  1.337   1.00 8.10   ? 28  GLY A N   1 
ATOM   234  C  CA  . GLY A 1 28  ? 12.130  -4.958  2.112   1.00 12.21  ? 28  GLY A CA  1 
ATOM   235  C  C   . GLY A 1 28  ? 10.815  -4.774  2.831   1.00 23.75  ? 28  GLY A C   1 
ATOM   236  O  O   . GLY A 1 28  ? 10.279  -5.666  3.523   1.00 11.56  ? 28  GLY A O   1 
ATOM   237  N  N   . ILE A 1 29  ? 10.321  -3.562  2.655   1.00 8.28   ? 29  ILE A N   1 
ATOM   238  C  CA  . ILE A 1 29  ? 9.036   -3.149  3.221   1.00 13.08  ? 29  ILE A CA  1 
ATOM   239  C  C   . ILE A 1 29  ? 7.950   -3.145  2.126   1.00 13.06  ? 29  ILE A C   1 
ATOM   240  O  O   . ILE A 1 29  ? 7.461   -2.099  1.610   1.00 19.71  ? 29  ILE A O   1 
ATOM   241  C  CB  . ILE A 1 29  ? 9.132   -1.861  4.056   1.00 15.97  ? 29  ILE A CB  1 
ATOM   242  C  CG1 . ILE A 1 29  ? 10.076  -2.061  5.239   1.00 21.05  ? 29  ILE A CG1 1 
ATOM   243  C  CG2 . ILE A 1 29  ? 7.733   -1.567  4.608   1.00 15.72  ? 29  ILE A CG2 1 
ATOM   244  C  CD1 . ILE A 1 29  ? 10.873  -0.815  5.584   1.00 21.02  ? 29  ILE A CD1 1 
ATOM   245  N  N   . GLY A 1 30  ? 7.589   -4.358  1.760   1.00 12.21  ? 30  GLY A N   1 
ATOM   246  C  CA  . GLY A 1 30  ? 6.555   -4.550  0.744   1.00 7.50   ? 30  GLY A CA  1 
ATOM   247  C  C   . GLY A 1 30  ? 7.004   -4.027  -0.621  1.00 13.37  ? 30  GLY A C   1 
ATOM   248  O  O   . GLY A 1 30  ? 6.187   -3.651  -1.394  1.00 14.78  ? 30  GLY A O   1 
ATOM   249  N  N   . HIS A 1 31  ? 8.270   -4.103  -0.999  1.00 7.06   ? 31  HIS A N   1 
ATOM   250  C  CA  . HIS A 1 31  ? 8.657   -3.594  -2.320  1.00 10.14  ? 31  HIS A CA  1 
ATOM   251  C  C   . HIS A 1 31  ? 8.584   -4.678  -3.398  1.00 6.65   ? 31  HIS A C   1 
ATOM   252  O  O   . HIS A 1 31  ? 9.431   -5.588  -3.440  1.00 21.08  ? 31  HIS A O   1 
ATOM   253  C  CB  . HIS A 1 31  ? 10.112  -3.012  -2.200  1.00 10.57  ? 31  HIS A CB  1 
ATOM   254  C  CG  . HIS A 1 31  ? 10.511  -2.497  -3.557  1.00 10.56  ? 31  HIS A CG  1 
ATOM   255  N  ND1 . HIS A 1 31  ? 10.163  -1.211  -3.991  1.00 14.44  ? 31  HIS A ND1 1 
ATOM   256  C  CD2 . HIS A 1 31  ? 11.164  -3.093  -4.590  1.00 13.17  ? 31  HIS A CD2 1 
ATOM   257  C  CE1 . HIS A 1 31  ? 10.563  -1.016  -5.244  1.00 8.50   ? 31  HIS A CE1 1 
ATOM   258  N  NE2 . HIS A 1 31  ? 11.154  -2.146  -5.650  1.00 13.49  ? 31  HIS A NE2 1 
ATOM   259  N  N   . LEU A 1 32  ? 7.526   -4.599  -4.222  1.00 14.46  ? 32  LEU A N   1 
ATOM   260  C  CA  . LEU A 1 32  ? 7.306   -5.579  -5.233  1.00 17.66  ? 32  LEU A CA  1 
ATOM   261  C  C   . LEU A 1 32  ? 8.424   -5.561  -6.242  1.00 18.71  ? 32  LEU A C   1 
ATOM   262  O  O   . LEU A 1 32  ? 8.828   -4.521  -6.749  1.00 14.34  ? 32  LEU A O   1 
ATOM   263  C  CB  . LEU A 1 32  ? 5.971   -5.355  -5.928  1.00 21.88  ? 32  LEU A CB  1 
ATOM   264  C  CG  . LEU A 1 32  ? 5.856   -6.333  -7.106  1.00 37.95  ? 32  LEU A CG  1 
ATOM   265  C  CD1 . LEU A 1 32  ? 5.724   -7.770  -6.583  1.00 27.71  ? 32  LEU A CD1 1 
ATOM   266  C  CD2 . LEU A 1 32  ? 4.761   -5.903  -8.087  1.00 25.96  ? 32  LEU A CD2 1 
ATOM   267  N  N   . LEU A 1 33  ? 8.986   -6.703  -6.505  1.00 9.91   ? 33  LEU A N   1 
ATOM   268  C  CA  . LEU A 1 33  ? 10.079  -6.622  -7.446  1.00 13.69  ? 33  LEU A CA  1 
ATOM   269  C  C   . LEU A 1 33  ? 9.629   -6.992  -8.843  1.00 28.80  ? 33  LEU A C   1 
ATOM   270  O  O   . LEU A 1 33  ? 9.973   -6.355  -9.854  1.00 16.18  ? 33  LEU A O   1 
ATOM   271  C  CB  . LEU A 1 33  ? 11.090  -7.702  -7.048  1.00 16.97  ? 33  LEU A CB  1 
ATOM   272  C  CG  . LEU A 1 33  ? 11.893  -7.219  -5.873  1.00 22.65  ? 33  LEU A CG  1 
ATOM   273  C  CD1 . LEU A 1 33  ? 12.791  -8.331  -5.344  1.00 14.75  ? 33  LEU A CD1 1 
ATOM   274  C  CD2 . LEU A 1 33  ? 12.834  -6.144  -6.407  1.00 10.64  ? 33  LEU A CD2 1 
ATOM   275  N  N   . THR A 1 34  ? 8.852   -8.078  -8.903  1.00 18.60  ? 34  THR A N   1 
ATOM   276  C  CA  . THR A 1 34  ? 8.370   -8.538  -10.185 1.00 20.46  ? 34  THR A CA  1 
ATOM   277  C  C   . THR A 1 34  ? 7.236   -9.511  -10.029 1.00 30.22  ? 34  THR A C   1 
ATOM   278  O  O   . THR A 1 34  ? 7.167   -10.198 -9.015  1.00 27.77  ? 34  THR A O   1 
ATOM   279  C  CB  . THR A 1 34  ? 9.429   -9.376  -10.977 1.00 35.75  ? 34  THR A CB  1 
ATOM   280  O  OG1 . THR A 1 34  ? 8.867   -9.712  -12.257 1.00 28.77  ? 34  THR A OG1 1 
ATOM   281  C  CG2 . THR A 1 34  ? 10.089  -10.620 -10.335 1.00 24.28  ? 34  THR A CG2 1 
ATOM   282  N  N   . LYS A 1 35  ? 6.383   -9.562  -11.051 1.00 22.76  ? 35  LYS A N   1 
ATOM   283  C  CA  . LYS A 1 35  ? 5.267   -10.492 -11.024 1.00 31.88  ? 35  LYS A CA  1 
ATOM   284  C  C   . LYS A 1 35  ? 5.642   -11.841 -11.621 1.00 33.56  ? 35  LYS A C   1 
ATOM   285  O  O   . LYS A 1 35  ? 5.003   -12.882 -11.453 1.00 33.36  ? 35  LYS A O   1 
ATOM   286  C  CB  . LYS A 1 35  ? 3.999   -9.947  -11.654 1.00 31.13  ? 35  LYS A CB  1 
ATOM   287  C  CG  . LYS A 1 35  ? 3.320   -8.818  -10.861 1.00 36.18  ? 35  LYS A CG  1 
ATOM   288  C  CD  . LYS A 1 35  ? 1.850   -8.522  -11.191 1.00 26.72  ? 35  LYS A CD  1 
ATOM   289  C  CE  . LYS A 1 35  ? 1.504   -7.081  -11.583 1.00 100.00 ? 35  LYS A CE  1 
ATOM   290  N  NZ  . LYS A 1 35  ? 0.331   -6.932  -12.484 1.00 100.00 ? 35  LYS A NZ  1 
ATOM   291  N  N   . SER A 1 36  ? 6.723   -11.833 -12.330 1.00 23.72  ? 36  SER A N   1 
ATOM   292  C  CA  . SER A 1 36  ? 7.175   -13.078 -12.907 1.00 27.52  ? 36  SER A CA  1 
ATOM   293  C  C   . SER A 1 36  ? 7.596   -14.053 -11.818 1.00 35.19  ? 36  SER A C   1 
ATOM   294  O  O   . SER A 1 36  ? 8.092   -13.658 -10.744 1.00 28.07  ? 36  SER A O   1 
ATOM   295  C  CB  . SER A 1 36  ? 8.305   -12.775 -13.903 1.00 38.12  ? 36  SER A CB  1 
ATOM   296  O  OG  . SER A 1 36  ? 9.219   -13.840 -14.086 1.00 44.01  ? 36  SER A OG  1 
ATOM   297  N  N   . PRO A 1 37  ? 7.463   -15.341 -12.162 1.00 45.04  ? 37  PRO A N   1 
ATOM   298  C  CA  . PRO A 1 37  ? 7.817   -16.470 -11.321 1.00 35.91  ? 37  PRO A CA  1 
ATOM   299  C  C   . PRO A 1 37  ? 9.286   -16.883 -11.350 1.00 35.71  ? 37  PRO A C   1 
ATOM   300  O  O   . PRO A 1 37  ? 9.650   -17.809 -10.620 1.00 47.00  ? 37  PRO A O   1 
ATOM   301  C  CB  . PRO A 1 37  ? 6.982   -17.612 -11.824 1.00 32.07  ? 37  PRO A CB  1 
ATOM   302  C  CG  . PRO A 1 37  ? 6.715   -17.292 -13.272 1.00 33.99  ? 37  PRO A CG  1 
ATOM   303  C  CD  . PRO A 1 37  ? 6.878   -15.804 -13.437 1.00 36.50  ? 37  PRO A CD  1 
ATOM   304  N  N   . SER A 1 38  ? 10.134  -16.184 -12.149 1.00 46.40  ? 38  SER A N   1 
ATOM   305  C  CA  . SER A 1 38  ? 11.577  -16.471 -12.252 1.00 37.63  ? 38  SER A CA  1 
ATOM   306  C  C   . SER A 1 38  ? 12.341  -15.720 -11.153 1.00 24.68  ? 38  SER A C   1 
ATOM   307  O  O   . SER A 1 38  ? 12.396  -14.476 -11.130 1.00 26.65  ? 38  SER A O   1 
ATOM   308  C  CB  . SER A 1 38  ? 12.211  -16.307 -13.676 1.00 39.10  ? 38  SER A CB  1 
ATOM   309  O  OG  . SER A 1 38  ? 13.616  -16.716 -13.689 1.00 34.08  ? 38  SER A OG  1 
ATOM   310  N  N   . LEU A 1 39  ? 12.957  -16.477 -10.248 1.00 24.45  ? 39  LEU A N   1 
ATOM   311  C  CA  . LEU A 1 39  ? 13.716  -15.861 -9.200  1.00 29.38  ? 39  LEU A CA  1 
ATOM   312  C  C   . LEU A 1 39  ? 14.825  -14.989 -9.774  1.00 37.27  ? 39  LEU A C   1 
ATOM   313  O  O   . LEU A 1 39  ? 15.330  -14.015 -9.172  1.00 26.40  ? 39  LEU A O   1 
ATOM   314  C  CB  . LEU A 1 39  ? 14.212  -16.908 -8.176  1.00 20.03  ? 39  LEU A CB  1 
ATOM   315  C  CG  . LEU A 1 39  ? 15.087  -16.235 -7.124  1.00 35.51  ? 39  LEU A CG  1 
ATOM   316  C  CD1 . LEU A 1 39  ? 14.258  -15.323 -6.207  1.00 24.55  ? 39  LEU A CD1 1 
ATOM   317  C  CD2 . LEU A 1 39  ? 15.712  -17.206 -6.140  1.00 27.22  ? 39  LEU A CD2 1 
ATOM   318  N  N   . ASN A 1 40  ? 15.224  -15.390 -10.967 1.00 28.21  ? 40  ASN A N   1 
ATOM   319  C  CA  . ASN A 1 40  ? 16.316  -14.704 -11.604 1.00 26.50  ? 40  ASN A CA  1 
ATOM   320  C  C   . ASN A 1 40  ? 15.883  -13.332 -12.082 1.00 25.30  ? 40  ASN A C   1 
ATOM   321  O  O   . ASN A 1 40  ? 16.638  -12.404 -11.996 1.00 26.45  ? 40  ASN A O   1 
ATOM   322  C  CB  . ASN A 1 40  ? 17.236  -15.721 -12.326 1.00 49.90  ? 40  ASN A CB  1 
ATOM   323  C  CG  . ASN A 1 40  ? 18.010  -16.621 -11.354 1.00 62.46  ? 40  ASN A CG  1 
ATOM   324  O  OD1 . ASN A 1 40  ? 19.132  -16.297 -10.927 1.00 93.66  ? 40  ASN A OD1 1 
ATOM   325  N  ND2 . ASN A 1 40  ? 17.402  -17.739 -10.952 1.00 100.00 ? 40  ASN A ND2 1 
ATOM   326  N  N   . ALA A 1 41  ? 14.692  -13.197 -12.623 1.00 22.96  ? 41  ALA A N   1 
ATOM   327  C  CA  . ALA A 1 41  ? 14.204  -11.905 -13.033 1.00 23.58  ? 41  ALA A CA  1 
ATOM   328  C  C   . ALA A 1 41  ? 14.106  -11.034 -11.779 1.00 38.82  ? 41  ALA A C   1 
ATOM   329  O  O   . ALA A 1 41  ? 14.388  -9.833  -11.767 1.00 26.87  ? 41  ALA A O   1 
ATOM   330  C  CB  . ALA A 1 41  ? 12.781  -12.001 -13.623 1.00 17.92  ? 41  ALA A CB  1 
ATOM   331  N  N   . ALA A 1 42  ? 13.683  -11.679 -10.700 1.00 25.34  ? 42  ALA A N   1 
ATOM   332  C  CA  . ALA A 1 42  ? 13.532  -10.971 -9.458  1.00 22.15  ? 42  ALA A CA  1 
ATOM   333  C  C   . ALA A 1 42  ? 14.860  -10.400 -8.973  1.00 16.67  ? 42  ALA A C   1 
ATOM   334  O  O   . ALA A 1 42  ? 15.017  -9.231  -8.521  1.00 15.01  ? 42  ALA A O   1 
ATOM   335  C  CB  . ALA A 1 42  ? 12.749  -11.840 -8.492  1.00 19.92  ? 42  ALA A CB  1 
ATOM   336  N  N   . LYS A 1 43  ? 15.878  -11.201 -9.058  1.00 16.88  ? 43  LYS A N   1 
ATOM   337  C  CA  . LYS A 1 43  ? 17.173  -10.722 -8.597  1.00 15.41  ? 43  LYS A CA  1 
ATOM   338  C  C   . LYS A 1 43  ? 17.773  -9.647  -9.476  1.00 21.25  ? 43  LYS A C   1 
ATOM   339  O  O   . LYS A 1 43  ? 18.481  -8.754  -9.007  1.00 19.84  ? 43  LYS A O   1 
ATOM   340  C  CB  . LYS A 1 43  ? 18.196  -11.816 -8.702  1.00 23.05  ? 43  LYS A CB  1 
ATOM   341  C  CG  . LYS A 1 43  ? 18.155  -12.616 -7.437  1.00 18.00  ? 43  LYS A CG  1 
ATOM   342  C  CD  . LYS A 1 43  ? 18.424  -14.091 -7.656  1.00 41.09  ? 43  LYS A CD  1 
ATOM   343  C  CE  . LYS A 1 43  ? 19.362  -14.637 -6.582  1.00 49.61  ? 43  LYS A CE  1 
ATOM   344  N  NZ  . LYS A 1 43  ? 20.672  -15.044 -7.133  1.00 100.00 ? 43  LYS A NZ  1 
ATOM   345  N  N   . SER A 1 44  ? 17.468  -9.753  -10.758 1.00 14.81  ? 44  SER A N   1 
ATOM   346  C  CA  . SER A 1 44  ? 17.931  -8.749  -11.719 1.00 28.34  ? 44  SER A CA  1 
ATOM   347  C  C   . SER A 1 44  ? 17.254  -7.406  -11.373 1.00 20.19  ? 44  SER A C   1 
ATOM   348  O  O   . SER A 1 44  ? 17.840  -6.328  -11.294 1.00 17.49  ? 44  SER A O   1 
ATOM   349  C  CB  . SER A 1 44  ? 17.771  -9.235  -13.175 1.00 18.15  ? 44  SER A CB  1 
ATOM   350  O  OG  . SER A 1 44  ? 17.459  -8.142  -14.030 1.00 73.14  ? 44  SER A OG  1 
ATOM   351  N  N   . GLU A 1 45  ? 15.961  -7.496  -11.159 1.00 15.16  ? 45  GLU A N   1 
ATOM   352  C  CA  . GLU A 1 45  ? 15.160  -6.338  -10.787 1.00 15.57  ? 45  GLU A CA  1 
ATOM   353  C  C   . GLU A 1 45  ? 15.700  -5.706  -9.509  1.00 16.41  ? 45  GLU A C   1 
ATOM   354  O  O   . GLU A 1 45  ? 15.839  -4.479  -9.425  1.00 17.13  ? 45  GLU A O   1 
ATOM   355  C  CB  . GLU A 1 45  ? 13.701  -6.731  -10.574 1.00 13.78  ? 45  GLU A CB  1 
ATOM   356  C  CG  . GLU A 1 45  ? 12.889  -6.829  -11.874 1.00 18.09  ? 45  GLU A CG  1 
ATOM   357  C  CD  . GLU A 1 45  ? 12.960  -5.569  -12.733 1.00 29.12  ? 45  GLU A CD  1 
ATOM   358  O  OE1 . GLU A 1 45  ? 12.665  -4.444  -12.353 1.00 22.48  ? 45  GLU A OE1 1 
ATOM   359  O  OE2 . GLU A 1 45  ? 13.192  -5.799  -13.999 1.00 23.98  ? 45  GLU A OE2 1 
ATOM   360  N  N   . LEU A 1 46  ? 16.015  -6.554  -8.516  1.00 8.55   ? 46  LEU A N   1 
ATOM   361  C  CA  . LEU A 1 46  ? 16.590  -6.049  -7.276  1.00 10.64  ? 46  LEU A CA  1 
ATOM   362  C  C   . LEU A 1 46  ? 17.925  -5.291  -7.482  1.00 14.29  ? 46  LEU A C   1 
ATOM   363  O  O   . LEU A 1 46  ? 18.198  -4.200  -6.984  1.00 15.99  ? 46  LEU A O   1 
ATOM   364  C  CB  . LEU A 1 46  ? 16.874  -7.212  -6.323  1.00 10.48  ? 46  LEU A CB  1 
ATOM   365  C  CG  . LEU A 1 46  ? 17.575  -6.716  -5.068  1.00 12.70  ? 46  LEU A CG  1 
ATOM   366  C  CD1 . LEU A 1 46  ? 16.576  -5.786  -4.379  1.00 15.67  ? 46  LEU A CD1 1 
ATOM   367  C  CD2 . LEU A 1 46  ? 17.667  -7.859  -4.052  1.00 16.59  ? 46  LEU A CD2 1 
ATOM   368  N  N   . ASP A 1 47  ? 18.807  -5.900  -8.277  1.00 16.74  ? 47  ASP A N   1 
ATOM   369  C  CA  . ASP A 1 47  ? 20.087  -5.295  -8.541  1.00 22.94  ? 47  ASP A CA  1 
ATOM   370  C  C   . ASP A 1 47  ? 19.959  -3.967  -9.194  1.00 17.98  ? 47  ASP A C   1 
ATOM   371  O  O   . ASP A 1 47  ? 20.690  -3.030  -8.819  1.00 20.05  ? 47  ASP A O   1 
ATOM   372  C  CB  . ASP A 1 47  ? 20.986  -6.228  -9.336  1.00 24.58  ? 47  ASP A CB  1 
ATOM   373  C  CG  . ASP A 1 47  ? 21.464  -7.283  -8.372  1.00 36.25  ? 47  ASP A CG  1 
ATOM   374  O  OD1 . ASP A 1 47  ? 21.327  -7.336  -7.154  1.00 32.99  ? 47  ASP A OD1 1 
ATOM   375  O  OD2 . ASP A 1 47  ? 21.995  -8.200  -9.014  1.00 25.05  ? 47  ASP A OD2 1 
ATOM   376  N  N   . LYS A 1 48  ? 19.011  -3.949  -10.138 1.00 15.16  ? 48  LYS A N   1 
ATOM   377  C  CA  . LYS A 1 48  ? 18.685  -2.730  -10.852 1.00 14.18  ? 48  LYS A CA  1 
ATOM   378  C  C   . LYS A 1 48  ? 18.136  -1.650  -9.891  1.00 18.41  ? 48  LYS A C   1 
ATOM   379  O  O   . LYS A 1 48  ? 18.521  -0.509  -9.939  1.00 13.18  ? 48  LYS A O   1 
ATOM   380  C  CB  . LYS A 1 48  ? 17.706  -2.991  -12.013 1.00 15.34  ? 48  LYS A CB  1 
ATOM   381  C  CG  . LYS A 1 48  ? 16.978  -1.755  -12.558 1.00 19.63  ? 48  LYS A CG  1 
ATOM   382  C  CD  . LYS A 1 48  ? 16.403  -2.023  -13.922 1.00 16.28  ? 48  LYS A CD  1 
ATOM   383  C  CE  . LYS A 1 48  ? 15.231  -2.973  -13.916 1.00 9.62   ? 48  LYS A CE  1 
ATOM   384  N  NZ  . LYS A 1 48  ? 14.012  -2.224  -13.571 1.00 8.88   ? 48  LYS A NZ  1 
ATOM   385  N  N   . ALA A 1 49  ? 17.215  -1.992  -9.007  1.00 9.16   ? 49  ALA A N   1 
ATOM   386  C  CA  . ALA A 1 49  ? 16.661  -1.023  -8.059  1.00 22.95  ? 49  ALA A CA  1 
ATOM   387  C  C   . ALA A 1 49  ? 17.677  -0.462  -7.047  1.00 21.36  ? 49  ALA A C   1 
ATOM   388  O  O   . ALA A 1 49  ? 17.692  0.724   -6.719  1.00 11.92  ? 49  ALA A O   1 
ATOM   389  C  CB  . ALA A 1 49  ? 15.622  -1.710  -7.188  1.00 12.43  ? 49  ALA A CB  1 
ATOM   390  N  N   . ILE A 1 50  ? 18.545  -1.332  -6.569  1.00 12.70  ? 50  ILE A N   1 
ATOM   391  C  CA  . ILE A 1 50  ? 19.550  -0.967  -5.584  1.00 11.00  ? 50  ILE A CA  1 
ATOM   392  C  C   . ILE A 1 50  ? 20.803  -0.398  -6.180  1.00 14.71  ? 50  ILE A C   1 
ATOM   393  O  O   . ILE A 1 50  ? 21.518  0.459   -5.641  1.00 20.11  ? 50  ILE A O   1 
ATOM   394  C  CB  . ILE A 1 50  ? 20.023  -2.235  -4.862  1.00 26.95  ? 50  ILE A CB  1 
ATOM   395  C  CG1 . ILE A 1 50  ? 18.790  -2.821  -4.180  1.00 22.71  ? 50  ILE A CG1 1 
ATOM   396  C  CG2 . ILE A 1 50  ? 21.055  -1.875  -3.779  1.00 21.13  ? 50  ILE A CG2 1 
ATOM   397  C  CD1 . ILE A 1 50  ? 18.195  -1.798  -3.205  1.00 7.75   ? 50  ILE A CD1 1 
ATOM   398  N  N   . GLY A 1 51  ? 21.116  -0.884  -7.327  1.00 13.59  ? 51  GLY A N   1 
ATOM   399  C  CA  . GLY A 1 51  ? 22.305  -0.278  -7.899  1.00 10.69  ? 51  GLY A CA  1 
ATOM   400  C  C   . GLY A 1 51  ? 23.538  -1.117  -7.624  1.00 25.39  ? 51  GLY A C   1 
ATOM   401  O  O   . GLY A 1 51  ? 24.638  -0.623  -7.621  1.00 28.10  ? 51  GLY A O   1 
ATOM   402  N  N   . ARG A 1 52  ? 23.384  -2.392  -7.393  1.00 33.49  ? 52  ARG A N   1 
ATOM   403  C  CA  . ARG A 1 52  ? 24.574  -3.169  -7.124  1.00 29.78  ? 52  ARG A CA  1 
ATOM   404  C  C   . ARG A 1 52  ? 24.156  -4.594  -7.149  1.00 21.02  ? 52  ARG A C   1 
ATOM   405  O  O   . ARG A 1 52  ? 22.934  -4.847  -7.211  1.00 19.56  ? 52  ARG A O   1 
ATOM   406  C  CB  . ARG A 1 52  ? 25.222  -2.856  -5.775  1.00 18.06  ? 52  ARG A CB  1 
ATOM   407  C  CG  . ARG A 1 52  ? 24.614  -3.602  -4.584  1.00 33.56  ? 52  ARG A CG  1 
ATOM   408  C  CD  . ARG A 1 52  ? 24.983  -2.938  -3.257  1.00 23.66  ? 52  ARG A CD  1 
ATOM   409  N  NE  . ARG A 1 52  ? 24.229  -3.440  -2.106  1.00 27.45  ? 52  ARG A NE  1 
ATOM   410  C  CZ  . ARG A 1 52  ? 24.223  -4.687  -1.656  1.00 23.68  ? 52  ARG A CZ  1 
ATOM   411  N  NH1 . ARG A 1 52  ? 24.981  -5.632  -2.182  1.00 28.91  ? 52  ARG A NH1 1 
ATOM   412  N  NH2 . ARG A 1 52  ? 23.450  -5.007  -0.635  1.00 29.93  ? 52  ARG A NH2 1 
ATOM   413  N  N   . ASN A 1 53  ? 25.162  -5.467  -7.173  1.00 28.71  ? 53  ASN A N   1 
ATOM   414  C  CA  . ASN A 1 53  ? 24.908  -6.920  -7.194  1.00 40.76  ? 53  ASN A CA  1 
ATOM   415  C  C   . ASN A 1 53  ? 24.525  -7.339  -5.772  1.00 52.16  ? 53  ASN A C   1 
ATOM   416  O  O   . ASN A 1 53  ? 25.359  -7.379  -4.852  1.00 29.59  ? 53  ASN A O   1 
ATOM   417  C  CB  . ASN A 1 53  ? 26.048  -7.709  -7.908  1.00 69.11  ? 53  ASN A CB  1 
ATOM   418  C  CG  . ASN A 1 53  ? 25.923  -7.807  -9.422  1.00 100.00 ? 53  ASN A CG  1 
ATOM   419  O  OD1 . ASN A 1 53  ? 25.835  -6.780  -10.126 1.00 100.00 ? 53  ASN A OD1 1 
ATOM   420  N  ND2 . ASN A 1 53  ? 25.939  -9.048  -9.923  1.00 87.46  ? 53  ASN A ND2 1 
ATOM   421  N  N   . CYS A 1 54  ? 23.232  -7.574  -5.570  1.00 33.55  ? 54  CYS A N   1 
ATOM   422  C  CA  . CYS A 1 54  ? 22.732  -7.860  -4.243  1.00 26.47  ? 54  CYS A CA  1 
ATOM   423  C  C   . CYS A 1 54  ? 22.728  -9.322  -3.902  1.00 25.37  ? 54  CYS A C   1 
ATOM   424  O  O   . CYS A 1 54  ? 22.760  -9.686  -2.716  1.00 34.38  ? 54  CYS A O   1 
ATOM   425  C  CB  . CYS A 1 54  ? 21.297  -7.264  -4.101  1.00 16.82  ? 54  CYS A CB  1 
ATOM   426  S  SG  . CYS A 1 54  ? 21.494  -5.470  -4.035  1.00 24.31  ? 54  CYS A SG  1 
ATOM   427  N  N   . ASN A 1 55  ? 22.558  -10.144 -4.933  1.00 23.65  ? 55  ASN A N   1 
ATOM   428  C  CA  . ASN A 1 55  ? 22.431  -11.555 -4.659  1.00 40.15  ? 55  ASN A CA  1 
ATOM   429  C  C   . ASN A 1 55  ? 21.194  -11.797 -3.760  1.00 42.46  ? 55  ASN A C   1 
ATOM   430  O  O   . ASN A 1 55  ? 21.187  -12.619 -2.814  1.00 39.12  ? 55  ASN A O   1 
ATOM   431  C  CB  . ASN A 1 55  ? 23.794  -12.147 -4.205  1.00 49.34  ? 55  ASN A CB  1 
ATOM   432  C  CG  . ASN A 1 55  ? 23.875  -13.663 -4.315  1.00 100.00 ? 55  ASN A CG  1 
ATOM   433  O  OD1 . ASN A 1 55  ? 23.315  -14.282 -5.274  1.00 31.57  ? 55  ASN A OD1 1 
ATOM   434  N  ND2 . ASN A 1 55  ? 24.564  -14.241 -3.311  1.00 44.78  ? 55  ASN A ND2 1 
ATOM   435  N  N   . GLY A 1 56  ? 20.110  -11.074 -4.044  1.00 23.60  ? 56  GLY A N   1 
ATOM   436  C  CA  . GLY A 1 56  ? 18.890  -11.309 -3.267  1.00 24.96  ? 56  GLY A CA  1 
ATOM   437  C  C   . GLY A 1 56  ? 18.852  -10.834 -1.833  1.00 19.43  ? 56  GLY A C   1 
ATOM   438  O  O   . GLY A 1 56  ? 17.925  -11.143 -1.106  1.00 21.12  ? 56  GLY A O   1 
ATOM   439  N  N   . VAL A 1 57  ? 19.864  -10.106 -1.392  1.00 11.76  ? 57  VAL A N   1 
ATOM   440  C  CA  . VAL A 1 57  ? 19.827  -9.611  -0.029  1.00 12.57  ? 57  VAL A CA  1 
ATOM   441  C  C   . VAL A 1 57  ? 20.189  -8.138  0.038   1.00 22.02  ? 57  VAL A C   1 
ATOM   442  O  O   . VAL A 1 57  ? 21.055  -7.640  -0.700  1.00 17.57  ? 57  VAL A O   1 
ATOM   443  C  CB  . VAL A 1 57  ? 20.822  -10.358 0.828   1.00 17.36  ? 57  VAL A CB  1 
ATOM   444  C  CG1 . VAL A 1 57  ? 20.817  -9.815  2.236   1.00 26.28  ? 57  VAL A CG1 1 
ATOM   445  C  CG2 . VAL A 1 57  ? 20.498  -11.837 0.710   1.00 29.59  ? 57  VAL A CG2 1 
ATOM   446  N  N   . ILE A 1 58  ? 19.495  -7.408  0.908   1.00 16.75  ? 58  ILE A N   1 
ATOM   447  C  CA  . ILE A 1 58  ? 19.814  -6.004  1.012   1.00 20.29  ? 58  ILE A CA  1 
ATOM   448  C  C   . ILE A 1 58  ? 19.987  -5.647  2.457   1.00 22.69  ? 58  ILE A C   1 
ATOM   449  O  O   . ILE A 1 58  ? 19.737  -6.475  3.358   1.00 19.49  ? 58  ILE A O   1 
ATOM   450  C  CB  . ILE A 1 58  ? 18.730  -5.079  0.465   1.00 23.16  ? 58  ILE A CB  1 
ATOM   451  C  CG1 . ILE A 1 58  ? 17.398  -5.327  1.186   1.00 11.67  ? 58  ILE A CG1 1 
ATOM   452  C  CG2 . ILE A 1 58  ? 18.641  -5.246  -1.054  1.00 15.57  ? 58  ILE A CG2 1 
ATOM   453  C  CD1 . ILE A 1 58  ? 16.308  -4.421  0.620   1.00 11.36  ? 58  ILE A CD1 1 
ATOM   454  N  N   . THR A 1 59  ? 20.404  -4.410  2.644   1.00 14.81  ? 59  THR A N   1 
ATOM   455  C  CA  . THR A 1 59  ? 20.547  -3.875  3.978   1.00 16.04  ? 59  THR A CA  1 
ATOM   456  C  C   . THR A 1 59  ? 19.291  -3.112  4.436   1.00 25.11  ? 59  THR A C   1 
ATOM   457  O  O   . THR A 1 59  ? 18.407  -2.790  3.678   1.00 23.26  ? 59  THR A O   1 
ATOM   458  C  CB  . THR A 1 59  ? 21.781  -2.943  4.069   1.00 44.42  ? 59  THR A CB  1 
ATOM   459  O  OG1 . THR A 1 59  ? 21.408  -1.690  3.571   1.00 24.89  ? 59  THR A OG1 1 
ATOM   460  C  CG2 . THR A 1 59  ? 23.043  -3.378  3.321   1.00 29.03  ? 59  THR A CG2 1 
ATOM   461  N  N   . LYS A 1 60  ? 19.216  -2.801  5.727   1.00 21.99  ? 60  LYS A N   1 
ATOM   462  C  CA  . LYS A 1 60  ? 18.096  -2.101  6.324   1.00 12.55  ? 60  LYS A CA  1 
ATOM   463  C  C   . LYS A 1 60  ? 17.926  -0.730  5.734   1.00 12.23  ? 60  LYS A C   1 
ATOM   464  O  O   . LYS A 1 60  ? 16.838  -0.213  5.451   1.00 16.87  ? 60  LYS A O   1 
ATOM   465  C  CB  . LYS A 1 60  ? 18.278  -2.049  7.854   1.00 24.00  ? 60  LYS A CB  1 
ATOM   466  C  CG  . LYS A 1 60  ? 17.029  -1.554  8.589   1.00 41.08  ? 60  LYS A CG  1 
ATOM   467  C  CD  . LYS A 1 60  ? 17.200  -1.359  10.097  1.00 91.31  ? 60  LYS A CD  1 
ATOM   468  C  CE  . LYS A 1 60  ? 15.863  -1.326  10.843  1.00 100.00 ? 60  LYS A CE  1 
ATOM   469  N  NZ  . LYS A 1 60  ? 15.723  -0.267  11.869  1.00 100.00 ? 60  LYS A NZ  1 
ATOM   470  N  N   . ASP A 1 61  ? 19.078  -0.136  5.570   1.00 14.71  ? 61  ASP A N   1 
ATOM   471  C  CA  . ASP A 1 61  ? 19.155  1.178   4.968   1.00 14.50  ? 61  ASP A CA  1 
ATOM   472  C  C   . ASP A 1 61  ? 18.672  1.179   3.528   1.00 16.66  ? 61  ASP A C   1 
ATOM   473  O  O   . ASP A 1 61  ? 17.971  2.095   3.124   1.00 18.96  ? 61  ASP A O   1 
ATOM   474  C  CB  . ASP A 1 61  ? 20.583  1.730   5.111   1.00 18.13  ? 61  ASP A CB  1 
ATOM   475  C  CG  . ASP A 1 61  ? 20.777  2.055   6.576   1.00 100.00 ? 61  ASP A CG  1 
ATOM   476  O  OD1 . ASP A 1 61  ? 20.529  3.149   7.058   1.00 100.00 ? 61  ASP A OD1 1 
ATOM   477  O  OD2 . ASP A 1 61  ? 21.140  1.009   7.284   1.00 100.00 ? 61  ASP A OD2 1 
ATOM   478  N  N   . GLU A 1 62  ? 19.084  0.172   2.748   1.00 16.73  ? 62  GLU A N   1 
ATOM   479  C  CA  . GLU A 1 62  ? 18.652  0.043   1.390   1.00 8.81   ? 62  GLU A CA  1 
ATOM   480  C  C   . GLU A 1 62  ? 17.114  -0.167  1.408   1.00 22.60  ? 62  GLU A C   1 
ATOM   481  O  O   . GLU A 1 62  ? 16.372  0.376   0.628   1.00 16.28  ? 62  GLU A O   1 
ATOM   482  C  CB  . GLU A 1 62  ? 19.318  -1.200  0.829   1.00 12.99  ? 62  GLU A CB  1 
ATOM   483  C  CG  . GLU A 1 62  ? 20.792  -0.843  0.585   1.00 20.94  ? 62  GLU A CG  1 
ATOM   484  C  CD  . GLU A 1 62  ? 21.627  -1.981  0.102   1.00 23.31  ? 62  GLU A CD  1 
ATOM   485  O  OE1 . GLU A 1 62  ? 21.279  -3.147  0.263   1.00 21.40  ? 62  GLU A OE1 1 
ATOM   486  O  OE2 . GLU A 1 62  ? 22.720  -1.564  -0.508  1.00 19.58  ? 62  GLU A OE2 1 
ATOM   487  N  N   . ALA A 1 63  ? 16.616  -0.943  2.367   1.00 13.60  ? 63  ALA A N   1 
ATOM   488  C  CA  . ALA A 1 63  ? 15.201  -1.225  2.478   1.00 15.69  ? 63  ALA A CA  1 
ATOM   489  C  C   . ALA A 1 63  ? 14.405  0.035   2.755   1.00 11.02  ? 63  ALA A C   1 
ATOM   490  O  O   . ALA A 1 63  ? 13.350  0.308   2.130   1.00 16.47  ? 63  ALA A O   1 
ATOM   491  C  CB  . ALA A 1 63  ? 15.018  -2.312  3.529   1.00 11.63  ? 63  ALA A CB  1 
ATOM   492  N  N   . GLU A 1 64  ? 14.949  0.816   3.680   1.00 12.39  ? 64  GLU A N   1 
ATOM   493  C  CA  . GLU A 1 64  ? 14.297  2.042   4.041   1.00 14.87  ? 64  GLU A CA  1 
ATOM   494  C  C   . GLU A 1 64  ? 14.348  3.046   2.927   1.00 19.31  ? 64  GLU A C   1 
ATOM   495  O  O   . GLU A 1 64  ? 13.462  3.872   2.728   1.00 16.82  ? 64  GLU A O   1 
ATOM   496  C  CB  . GLU A 1 64  ? 14.990  2.663   5.223   1.00 13.32  ? 64  GLU A CB  1 
ATOM   497  C  CG  . GLU A 1 64  ? 14.513  1.815   6.389   1.00 20.68  ? 64  GLU A CG  1 
ATOM   498  C  CD  . GLU A 1 64  ? 15.216  2.079   7.676   1.00 47.14  ? 64  GLU A CD  1 
ATOM   499  O  OE1 . GLU A 1 64  ? 16.287  2.668   7.783   1.00 56.40  ? 64  GLU A OE1 1 
ATOM   500  O  OE2 . GLU A 1 64  ? 14.539  1.563   8.658   1.00 61.38  ? 64  GLU A OE2 1 
ATOM   501  N  N   . LYS A 1 65  ? 15.400  2.939   2.181   1.00 12.47  ? 65  LYS A N   1 
ATOM   502  C  CA  . LYS A 1 65  ? 15.525  3.818   1.035   1.00 11.11  ? 65  LYS A CA  1 
ATOM   503  C  C   . LYS A 1 65  ? 14.470  3.486   -0.021  1.00 17.25  ? 65  LYS A C   1 
ATOM   504  O  O   . LYS A 1 65  ? 13.764  4.377   -0.579  1.00 15.24  ? 65  LYS A O   1 
ATOM   505  C  CB  . LYS A 1 65  ? 16.802  3.627   0.226   1.00 15.47  ? 65  LYS A CB  1 
ATOM   506  C  CG  . LYS A 1 65  ? 16.922  4.720   -0.837  1.00 23.90  ? 65  LYS A CG  1 
ATOM   507  C  CD  . LYS A 1 65  ? 18.377  5.085   -1.171  1.00 45.53  ? 65  LYS A CD  1 
ATOM   508  C  CE  . LYS A 1 65  ? 18.542  6.567   -1.493  1.00 82.45  ? 65  LYS A CE  1 
ATOM   509  N  NZ  . LYS A 1 65  ? 19.543  6.836   -2.532  1.00 50.10  ? 65  LYS A NZ  1 
ATOM   510  N  N   . LEU A 1 66  ? 14.350  2.197   -0.319  1.00 15.14  ? 66  LEU A N   1 
ATOM   511  C  CA  . LEU A 1 66  ? 13.293  1.843   -1.269  1.00 14.15  ? 66  LEU A CA  1 
ATOM   512  C  C   . LEU A 1 66  ? 11.899  2.231   -0.728  1.00 12.44  ? 66  LEU A C   1 
ATOM   513  O  O   . LEU A 1 66  ? 11.001  2.618   -1.486  1.00 11.34  ? 66  LEU A O   1 
ATOM   514  C  CB  . LEU A 1 66  ? 13.058  0.311   -1.467  1.00 14.98  ? 66  LEU A CB  1 
ATOM   515  C  CG  . LEU A 1 66  ? 14.271  -0.303  -2.164  1.00 18.70  ? 66  LEU A CG  1 
ATOM   516  C  CD1 . LEU A 1 66  ? 14.045  -1.802  -2.169  1.00 16.75  ? 66  LEU A CD1 1 
ATOM   517  C  CD2 . LEU A 1 66  ? 14.389  0.253   -3.583  1.00 15.47  ? 66  LEU A CD2 1 
ATOM   518  N  N   . PHE A 1 67  ? 11.707  2.076   0.583   1.00 10.57  ? 67  PHE A N   1 
ATOM   519  C  CA  . PHE A 1 67  ? 10.417  2.411   1.169   1.00 4.73   ? 67  PHE A CA  1 
ATOM   520  C  C   . PHE A 1 67  ? 10.118  3.882   1.016   1.00 14.99  ? 67  PHE A C   1 
ATOM   521  O  O   . PHE A 1 67  ? 9.002   4.333   0.661   1.00 15.55  ? 67  PHE A O   1 
ATOM   522  C  CB  . PHE A 1 67  ? 10.493  2.066   2.643   1.00 10.09  ? 67  PHE A CB  1 
ATOM   523  C  CG  . PHE A 1 67  ? 9.191   2.158   3.466   1.00 21.51  ? 67  PHE A CG  1 
ATOM   524  C  CD1 . PHE A 1 67  ? 7.932   1.861   2.938   1.00 24.01  ? 67  PHE A CD1 1 
ATOM   525  C  CD2 . PHE A 1 67  ? 9.222   2.491   4.823   1.00 14.60  ? 67  PHE A CD2 1 
ATOM   526  C  CE1 . PHE A 1 67  ? 6.768   1.914   3.709   1.00 19.08  ? 67  PHE A CE1 1 
ATOM   527  C  CE2 . PHE A 1 67  ? 8.094   2.470   5.646   1.00 17.03  ? 67  PHE A CE2 1 
ATOM   528  C  CZ  . PHE A 1 67  ? 6.851   2.217   5.068   1.00 15.81  ? 67  PHE A CZ  1 
ATOM   529  N  N   . ASN A 1 68  ? 11.135  4.686   1.269   1.00 13.54  ? 68  ASN A N   1 
ATOM   530  C  CA  . ASN A 1 68  ? 10.913  6.116   1.066   1.00 9.67   ? 68  ASN A CA  1 
ATOM   531  C  C   . ASN A 1 68  ? 10.438  6.459   -0.361  1.00 14.96  ? 68  ASN A C   1 
ATOM   532  O  O   . ASN A 1 68  ? 9.522   7.239   -0.622  1.00 12.72  ? 68  ASN A O   1 
ATOM   533  C  CB  . ASN A 1 68  ? 12.239  6.909   1.327   1.00 19.83  ? 68  ASN A CB  1 
ATOM   534  C  CG  . ASN A 1 68  ? 12.451  7.212   2.796   1.00 35.96  ? 68  ASN A CG  1 
ATOM   535  O  OD1 . ASN A 1 68  ? 11.490  7.515   3.498   1.00 22.65  ? 68  ASN A OD1 1 
ATOM   536  N  ND2 . ASN A 1 68  ? 13.702  7.173   3.275   1.00 26.04  ? 68  ASN A ND2 1 
ATOM   537  N  N   . GLN A 1 69  ? 11.107  5.862   -1.339  1.00 11.36  ? 69  GLN A N   1 
ATOM   538  C  CA  . GLN A 1 69  ? 10.730  6.165   -2.679  1.00 6.16   ? 69  GLN A CA  1 
ATOM   539  C  C   . GLN A 1 69  ? 9.370   5.648   -3.011  1.00 11.81  ? 69  GLN A C   1 
ATOM   540  O  O   . GLN A 1 69  ? 8.690   6.222   -3.821  1.00 12.22  ? 69  GLN A O   1 
ATOM   541  C  CB  . GLN A 1 69  ? 11.688  5.398   -3.627  1.00 9.63   ? 69  GLN A CB  1 
ATOM   542  C  CG  . GLN A 1 69  ? 13.138  5.959   -3.525  1.00 11.42  ? 69  GLN A CG  1 
ATOM   543  C  CD  . GLN A 1 69  ? 14.203  5.104   -4.263  1.00 23.37  ? 69  GLN A CD  1 
ATOM   544  O  OE1 . GLN A 1 69  ? 15.388  5.458   -4.321  1.00 22.74  ? 69  GLN A OE1 1 
ATOM   545  N  NE2 . GLN A 1 69  ? 13.772  4.034   -4.926  1.00 15.40  ? 69  GLN A NE2 1 
ATOM   546  N  N   . ASP A 1 70  ? 9.003   4.491   -2.447  1.00 11.39  ? 70  ASP A N   1 
ATOM   547  C  CA  . ASP A 1 70  ? 7.689   3.892   -2.748  1.00 15.86  ? 70  ASP A CA  1 
ATOM   548  C  C   . ASP A 1 70  ? 6.520   4.690   -2.154  1.00 12.35  ? 70  ASP A C   1 
ATOM   549  O  O   . ASP A 1 70  ? 5.439   4.727   -2.758  1.00 9.23   ? 70  ASP A O   1 
ATOM   550  C  CB  . ASP A 1 70  ? 7.541   2.413   -2.247  1.00 10.51  ? 70  ASP A CB  1 
ATOM   551  C  CG  . ASP A 1 70  ? 8.386   1.459   -3.058  1.00 19.73  ? 70  ASP A CG  1 
ATOM   552  O  OD1 . ASP A 1 70  ? 8.854   1.764   -4.109  1.00 13.64  ? 70  ASP A OD1 1 
ATOM   553  O  OD2 . ASP A 1 70  ? 8.777   0.395   -2.437  1.00 14.85  ? 70  ASP A OD2 1 
ATOM   554  N  N   . VAL A 1 71  ? 6.742   5.305   -0.972  1.00 11.17  ? 71  VAL A N   1 
ATOM   555  C  CA  . VAL A 1 71  ? 5.686   6.081   -0.343  1.00 12.32  ? 71  VAL A CA  1 
ATOM   556  C  C   . VAL A 1 71  ? 5.479   7.308   -1.223  1.00 11.22  ? 71  VAL A C   1 
ATOM   557  O  O   . VAL A 1 71  ? 4.380   7.740   -1.604  1.00 13.43  ? 71  VAL A O   1 
ATOM   558  C  CB  . VAL A 1 71  ? 5.967   6.463   1.144   1.00 11.64  ? 71  VAL A CB  1 
ATOM   559  C  CG1 . VAL A 1 71  ? 4.945   7.548   1.584   1.00 4.00   ? 71  VAL A CG1 1 
ATOM   560  C  CG2 . VAL A 1 71  ? 5.786   5.238   2.085   1.00 5.97   ? 71  VAL A CG2 1 
ATOM   561  N  N   . ASP A 1 72  ? 6.618   7.851   -1.578  1.00 10.61  ? 72  ASP A N   1 
ATOM   562  C  CA  . ASP A 1 72  ? 6.608   9.015   -2.416  1.00 9.80   ? 72  ASP A CA  1 
ATOM   563  C  C   . ASP A 1 72  ? 5.855   8.794   -3.712  1.00 12.56  ? 72  ASP A C   1 
ATOM   564  O  O   . ASP A 1 72  ? 4.953   9.570   -4.105  1.00 18.04  ? 72  ASP A O   1 
ATOM   565  C  CB  . ASP A 1 72  ? 8.057   9.495   -2.543  1.00 14.14  ? 72  ASP A CB  1 
ATOM   566  C  CG  . ASP A 1 72  ? 7.985   10.940  -2.735  1.00 37.87  ? 72  ASP A CG  1 
ATOM   567  O  OD1 . ASP A 1 72  ? 7.398   11.644  -1.952  1.00 93.11  ? 72  ASP A OD1 1 
ATOM   568  O  OD2 . ASP A 1 72  ? 8.493   11.271  -3.875  1.00 24.59  ? 72  ASP A OD2 1 
ATOM   569  N  N   . ALA A 1 73  ? 6.200   7.698   -4.360  1.00 16.28  ? 73  ALA A N   1 
ATOM   570  C  CA  . ALA A 1 73  ? 5.552   7.339   -5.626  1.00 17.19  ? 73  ALA A CA  1 
ATOM   571  C  C   . ALA A 1 73  ? 4.061   7.122   -5.454  1.00 24.99  ? 73  ALA A C   1 
ATOM   572  O  O   . ALA A 1 73  ? 3.251   7.482   -6.317  1.00 25.17  ? 73  ALA A O   1 
ATOM   573  C  CB  . ALA A 1 73  ? 6.130   6.055   -6.251  1.00 11.51  ? 73  ALA A CB  1 
ATOM   574  N  N   . ALA A 1 74  ? 3.687   6.496   -4.329  1.00 19.51  ? 74  ALA A N   1 
ATOM   575  C  CA  . ALA A 1 74  ? 2.257   6.276   -4.125  1.00 22.51  ? 74  ALA A CA  1 
ATOM   576  C  C   . ALA A 1 74  ? 1.496   7.607   -4.043  1.00 23.03  ? 74  ALA A C   1 
ATOM   577  O  O   . ALA A 1 74  ? 0.440   7.802   -4.669  1.00 19.05  ? 74  ALA A O   1 
ATOM   578  C  CB  . ALA A 1 74  ? 1.892   5.452   -2.861  1.00 12.62  ? 74  ALA A CB  1 
ATOM   579  N  N   . VAL A 1 75  ? 2.026   8.521   -3.238  1.00 18.19  ? 75  VAL A N   1 
ATOM   580  C  CA  . VAL A 1 75  ? 1.314   9.779   -3.129  1.00 16.89  ? 75  VAL A CA  1 
ATOM   581  C  C   . VAL A 1 75  ? 1.256   10.564  -4.444  1.00 18.77  ? 75  VAL A C   1 
ATOM   582  O  O   . VAL A 1 75  ? 0.252   11.193  -4.829  1.00 22.61  ? 75  VAL A O   1 
ATOM   583  C  CB  . VAL A 1 75  ? 2.036   10.716  -2.178  1.00 26.10  ? 75  VAL A CB  1 
ATOM   584  C  CG1 . VAL A 1 75  ? 1.106   11.899  -1.858  1.00 27.48  ? 75  VAL A CG1 1 
ATOM   585  C  CG2 . VAL A 1 75  ? 2.193   10.051  -0.844  1.00 18.44  ? 75  VAL A CG2 1 
ATOM   586  N  N   . ARG A 1 76  ? 2.379   10.527  -5.126  1.00 8.48   ? 76  ARG A N   1 
ATOM   587  C  CA  . ARG A 1 76  ? 2.436   11.237  -6.371  1.00 17.06  ? 76  ARG A CA  1 
ATOM   588  C  C   . ARG A 1 76  ? 1.405   10.574  -7.288  1.00 15.30  ? 76  ARG A C   1 
ATOM   589  O  O   . ARG A 1 76  ? 0.626   11.187  -8.041  1.00 23.19  ? 76  ARG A O   1 
ATOM   590  C  CB  . ARG A 1 76  ? 3.926   11.338  -6.716  1.00 17.87  ? 76  ARG A CB  1 
ATOM   591  C  CG  . ARG A 1 76  ? 4.574   12.661  -6.305  1.00 28.89  ? 76  ARG A CG  1 
ATOM   592  C  CD  . ARG A 1 76  ? 6.062   12.824  -6.691  1.00 57.02  ? 76  ARG A CD  1 
ATOM   593  N  NE  . ARG A 1 76  ? 6.922   11.733  -6.184  1.00 100.00 ? 76  ARG A NE  1 
ATOM   594  C  CZ  . ARG A 1 76  ? 7.642   10.812  -6.879  1.00 100.00 ? 76  ARG A CZ  1 
ATOM   595  N  NH1 . ARG A 1 76  ? 7.703   10.780  -8.218  1.00 100.00 ? 76  ARG A NH1 1 
ATOM   596  N  NH2 . ARG A 1 76  ? 8.340   9.889   -6.191  1.00 72.07  ? 76  ARG A NH2 1 
ATOM   597  N  N   . GLY A 1 77  ? 1.326   9.273   -7.199  1.00 9.60   ? 77  GLY A N   1 
ATOM   598  C  CA  . GLY A 1 77  ? 0.353   8.578   -8.059  1.00 11.28  ? 77  GLY A CA  1 
ATOM   599  C  C   . GLY A 1 77  ? -1.074  9.021   -7.768  1.00 29.86  ? 77  GLY A C   1 
ATOM   600  O  O   . GLY A 1 77  ? -1.955  9.219   -8.595  1.00 21.32  ? 77  GLY A O   1 
ATOM   601  N  N   . ILE A 1 78  ? -1.321  9.213   -6.515  1.00 12.87  ? 78  ILE A N   1 
ATOM   602  C  CA  . ILE A 1 78  ? -2.644  9.681   -6.157  1.00 15.72  ? 78  ILE A CA  1 
ATOM   603  C  C   . ILE A 1 78  ? -2.840  11.067  -6.707  1.00 18.79  ? 78  ILE A C   1 
ATOM   604  O  O   . ILE A 1 78  ? -3.876  11.384  -7.298  1.00 20.02  ? 78  ILE A O   1 
ATOM   605  C  CB  . ILE A 1 78  ? -2.806  9.843   -4.616  1.00 14.70  ? 78  ILE A CB  1 
ATOM   606  C  CG1 . ILE A 1 78  ? -3.119  8.441   -4.053  1.00 16.58  ? 78  ILE A CG1 1 
ATOM   607  C  CG2 . ILE A 1 78  ? -3.994  10.782  -4.300  1.00 9.01   ? 78  ILE A CG2 1 
ATOM   608  C  CD1 . ILE A 1 78  ? -2.883  8.210   -2.528  1.00 14.63  ? 78  ILE A CD1 1 
ATOM   609  N  N   . LEU A 1 79  ? -1.807  11.922  -6.500  1.00 18.26  ? 79  LEU A N   1 
ATOM   610  C  CA  . LEU A 1 79  ? -1.991  13.312  -6.921  1.00 15.47  ? 79  LEU A CA  1 
ATOM   611  C  C   . LEU A 1 79  ? -2.200  13.504  -8.406  1.00 28.16  ? 79  LEU A C   1 
ATOM   612  O  O   . LEU A 1 79  ? -2.815  14.446  -8.878  1.00 28.29  ? 79  LEU A O   1 
ATOM   613  C  CB  . LEU A 1 79  ? -0.938  14.264  -6.318  1.00 16.46  ? 79  LEU A CB  1 
ATOM   614  C  CG  . LEU A 1 79  ? -0.989  14.256  -4.779  1.00 26.20  ? 79  LEU A CG  1 
ATOM   615  C  CD1 . LEU A 1 79  ? 0.168   15.108  -4.264  1.00 23.28  ? 79  LEU A CD1 1 
ATOM   616  C  CD2 . LEU A 1 79  ? -2.230  14.949  -4.214  1.00 26.52  ? 79  LEU A CD2 1 
ATOM   617  N  N   . ARG A 1 80  ? -1.687  12.566  -9.154  1.00 20.96  ? 80  ARG A N   1 
ATOM   618  C  CA  . ARG A 1 80  ? -1.777  12.621  -10.587 1.00 19.48  ? 80  ARG A CA  1 
ATOM   619  C  C   . ARG A 1 80  ? -3.027  11.969  -11.131 1.00 44.40  ? 80  ARG A C   1 
ATOM   620  O  O   . ARG A 1 80  ? -3.335  12.144  -12.282 1.00 35.28  ? 80  ARG A O   1 
ATOM   621  C  CB  . ARG A 1 80  ? -0.512  12.038  -11.263 1.00 35.59  ? 80  ARG A CB  1 
ATOM   622  C  CG  . ARG A 1 80  ? 0.803   12.692  -10.770 1.00 100.00 ? 80  ARG A CG  1 
ATOM   623  C  CD  . ARG A 1 80  ? 1.994   12.691  -11.755 1.00 100.00 ? 80  ARG A CD  1 
ATOM   624  N  NE  . ARG A 1 80  ? 3.153   11.897  -11.305 1.00 100.00 ? 80  ARG A NE  1 
ATOM   625  C  CZ  . ARG A 1 80  ? 3.164   10.552  -11.166 1.00 100.00 ? 80  ARG A CZ  1 
ATOM   626  N  NH1 . ARG A 1 80  ? 2.100   9.776   -11.446 1.00 100.00 ? 80  ARG A NH1 1 
ATOM   627  N  NH2 . ARG A 1 80  ? 4.282   9.956   -10.729 1.00 100.00 ? 80  ARG A NH2 1 
ATOM   628  N  N   . ASN A 1 81  ? -3.756  11.221  -10.337 1.00 16.68  ? 81  ASN A N   1 
ATOM   629  C  CA  . ASN A 1 81  ? -4.970  10.601  -10.828 1.00 14.51  ? 81  ASN A CA  1 
ATOM   630  C  C   . ASN A 1 81  ? -6.156  11.539  -10.688 1.00 33.42  ? 81  ASN A C   1 
ATOM   631  O  O   . ASN A 1 81  ? -6.459  12.051  -9.601  1.00 35.96  ? 81  ASN A O   1 
ATOM   632  C  CB  . ASN A 1 81  ? -5.041  9.213   -10.206 1.00 19.34  ? 81  ASN A CB  1 
ATOM   633  C  CG  . ASN A 1 81  ? -6.116  8.375   -10.854 1.00 22.23  ? 81  ASN A CG  1 
ATOM   634  O  OD1 . ASN A 1 81  ? -7.273  8.796   -10.958 1.00 30.73  ? 81  ASN A OD1 1 
ATOM   635  N  ND2 . ASN A 1 81  ? -5.729  7.183   -11.274 1.00 33.47  ? 81  ASN A ND2 1 
ATOM   636  N  N   . ALA A 1 82  ? -6.828  11.806  -11.810 1.00 28.43  ? 82  ALA A N   1 
ATOM   637  C  CA  . ALA A 1 82  ? -7.984  12.714  -11.763 1.00 31.85  ? 82  ALA A CA  1 
ATOM   638  C  C   . ALA A 1 82  ? -9.183  12.196  -10.947 1.00 25.88  ? 82  ALA A C   1 
ATOM   639  O  O   . ALA A 1 82  ? -10.005 12.938  -10.394 1.00 32.85  ? 82  ALA A O   1 
ATOM   640  C  CB  . ALA A 1 82  ? -8.481  13.057  -13.162 1.00 33.93  ? 82  ALA A CB  1 
ATOM   641  N  N   . LYS A 1 83  ? -9.303  10.899  -10.862 1.00 22.81  ? 83  LYS A N   1 
ATOM   642  C  CA  . LYS A 1 83  ? -10.370 10.356  -10.043 1.00 38.84  ? 83  LYS A CA  1 
ATOM   643  C  C   . LYS A 1 83  ? -9.978  10.287  -8.547  1.00 31.94  ? 83  LYS A C   1 
ATOM   644  O  O   . LYS A 1 83  ? -10.787 10.398  -7.624  1.00 25.05  ? 83  LYS A O   1 
ATOM   645  C  CB  . LYS A 1 83  ? -10.734 9.000   -10.622 1.00 51.04  ? 83  LYS A CB  1 
ATOM   646  C  CG  . LYS A 1 83  ? -12.101 8.998   -11.304 1.00 100.00 ? 83  LYS A CG  1 
ATOM   647  C  CD  . LYS A 1 83  ? -12.103 9.506   -12.746 1.00 100.00 ? 83  LYS A CD  1 
ATOM   648  C  CE  . LYS A 1 83  ? -13.482 9.933   -13.262 1.00 100.00 ? 83  LYS A CE  1 
ATOM   649  N  NZ  . LYS A 1 83  ? -14.553 10.001  -12.234 1.00 100.00 ? 83  LYS A NZ  1 
ATOM   650  N  N   . LEU A 1 84  ? -8.691  10.130  -8.294  1.00 22.01  ? 84  LEU A N   1 
ATOM   651  C  CA  . LEU A 1 84  ? -8.247  10.030  -6.931  1.00 17.85  ? 84  LEU A CA  1 
ATOM   652  C  C   . LEU A 1 84  ? -8.002  11.351  -6.229  1.00 16.48  ? 84  LEU A C   1 
ATOM   653  O  O   . LEU A 1 84  ? -8.343  11.525  -5.082  1.00 18.20  ? 84  LEU A O   1 
ATOM   654  C  CB  . LEU A 1 84  ? -6.989  9.145   -6.801  1.00 11.56  ? 84  LEU A CB  1 
ATOM   655  C  CG  . LEU A 1 84  ? -7.127  7.747   -7.405  1.00 31.57  ? 84  LEU A CG  1 
ATOM   656  C  CD1 . LEU A 1 84  ? -5.850  6.950   -7.219  1.00 14.79  ? 84  LEU A CD1 1 
ATOM   657  C  CD2 . LEU A 1 84  ? -8.158  6.891   -6.670  1.00 19.09  ? 84  LEU A CD2 1 
ATOM   658  N  N   . LYS A 1 85  ? -7.351  12.273  -6.898  1.00 8.16   ? 85  LYS A N   1 
ATOM   659  C  CA  . LYS A 1 85  ? -6.958  13.529  -6.292  1.00 11.97  ? 85  LYS A CA  1 
ATOM   660  C  C   . LYS A 1 85  ? -8.039  14.245  -5.531  1.00 10.35  ? 85  LYS A C   1 
ATOM   661  O  O   . LYS A 1 85  ? -7.885  14.634  -4.386  1.00 16.62  ? 85  LYS A O   1 
ATOM   662  C  CB  . LYS A 1 85  ? -6.427  14.451  -7.345  1.00 13.72  ? 85  LYS A CB  1 
ATOM   663  C  CG  . LYS A 1 85  ? -5.473  15.443  -6.754  1.00 23.34  ? 85  LYS A CG  1 
ATOM   664  C  CD  . LYS A 1 85  ? -5.364  16.762  -7.534  1.00 33.40  ? 85  LYS A CD  1 
ATOM   665  C  CE  . LYS A 1 85  ? -4.713  17.882  -6.680  1.00 32.95  ? 85  LYS A CE  1 
ATOM   666  N  NZ  . LYS A 1 85  ? -5.572  19.049  -6.414  1.00 100.00 ? 85  LYS A NZ  1 
ATOM   667  N  N   . PRO A 1 86  ? -9.170  14.408  -6.183  1.00 21.50  ? 86  PRO A N   1 
ATOM   668  C  CA  . PRO A 1 86  ? -10.297 15.088  -5.534  1.00 36.66  ? 86  PRO A CA  1 
ATOM   669  C  C   . PRO A 1 86  ? -10.758 14.380  -4.256  1.00 19.26  ? 86  PRO A C   1 
ATOM   670  O  O   . PRO A 1 86  ? -11.076 15.030  -3.272  1.00 10.26  ? 86  PRO A O   1 
ATOM   671  C  CB  . PRO A 1 86  ? -11.426 15.213  -6.580  1.00 23.45  ? 86  PRO A CB  1 
ATOM   672  C  CG  . PRO A 1 86  ? -10.903 14.501  -7.828  1.00 34.22  ? 86  PRO A CG  1 
ATOM   673  C  CD  . PRO A 1 86  ? -9.595  13.803  -7.462  1.00 18.52  ? 86  PRO A CD  1 
ATOM   674  N  N   . VAL A 1 87  ? -10.759 13.046  -4.240  1.00 14.19  ? 87  VAL A N   1 
ATOM   675  C  CA  . VAL A 1 87  ? -11.156 12.401  -3.027  1.00 15.84  ? 87  VAL A CA  1 
ATOM   676  C  C   . VAL A 1 87  ? -10.132 12.629  -1.915  1.00 11.18  ? 87  VAL A C   1 
ATOM   677  O  O   . VAL A 1 87  ? -10.399 12.954  -0.768  1.00 9.15   ? 87  VAL A O   1 
ATOM   678  C  CB  . VAL A 1 87  ? -11.396 10.896  -3.262  1.00 15.19  ? 87  VAL A CB  1 
ATOM   679  C  CG1 . VAL A 1 87  ? -12.057 10.325  -2.011  1.00 13.61  ? 87  VAL A CG1 1 
ATOM   680  C  CG2 . VAL A 1 87  ? -12.258 10.703  -4.517  1.00 11.84  ? 87  VAL A CG2 1 
ATOM   681  N  N   . TYR A 1 88  ? -8.932  12.351  -2.273  1.00 10.25  ? 88  TYR A N   1 
ATOM   682  C  CA  . TYR A 1 88  ? -7.863  12.498  -1.342  1.00 7.41   ? 88  TYR A CA  1 
ATOM   683  C  C   . TYR A 1 88  ? -7.808  13.889  -0.739  1.00 10.92  ? 88  TYR A C   1 
ATOM   684  O  O   . TYR A 1 88  ? -7.627  14.119  0.448   1.00 15.67  ? 88  TYR A O   1 
ATOM   685  C  CB  . TYR A 1 88  ? -6.612  12.217  -2.189  1.00 8.20   ? 88  TYR A CB  1 
ATOM   686  C  CG  . TYR A 1 88  ? -5.366  12.262  -1.331  1.00 12.61  ? 88  TYR A CG  1 
ATOM   687  C  CD1 . TYR A 1 88  ? -4.993  11.164  -0.560  1.00 11.39  ? 88  TYR A CD1 1 
ATOM   688  C  CD2 . TYR A 1 88  ? -4.633  13.442  -1.225  1.00 17.02  ? 88  TYR A CD2 1 
ATOM   689  C  CE1 . TYR A 1 88  ? -3.849  11.221  0.224   1.00 19.42  ? 88  TYR A CE1 1 
ATOM   690  C  CE2 . TYR A 1 88  ? -3.486  13.530  -0.442  1.00 20.46  ? 88  TYR A CE2 1 
ATOM   691  C  CZ  . TYR A 1 88  ? -3.106  12.395  0.266   1.00 18.72  ? 88  TYR A CZ  1 
ATOM   692  O  OH  . TYR A 1 88  ? -2.022  12.448  1.048   1.00 20.05  ? 88  TYR A OH  1 
ATOM   693  N  N   . ASP A 1 89  ? -7.904  14.896  -1.577  1.00 13.87  ? 89  ASP A N   1 
ATOM   694  C  CA  . ASP A 1 89  ? -7.843  16.244  -1.021  1.00 4.73   ? 89  ASP A CA  1 
ATOM   695  C  C   . ASP A 1 89  ? -9.045  16.546  -0.162  1.00 15.88  ? 89  ASP A C   1 
ATOM   696  O  O   . ASP A 1 89  ? -8.937  17.408  0.689   1.00 19.05  ? 89  ASP A O   1 
ATOM   697  C  CB  . ASP A 1 89  ? -7.957  17.299  -2.081  1.00 13.35  ? 89  ASP A CB  1 
ATOM   698  C  CG  . ASP A 1 89  ? -6.653  17.454  -2.799  1.00 31.17  ? 89  ASP A CG  1 
ATOM   699  O  OD1 . ASP A 1 89  ? -5.624  16.976  -2.401  1.00 24.08  ? 89  ASP A OD1 1 
ATOM   700  O  OD2 . ASP A 1 89  ? -6.747  18.163  -3.869  1.00 24.19  ? 89  ASP A OD2 1 
ATOM   701  N  N   . SER A 1 90  ? -10.160 15.789  -0.268  1.00 10.32  ? 90  SER A N   1 
ATOM   702  C  CA  . SER A 1 90  ? -11.231 16.086  0.639   1.00 7.47   ? 90  SER A CA  1 
ATOM   703  C  C   . SER A 1 90  ? -11.087 15.474  2.017   1.00 10.17  ? 90  SER A C   1 
ATOM   704  O  O   . SER A 1 90  ? -11.866 15.721  2.941   1.00 8.20   ? 90  SER A O   1 
ATOM   705  C  CB  . SER A 1 90  ? -12.596 15.502  0.276   1.00 14.92  ? 90  SER A CB  1 
ATOM   706  O  OG  . SER A 1 90  ? -12.584 14.117  0.085   1.00 15.76  ? 90  SER A OG  1 
ATOM   707  N  N   . LEU A 1 91  ? -10.139 14.606  2.190   1.00 6.54   ? 91  LEU A N   1 
ATOM   708  C  CA  . LEU A 1 91  ? -10.040 13.908  3.492   1.00 8.30   ? 91  LEU A CA  1 
ATOM   709  C  C   . LEU A 1 91  ? -9.106  14.557  4.482   1.00 14.83  ? 91  LEU A C   1 
ATOM   710  O  O   . LEU A 1 91  ? -8.269  15.360  4.049   1.00 11.57  ? 91  LEU A O   1 
ATOM   711  C  CB  . LEU A 1 91  ? -9.343  12.539  3.287   1.00 8.27   ? 91  LEU A CB  1 
ATOM   712  C  CG  . LEU A 1 91  ? -10.039 11.644  2.250   1.00 21.50  ? 91  LEU A CG  1 
ATOM   713  C  CD1 . LEU A 1 91  ? -9.159  10.494  1.792   1.00 16.86  ? 91  LEU A CD1 1 
ATOM   714  C  CD2 . LEU A 1 91  ? -11.330 11.084  2.849   1.00 12.93  ? 91  LEU A CD2 1 
ATOM   715  N  N   . ASP A 1 92  ? -9.293  14.240  5.762   1.00 10.70  ? 92  ASP A N   1 
ATOM   716  C  CA  . ASP A 1 92  ? -8.476  14.723  6.848   1.00 11.44  ? 92  ASP A CA  1 
ATOM   717  C  C   . ASP A 1 92  ? -7.169  13.953  6.848   1.00 13.03  ? 92  ASP A C   1 
ATOM   718  O  O   . ASP A 1 92  ? -6.968  12.992  6.115   1.00 13.17  ? 92  ASP A O   1 
ATOM   719  C  CB  . ASP A 1 92  ? -9.155  14.485  8.202   1.00 10.55  ? 92  ASP A CB  1 
ATOM   720  C  CG  . ASP A 1 92  ? -9.455  13.027  8.377   1.00 22.03  ? 92  ASP A CG  1 
ATOM   721  O  OD1 . ASP A 1 92  ? -8.750  12.249  8.972   1.00 11.79  ? 92  ASP A OD1 1 
ATOM   722  O  OD2 . ASP A 1 92  ? -10.571 12.700  7.784   1.00 16.38  ? 92  ASP A OD2 1 
ATOM   723  N  N   . ALA A 1 93  ? -6.225  14.349  7.640   1.00 12.28  ? 93  ALA A N   1 
ATOM   724  C  CA  . ALA A 1 93  ? -4.942  13.686  7.566   1.00 10.30  ? 93  ALA A CA  1 
ATOM   725  C  C   . ALA A 1 93  ? -4.867  12.199  7.945   1.00 15.10  ? 93  ALA A C   1 
ATOM   726  O  O   . ALA A 1 93  ? -4.085  11.453  7.352   1.00 20.00  ? 93  ALA A O   1 
ATOM   727  C  CB  . ALA A 1 93  ? -3.928  14.531  8.330   1.00 15.97  ? 93  ALA A CB  1 
ATOM   728  N  N   . VAL A 1 94  ? -5.685  11.737  8.895   1.00 14.46  ? 94  VAL A N   1 
ATOM   729  C  CA  . VAL A 1 94  ? -5.567  10.354  9.237   1.00 11.95  ? 94  VAL A CA  1 
ATOM   730  C  C   . VAL A 1 94  ? -6.070  9.558   8.040   1.00 5.76   ? 94  VAL A C   1 
ATOM   731  O  O   . VAL A 1 94  ? -5.434  8.627   7.541   1.00 15.18  ? 94  VAL A O   1 
ATOM   732  C  CB  . VAL A 1 94  ? -6.329  10.103  10.523  1.00 19.85  ? 94  VAL A CB  1 
ATOM   733  C  CG1 . VAL A 1 94  ? -6.354  8.630   10.877  1.00 6.40   ? 94  VAL A CG1 1 
ATOM   734  C  CG2 . VAL A 1 94  ? -5.599  10.753  11.683  1.00 11.02  ? 94  VAL A CG2 1 
ATOM   735  N  N   . ARG A 1 95  ? -7.275  9.933   7.619   1.00 11.37  ? 95  ARG A N   1 
ATOM   736  C  CA  . ARG A 1 95  ? -7.867  9.180   6.501   1.00 8.38   ? 95  ARG A CA  1 
ATOM   737  C  C   . ARG A 1 95  ? -6.985  9.215   5.242   1.00 9.70   ? 95  ARG A C   1 
ATOM   738  O  O   . ARG A 1 95  ? -7.021  8.299   4.409   1.00 14.23  ? 95  ARG A O   1 
ATOM   739  C  CB  . ARG A 1 95  ? -9.303  9.654   6.241   1.00 11.27  ? 95  ARG A CB  1 
ATOM   740  C  CG  . ARG A 1 95  ? -10.243 9.342   7.393   1.00 11.63  ? 95  ARG A CG  1 
ATOM   741  C  CD  . ARG A 1 95  ? -11.680 9.627   6.992   1.00 12.01  ? 95  ARG A CD  1 
ATOM   742  N  NE  . ARG A 1 95  ? -12.631 9.158   7.991   1.00 11.54  ? 95  ARG A NE  1 
ATOM   743  C  CZ  . ARG A 1 95  ? -13.014 9.891   9.055   1.00 26.51  ? 95  ARG A CZ  1 
ATOM   744  N  NH1 . ARG A 1 95  ? -12.517 11.106  9.285   1.00 16.44  ? 95  ARG A NH1 1 
ATOM   745  N  NH2 . ARG A 1 95  ? -13.920 9.404   9.911   1.00 13.57  ? 95  ARG A NH2 1 
ATOM   746  N  N   . ARG A 1 96  ? -6.213  10.295  5.044   1.00 10.22  ? 96  ARG A N   1 
ATOM   747  C  CA  . ARG A 1 96  ? -5.324  10.331  3.895   1.00 11.13  ? 96  ARG A CA  1 
ATOM   748  C  C   . ARG A 1 96  ? -4.280  9.224   4.048   1.00 17.02  ? 96  ARG A C   1 
ATOM   749  O  O   . ARG A 1 96  ? -3.869  8.615   3.075   1.00 13.77  ? 96  ARG A O   1 
ATOM   750  C  CB  . ARG A 1 96  ? -4.540  11.628  3.838   1.00 7.14   ? 96  ARG A CB  1 
ATOM   751  C  CG  . ARG A 1 96  ? -5.446  12.696  3.279   1.00 8.15   ? 96  ARG A CG  1 
ATOM   752  C  CD  . ARG A 1 96  ? -4.756  14.034  3.082   1.00 8.41   ? 96  ARG A CD  1 
ATOM   753  N  NE  . ARG A 1 96  ? -5.750  14.986  2.615   1.00 20.17  ? 96  ARG A NE  1 
ATOM   754  C  CZ  . ARG A 1 96  ? -5.463  16.266  2.460   1.00 25.65  ? 96  ARG A CZ  1 
ATOM   755  N  NH1 . ARG A 1 96  ? -4.245  16.701  2.734   1.00 29.16  ? 96  ARG A NH1 1 
ATOM   756  N  NH2 . ARG A 1 96  ? -6.395  17.131  2.074   1.00 14.85  ? 96  ARG A NH2 1 
ATOM   757  N  N   . CYS A 1 97  ? -3.883  8.919   5.282   1.00 9.93   ? 97  CYS A N   1 
ATOM   758  C  CA  . CYS A 1 97  ? -2.941  7.839   5.429   1.00 12.01  ? 97  CYS A CA  1 
ATOM   759  C  C   . CYS A 1 97  ? -3.571  6.514   5.034   1.00 15.22  ? 97  CYS A C   1 
ATOM   760  O  O   . CYS A 1 97  ? -2.947  5.628   4.439   1.00 8.63   ? 97  CYS A O   1 
ATOM   761  C  CB  . CYS A 1 97  ? -2.559  7.620   6.880   1.00 13.84  ? 97  CYS A CB  1 
ATOM   762  S  SG  . CYS A 1 97  ? -1.449  8.997   7.309   1.00 16.60  ? 97  CYS A SG  1 
ATOM   763  N  N   . ALA A 1 98  ? -4.833  6.380   5.339   1.00 13.41  ? 98  ALA A N   1 
ATOM   764  C  CA  . ALA A 1 98  ? -5.506  5.156   4.915   1.00 12.10  ? 98  ALA A CA  1 
ATOM   765  C  C   . ALA A 1 98  ? -5.549  5.079   3.372   1.00 22.20  ? 98  ALA A C   1 
ATOM   766  O  O   . ALA A 1 98  ? -5.474  4.003   2.782   1.00 12.53  ? 98  ALA A O   1 
ATOM   767  C  CB  . ALA A 1 98  ? -6.957  5.068   5.411   1.00 12.77  ? 98  ALA A CB  1 
ATOM   768  N  N   . ALA A 1 99  ? -5.693  6.217   2.655   1.00 9.77   ? 99  ALA A N   1 
ATOM   769  C  CA  . ALA A 1 99  ? -5.731  6.160   1.209   1.00 7.91   ? 99  ALA A CA  1 
ATOM   770  C  C   . ALA A 1 99  ? -4.396  5.770   0.652   1.00 10.79  ? 99  ALA A C   1 
ATOM   771  O  O   . ALA A 1 99  ? -4.346  5.005   -0.295  1.00 12.03  ? 99  ALA A O   1 
ATOM   772  C  CB  . ALA A 1 99  ? -6.114  7.512   0.554   1.00 9.80   ? 99  ALA A CB  1 
ATOM   773  N  N   . ILE A 1 100 ? -3.305  6.314   1.210   1.00 6.27   ? 100 ILE A N   1 
ATOM   774  C  CA  . ILE A 1 100 ? -2.000  5.982   0.711   1.00 10.50  ? 100 ILE A CA  1 
ATOM   775  C  C   . ILE A 1 100 ? -1.715  4.472   0.853   1.00 10.86  ? 100 ILE A C   1 
ATOM   776  O  O   . ILE A 1 100 ? -1.147  3.783   -0.015  1.00 16.95  ? 100 ILE A O   1 
ATOM   777  C  CB  . ILE A 1 100 ? -0.966  6.915   1.380   1.00 12.37  ? 100 ILE A CB  1 
ATOM   778  C  CG1 . ILE A 1 100 ? -1.203  8.420   1.081   1.00 7.97   ? 100 ILE A CG1 1 
ATOM   779  C  CG2 . ILE A 1 100 ? 0.473   6.453   1.070   1.00 9.26   ? 100 ILE A CG2 1 
ATOM   780  C  CD1 . ILE A 1 100 ? -0.463  9.357   2.005   1.00 6.54   ? 100 ILE A CD1 1 
ATOM   781  N  N   . ASN A 1 101 ? -2.109  3.917   2.000   1.00 12.12  ? 101 ASN A N   1 
ATOM   782  C  CA  . ASN A 1 101 ? -1.911  2.495   2.296   1.00 7.46   ? 101 ASN A CA  1 
ATOM   783  C  C   . ASN A 1 101 ? -2.604  1.636   1.262   1.00 5.89   ? 101 ASN A C   1 
ATOM   784  O  O   . ASN A 1 101 ? -2.031  0.712   0.733   1.00 12.32  ? 101 ASN A O   1 
ATOM   785  C  CB  . ASN A 1 101 ? -2.549  2.152   3.664   1.00 24.65  ? 101 ASN A CB  1 
ATOM   786  C  CG  . ASN A 1 101 ? -2.115  0.814   4.243   1.00 14.87  ? 101 ASN A CG  1 
ATOM   787  O  OD1 . ASN A 1 101 ? -2.192  -0.172  3.519   1.00 18.57  ? 101 ASN A OD1 1 
ATOM   788  N  ND2 . ASN A 1 101 ? -1.657  0.767   5.504   1.00 7.18   ? 101 ASN A ND2 1 
ATOM   789  N  N   . GLN A 1 102 ? -3.849  1.955   0.957   1.00 7.72   ? 102 GLN A N   1 
ATOM   790  C  CA  . GLN A 1 102 ? -4.474  1.145   -0.059  1.00 16.13  ? 102 GLN A CA  1 
ATOM   791  C  C   . GLN A 1 102 ? -3.758  1.206   -1.399  1.00 13.19  ? 102 GLN A C   1 
ATOM   792  O  O   . GLN A 1 102 ? -3.578  0.244   -2.100  1.00 9.38   ? 102 GLN A O   1 
ATOM   793  C  CB  . GLN A 1 102 ? -5.819  1.693   -0.549  1.00 14.80  ? 102 GLN A CB  1 
ATOM   794  C  CG  . GLN A 1 102 ? -7.024  1.089   0.140   1.00 21.72  ? 102 GLN A CG  1 
ATOM   795  C  CD  . GLN A 1 102 ? -8.325  1.540   -0.480  1.00 30.01  ? 102 GLN A CD  1 
ATOM   796  O  OE1 . GLN A 1 102 ? -8.545  2.727   -0.696  1.00 18.12  ? 102 GLN A OE1 1 
ATOM   797  N  NE2 . GLN A 1 102 ? -9.178  0.615   -0.792  1.00 23.28  ? 102 GLN A NE2 1 
ATOM   798  N  N   . VAL A 1 103 ? -3.403  2.404   -1.813  1.00 14.61  ? 103 VAL A N   1 
ATOM   799  C  CA  . VAL A 1 103 ? -2.734  2.567   -3.094  1.00 16.64  ? 103 VAL A CA  1 
ATOM   800  C  C   . VAL A 1 103 ? -1.360  1.906   -3.057  1.00 21.63  ? 103 VAL A C   1 
ATOM   801  O  O   . VAL A 1 103 ? -0.890  1.405   -4.046  1.00 19.46  ? 103 VAL A O   1 
ATOM   802  C  CB  . VAL A 1 103 ? -2.509  4.064   -3.444  1.00 13.41  ? 103 VAL A CB  1 
ATOM   803  C  CG1 . VAL A 1 103 ? -1.649  4.248   -4.707  1.00 11.61  ? 103 VAL A CG1 1 
ATOM   804  C  CG2 . VAL A 1 103 ? -3.850  4.663   -3.862  1.00 18.29  ? 103 VAL A CG2 1 
ATOM   805  N  N   . PHE A 1 104 ? -0.666  1.935   -1.917  1.00 9.12   ? 104 PHE A N   1 
ATOM   806  C  CA  . PHE A 1 104 ? 0.646   1.330   -1.838  1.00 10.51  ? 104 PHE A CA  1 
ATOM   807  C  C   . PHE A 1 104 ? 0.514   -0.171  -1.989  1.00 19.08  ? 104 PHE A C   1 
ATOM   808  O  O   . PHE A 1 104 ? 1.299   -0.842  -2.611  1.00 23.03  ? 104 PHE A O   1 
ATOM   809  C  CB  . PHE A 1 104 ? 1.173   1.472   -0.393  1.00 6.75   ? 104 PHE A CB  1 
ATOM   810  C  CG  . PHE A 1 104 ? 2.592   0.990   -0.212  1.00 7.32   ? 104 PHE A CG  1 
ATOM   811  C  CD1 . PHE A 1 104 ? 3.678   1.861   -0.256  1.00 12.22  ? 104 PHE A CD1 1 
ATOM   812  C  CD2 . PHE A 1 104 ? 2.842   -0.309  0.221   1.00 5.37   ? 104 PHE A CD2 1 
ATOM   813  C  CE1 . PHE A 1 104 ? 4.976   1.445   0.038   1.00 12.52  ? 104 PHE A CE1 1 
ATOM   814  C  CE2 . PHE A 1 104 ? 4.147   -0.761  0.442   1.00 10.54  ? 104 PHE A CE2 1 
ATOM   815  C  CZ  . PHE A 1 104 ? 5.226   0.107   0.343   1.00 10.56  ? 104 PHE A CZ  1 
ATOM   816  N  N   . GLN A 1 105 ? -0.568  -0.688  -1.492  1.00 14.65  ? 105 GLN A N   1 
ATOM   817  C  CA  . GLN A 1 105 ? -0.812  -2.101  -1.555  1.00 16.23  ? 105 GLN A CA  1 
ATOM   818  C  C   . GLN A 1 105 ? -1.395  -2.567  -2.861  1.00 20.97  ? 105 GLN A C   1 
ATOM   819  O  O   . GLN A 1 105 ? -1.020  -3.623  -3.360  1.00 15.10  ? 105 GLN A O   1 
ATOM   820  C  CB  . GLN A 1 105 ? -1.844  -2.510  -0.483  1.00 13.21  ? 105 GLN A CB  1 
ATOM   821  C  CG  . GLN A 1 105 ? -1.969  -4.037  -0.356  1.00 14.84  ? 105 GLN A CG  1 
ATOM   822  C  CD  . GLN A 1 105 ? -3.129  -4.576  0.507   1.00 15.29  ? 105 GLN A CD  1 
ATOM   823  O  OE1 . GLN A 1 105 ? -3.820  -3.897  1.256   1.00 19.48  ? 105 GLN A OE1 1 
ATOM   824  N  NE2 . GLN A 1 105 ? -3.343  -5.868  0.447   1.00 17.29  ? 105 GLN A NE2 1 
ATOM   825  N  N   . MET A 1 106 ? -2.306  -1.789  -3.445  1.00 18.68  ? 106 MET A N   1 
ATOM   826  C  CA  . MET A 1 106 ? -2.964  -2.268  -4.631  1.00 20.19  ? 106 MET A CA  1 
ATOM   827  C  C   . MET A 1 106 ? -2.717  -1.522  -5.939  1.00 18.60  ? 106 MET A C   1 
ATOM   828  O  O   . MET A 1 106 ? -3.173  -1.960  -6.991  1.00 25.52  ? 106 MET A O   1 
ATOM   829  C  CB  . MET A 1 106 ? -4.399  -2.734  -4.196  1.00 20.22  ? 106 MET A CB  1 
ATOM   830  C  CG  . MET A 1 106 ? -5.568  -1.775  -4.218  1.00 28.52  ? 106 MET A CG  1 
ATOM   831  S  SD  . MET A 1 106 ? -6.880  -2.531  -3.203  1.00 31.93  ? 106 MET A SD  1 
ATOM   832  C  CE  . MET A 1 106 ? -8.058  -1.176  -2.971  1.00 62.75  ? 106 MET A CE  1 
ATOM   833  N  N   . GLY A 1 107 ? -1.987  -0.427  -5.896  1.00 18.05  ? 107 GLY A N   1 
ATOM   834  C  CA  . GLY A 1 107 ? -1.763  0.348   -7.115  1.00 19.87  ? 107 GLY A CA  1 
ATOM   835  C  C   . GLY A 1 107 ? -2.983  1.223   -7.416  1.00 21.12  ? 107 GLY A C   1 
ATOM   836  O  O   . GLY A 1 107 ? -4.096  0.991   -6.896  1.00 29.05  ? 107 GLY A O   1 
ATOM   837  N  N   . GLU A 1 108 ? -2.693  2.241   -8.235  1.00 39.27  ? 108 GLU A N   1 
ATOM   838  C  CA  . GLU A 1 108 ? -3.562  3.343   -8.641  1.00 41.59  ? 108 GLU A CA  1 
ATOM   839  C  C   . GLU A 1 108 ? -4.681  2.770   -9.444  1.00 44.15  ? 108 GLU A C   1 
ATOM   840  O  O   . GLU A 1 108 ? -5.800  3.254   -9.524  1.00 55.24  ? 108 GLU A O   1 
ATOM   841  C  CB  . GLU A 1 108 ? -2.680  4.581   -9.003  1.00 42.56  ? 108 GLU A CB  1 
ATOM   842  C  CG  . GLU A 1 108 ? -3.029  5.383   -10.273 1.00 35.14  ? 108 GLU A CG  1 
ATOM   843  C  CD  . GLU A 1 108 ? -1.801  6.041   -10.825 1.00 100.00 ? 108 GLU A CD  1 
ATOM   844  O  OE1 . GLU A 1 108 ? -0.739  5.452   -10.885 1.00 100.00 ? 108 GLU A OE1 1 
ATOM   845  O  OE2 . GLU A 1 108 ? -1.973  7.306   -11.158 1.00 85.27  ? 108 GLU A OE2 1 
ATOM   846  N  N   . THR A 1 109 ? -4.292  1.669   -9.999  1.00 46.93  ? 109 THR A N   1 
ATOM   847  C  CA  . THR A 1 109 ? -5.096  0.821   -10.827 1.00 47.39  ? 109 THR A CA  1 
ATOM   848  C  C   . THR A 1 109 ? -6.204  0.163   -10.022 1.00 61.27  ? 109 THR A C   1 
ATOM   849  O  O   . THR A 1 109 ? -7.387  0.392   -10.249 1.00 68.51  ? 109 THR A O   1 
ATOM   850  C  CB  . THR A 1 109 ? -4.075  -0.194  -11.367 1.00 100.00 ? 109 THR A CB  1 
ATOM   851  O  OG1 . THR A 1 109 ? -3.067  -0.455  -10.394 1.00 100.00 ? 109 THR A OG1 1 
ATOM   852  C  CG2 . THR A 1 109 ? -3.517  0.694   -12.463 1.00 100.00 ? 109 THR A CG2 1 
ATOM   853  N  N   . GLY A 1 110 ? -5.770  -0.662  -9.069  1.00 72.27  ? 110 GLY A N   1 
ATOM   854  C  CA  . GLY A 1 110 ? -6.645  -1.381  -8.174  1.00 58.95  ? 110 GLY A CA  1 
ATOM   855  C  C   . GLY A 1 110 ? -7.615  -0.392  -7.588  1.00 52.15  ? 110 GLY A C   1 
ATOM   856  O  O   . GLY A 1 110 ? -8.795  -0.434  -7.856  1.00 52.13  ? 110 GLY A O   1 
ATOM   857  N  N   . VAL A 1 111 ? -7.090  0.563   -6.841  1.00 45.40  ? 111 VAL A N   1 
ATOM   858  C  CA  . VAL A 1 111 ? -7.925  1.564   -6.209  1.00 39.01  ? 111 VAL A CA  1 
ATOM   859  C  C   . VAL A 1 111 ? -8.886  2.346   -7.114  1.00 60.42  ? 111 VAL A C   1 
ATOM   860  O  O   . VAL A 1 111 ? -9.998  2.641   -6.673  1.00 52.77  ? 111 VAL A O   1 
ATOM   861  C  CB  . VAL A 1 111 ? -7.074  2.498   -5.377  1.00 37.57  ? 111 VAL A CB  1 
ATOM   862  C  CG1 . VAL A 1 111 ? -7.989  3.418   -4.579  1.00 35.65  ? 111 VAL A CG1 1 
ATOM   863  C  CG2 . VAL A 1 111 ? -6.204  1.604   -4.501  1.00 35.17  ? 111 VAL A CG2 1 
ATOM   864  N  N   . ALA A 1 112 ? -8.504  2.683   -8.361  1.00 65.90  ? 112 ALA A N   1 
ATOM   865  C  CA  . ALA A 1 112 ? -9.356  3.476   -9.281  1.00 68.52  ? 112 ALA A CA  1 
ATOM   866  C  C   . ALA A 1 112 ? -10.770 2.856   -9.632  1.00 73.43  ? 112 ALA A C   1 
ATOM   867  O  O   . ALA A 1 112 ? -11.718 3.582   -10.004 1.00 81.78  ? 112 ALA A O   1 
ATOM   868  C  CB  . ALA A 1 112 ? -8.453  4.365   -10.171 1.00 48.36  ? 112 ALA A CB  1 
ATOM   869  N  N   . GLY A 1 113 ? -10.959 1.532   -9.454  1.00 39.09  ? 113 GLY A N   1 
ATOM   870  C  CA  . GLY A 1 113 ? -12.236 0.798   -9.668  1.00 62.64  ? 113 GLY A CA  1 
ATOM   871  C  C   . GLY A 1 113 ? -13.177 0.598   -8.438  1.00 76.40  ? 113 GLY A C   1 
ATOM   872  O  O   . GLY A 1 113 ? -14.199 -0.133  -8.492  1.00 61.34  ? 113 GLY A O   1 
ATOM   873  N  N   . PHE A 1 114 ? -12.826 1.290   -7.334  1.00 30.61  ? 114 PHE A N   1 
ATOM   874  C  CA  . PHE A 1 114 ? -13.557 1.393   -6.092  1.00 14.59  ? 114 PHE A CA  1 
ATOM   875  C  C   . PHE A 1 114 ? -14.426 2.650   -6.136  1.00 18.00  ? 114 PHE A C   1 
ATOM   876  O  O   . PHE A 1 114 ? -14.667 3.361   -5.170  1.00 26.41  ? 114 PHE A O   1 
ATOM   877  C  CB  . PHE A 1 114 ? -12.520 1.496   -4.998  1.00 19.06  ? 114 PHE A CB  1 
ATOM   878  C  CG  . PHE A 1 114 ? -12.042 0.167   -4.460  1.00 32.52  ? 114 PHE A CG  1 
ATOM   879  C  CD1 . PHE A 1 114 ? -11.255 -0.682  -5.237  1.00 43.85  ? 114 PHE A CD1 1 
ATOM   880  C  CD2 . PHE A 1 114 ? -12.345 -0.243  -3.162  1.00 28.98  ? 114 PHE A CD2 1 
ATOM   881  C  CE1 . PHE A 1 114 ? -10.801 -1.900  -4.729  1.00 28.90  ? 114 PHE A CE1 1 
ATOM   882  C  CE2 . PHE A 1 114 ? -11.898 -1.455  -2.633  1.00 32.91  ? 114 PHE A CE2 1 
ATOM   883  C  CZ  . PHE A 1 114 ? -11.112 -2.291  -3.426  1.00 30.33  ? 114 PHE A CZ  1 
ATOM   884  N  N   . THR A 1 115 ? -14.862 2.951   -7.332  1.00 14.64  ? 115 THR A N   1 
ATOM   885  C  CA  . THR A 1 115 ? -15.660 4.100   -7.622  1.00 16.85  ? 115 THR A CA  1 
ATOM   886  C  C   . THR A 1 115 ? -16.763 4.388   -6.652  1.00 23.95  ? 115 THR A C   1 
ATOM   887  O  O   . THR A 1 115 ? -16.905 5.504   -6.164  1.00 20.19  ? 115 THR A O   1 
ATOM   888  C  CB  . THR A 1 115 ? -16.405 3.818   -8.926  1.00 31.79  ? 115 THR A CB  1 
ATOM   889  O  OG1 . THR A 1 115 ? -15.453 3.623   -9.934  1.00 43.77  ? 115 THR A OG1 1 
ATOM   890  C  CG2 . THR A 1 115 ? -17.242 5.035   -9.209  1.00 41.18  ? 115 THR A CG2 1 
ATOM   891  N  N   . ASN A 1 116 ? -17.554 3.372   -6.358  1.00 15.11  ? 116 ASN A N   1 
ATOM   892  C  CA  . ASN A 1 116 ? -18.613 3.610   -5.406  1.00 16.97  ? 116 ASN A CA  1 
ATOM   893  C  C   . ASN A 1 116 ? -18.084 4.001   -4.023  1.00 18.38  ? 116 ASN A C   1 
ATOM   894  O  O   . ASN A 1 116 ? -18.610 4.850   -3.318  1.00 18.76  ? 116 ASN A O   1 
ATOM   895  C  CB  . ASN A 1 116 ? -19.581 2.379   -5.259  1.00 15.48  ? 116 ASN A CB  1 
ATOM   896  C  CG  . ASN A 1 116 ? -20.190 2.049   -6.610  1.00 32.67  ? 116 ASN A CG  1 
ATOM   897  O  OD1 . ASN A 1 116 ? -20.488 2.993   -7.297  1.00 30.29  ? 116 ASN A OD1 1 
ATOM   898  N  ND2 . ASN A 1 116 ? -20.312 0.791   -7.068  1.00 17.06  ? 116 ASN A ND2 1 
ATOM   899  N  N   . SER A 1 117 ? -17.054 3.341   -3.571  1.00 13.21  ? 117 SER A N   1 
ATOM   900  C  CA  . SER A 1 117 ? -16.621 3.679   -2.229  1.00 14.08  ? 117 SER A CA  1 
ATOM   901  C  C   . SER A 1 117 ? -15.981 5.031   -2.209  1.00 15.68  ? 117 SER A C   1 
ATOM   902  O  O   . SER A 1 117 ? -16.007 5.744   -1.234  1.00 11.19  ? 117 SER A O   1 
ATOM   903  C  CB  . SER A 1 117 ? -15.379 2.883   -1.888  1.00 17.42  ? 117 SER A CB  1 
ATOM   904  O  OG  . SER A 1 117 ? -15.710 1.510   -1.834  1.00 25.23  ? 117 SER A OG  1 
ATOM   905  N  N   . LEU A 1 118 ? -15.362 5.357   -3.333  1.00 11.62  ? 118 LEU A N   1 
ATOM   906  C  CA  . LEU A 1 118 ? -14.688 6.628   -3.430  1.00 21.69  ? 118 LEU A CA  1 
ATOM   907  C  C   . LEU A 1 118 ? -15.682 7.736   -3.326  1.00 16.53  ? 118 LEU A C   1 
ATOM   908  O  O   . LEU A 1 118 ? -15.521 8.778   -2.657  1.00 16.46  ? 118 LEU A O   1 
ATOM   909  C  CB  . LEU A 1 118 ? -14.010 6.809   -4.801  1.00 18.19  ? 118 LEU A CB  1 
ATOM   910  C  CG  . LEU A 1 118 ? -12.769 5.935   -4.945  1.00 34.18  ? 118 LEU A CG  1 
ATOM   911  C  CD1 . LEU A 1 118 ? -12.352 6.000   -6.405  1.00 33.97  ? 118 LEU A CD1 1 
ATOM   912  C  CD2 . LEU A 1 118 ? -11.612 6.361   -4.023  1.00 19.22  ? 118 LEU A CD2 1 
ATOM   913  N  N   . ARG A 1 119 ? -16.756 7.492   -4.008  1.00 13.34  ? 119 ARG A N   1 
ATOM   914  C  CA  . ARG A 1 119 ? -17.774 8.520   -3.957  1.00 12.85  ? 119 ARG A CA  1 
ATOM   915  C  C   . ARG A 1 119 ? -18.270 8.707   -2.533  1.00 25.82  ? 119 ARG A C   1 
ATOM   916  O  O   . ARG A 1 119 ? -18.494 9.830   -2.052  1.00 28.70  ? 119 ARG A O   1 
ATOM   917  C  CB  . ARG A 1 119 ? -19.111 8.115   -4.607  1.00 16.17  ? 119 ARG A CB  1 
ATOM   918  C  CG  . ARG A 1 119 ? -19.211 8.332   -6.098  1.00 88.01  ? 119 ARG A CG  1 
ATOM   919  C  CD  . ARG A 1 119 ? -20.662 8.152   -6.540  1.00 100.00 ? 119 ARG A CD  1 
ATOM   920  N  NE  . ARG A 1 119 ? -20.821 7.181   -7.630  1.00 100.00 ? 119 ARG A NE  1 
ATOM   921  C  CZ  . ARG A 1 119 ? -21.309 5.926   -7.527  1.00 100.00 ? 119 ARG A CZ  1 
ATOM   922  N  NH1 . ARG A 1 119 ? -21.732 5.405   -6.350  1.00 100.00 ? 119 ARG A NH1 1 
ATOM   923  N  NH2 . ARG A 1 119 ? -21.367 5.173   -8.644  1.00 100.00 ? 119 ARG A NH2 1 
ATOM   924  N  N   . MET A 1 120 ? -18.418 7.570   -1.846  1.00 20.31  ? 120 MET A N   1 
ATOM   925  C  CA  . MET A 1 120 ? -18.914 7.617   -0.485  1.00 13.47  ? 120 MET A CA  1 
ATOM   926  C  C   . MET A 1 120 ? -17.940 8.258   0.466   1.00 15.89  ? 120 MET A C   1 
ATOM   927  O  O   . MET A 1 120 ? -18.319 8.949   1.378   1.00 17.20  ? 120 MET A O   1 
ATOM   928  C  CB  . MET A 1 120 ? -19.240 6.257   0.114   1.00 8.60   ? 120 MET A CB  1 
ATOM   929  C  CG  . MET A 1 120 ? -20.476 5.691   -0.497  1.00 20.16  ? 120 MET A CG  1 
ATOM   930  S  SD  . MET A 1 120 ? -20.551 3.933   -0.101  1.00 34.30  ? 120 MET A SD  1 
ATOM   931  C  CE  . MET A 1 120 ? -21.861 3.260   -1.138  1.00 30.10  ? 120 MET A CE  1 
ATOM   932  N  N   . LEU A 1 121 ? -16.676 7.997   0.278   1.00 13.53  ? 121 LEU A N   1 
ATOM   933  C  CA  . LEU A 1 121 ? -15.711 8.658   1.158   1.00 15.39  ? 121 LEU A CA  1 
ATOM   934  C  C   . LEU A 1 121 ? -15.721 10.199  0.885   1.00 31.57  ? 121 LEU A C   1 
ATOM   935  O  O   . LEU A 1 121 ? -15.535 11.081  1.724   1.00 20.09  ? 121 LEU A O   1 
ATOM   936  C  CB  . LEU A 1 121 ? -14.354 8.150   0.670   1.00 14.96  ? 121 LEU A CB  1 
ATOM   937  C  CG  . LEU A 1 121 ? -14.068 6.728   1.138   1.00 20.15  ? 121 LEU A CG  1 
ATOM   938  C  CD1 . LEU A 1 121 ? -12.668 6.321   0.686   1.00 24.25  ? 121 LEU A CD1 1 
ATOM   939  C  CD2 . LEU A 1 121 ? -13.946 6.718   2.657   1.00 13.98  ? 121 LEU A CD2 1 
ATOM   940  N  N   . GLN A 1 122 ? -15.914 10.566  -0.367  1.00 9.62   ? 122 GLN A N   1 
ATOM   941  C  CA  . GLN A 1 122 ? -15.901 11.950  -0.670  1.00 19.49  ? 122 GLN A CA  1 
ATOM   942  C  C   . GLN A 1 122 ? -17.092 12.652  -0.036  1.00 28.18  ? 122 GLN A C   1 
ATOM   943  O  O   . GLN A 1 122 ? -17.025 13.781  0.416   1.00 16.34  ? 122 GLN A O   1 
ATOM   944  C  CB  . GLN A 1 122 ? -15.912 12.048  -2.175  1.00 15.76  ? 122 GLN A CB  1 
ATOM   945  C  CG  . GLN A 1 122 ? -15.655 13.505  -2.527  1.00 26.49  ? 122 GLN A CG  1 
ATOM   946  C  CD  . GLN A 1 122 ? -15.728 13.633  -4.013  1.00 58.39  ? 122 GLN A CD  1 
ATOM   947  O  OE1 . GLN A 1 122 ? -16.286 12.739  -4.702  1.00 100.00 ? 122 GLN A OE1 1 
ATOM   948  N  NE2 . GLN A 1 122 ? -15.147 14.739  -4.470  1.00 45.53  ? 122 GLN A NE2 1 
ATOM   949  N  N   . GLN A 1 123 ? -18.217 11.978  0.018   1.00 10.60  ? 123 GLN A N   1 
ATOM   950  C  CA  . GLN A 1 123 ? -19.348 12.546  0.661   1.00 10.66  ? 123 GLN A CA  1 
ATOM   951  C  C   . GLN A 1 123 ? -19.346 12.409  2.160   1.00 20.79  ? 123 GLN A C   1 
ATOM   952  O  O   . GLN A 1 123 ? -20.293 12.865  2.804   1.00 22.69  ? 123 GLN A O   1 
ATOM   953  C  CB  . GLN A 1 123 ? -20.547 11.687  0.369   1.00 15.79  ? 123 GLN A CB  1 
ATOM   954  C  CG  . GLN A 1 123 ? -20.838 11.909  -1.091  1.00 20.80  ? 123 GLN A CG  1 
ATOM   955  C  CD  . GLN A 1 123 ? -22.084 11.129  -1.479  1.00 43.73  ? 123 GLN A CD  1 
ATOM   956  O  OE1 . GLN A 1 123 ? -22.881 11.606  -2.274  1.00 37.60  ? 123 GLN A OE1 1 
ATOM   957  N  NE2 . GLN A 1 123 ? -22.250 9.932   -0.913  1.00 92.01  ? 123 GLN A NE2 1 
ATOM   958  N  N   . LYS A 1 124 ? -18.279 11.794  2.725   1.00 23.36  ? 124 LYS A N   1 
ATOM   959  C  CA  . LYS A 1 124 ? -18.125 11.619  4.187   1.00 8.52   ? 124 LYS A CA  1 
ATOM   960  C  C   . LYS A 1 124 ? -19.203 10.715  4.831   1.00 9.37   ? 124 LYS A C   1 
ATOM   961  O  O   . LYS A 1 124 ? -19.603 10.858  5.987   1.00 19.55  ? 124 LYS A O   1 
ATOM   962  C  CB  . LYS A 1 124 ? -17.833 12.874  5.074   1.00 18.65  ? 124 LYS A CB  1 
ATOM   963  C  CG  . LYS A 1 124 ? -16.882 13.885  4.442   1.00 17.17  ? 124 LYS A CG  1 
ATOM   964  C  CD  . LYS A 1 124 ? -16.251 14.925  5.370   1.00 13.43  ? 124 LYS A CD  1 
ATOM   965  C  CE  . LYS A 1 124 ? -15.107 15.644  4.630   1.00 10.24  ? 124 LYS A CE  1 
ATOM   966  N  NZ  . LYS A 1 124 ? -13.885 14.815  4.499   1.00 18.91  ? 124 LYS A NZ  1 
ATOM   967  N  N   . ARG A 1 125 ? -19.615 9.715   4.096   1.00 13.95  ? 125 ARG A N   1 
ATOM   968  C  CA  . ARG A 1 125 ? -20.547 8.679   4.558   1.00 11.41  ? 125 ARG A CA  1 
ATOM   969  C  C   . ARG A 1 125 ? -19.692 7.491   5.029   1.00 22.96  ? 125 ARG A C   1 
ATOM   970  O  O   . ARG A 1 125 ? -19.632 6.464   4.351   1.00 13.31  ? 125 ARG A O   1 
ATOM   971  C  CB  . ARG A 1 125 ? -21.426 8.333   3.337   1.00 19.33  ? 125 ARG A CB  1 
ATOM   972  C  CG  . ARG A 1 125 ? -22.398 9.432   2.845   1.00 15.99  ? 125 ARG A CG  1 
ATOM   973  C  CD  . ARG A 1 125 ? -23.036 8.882   1.546   1.00 27.19  ? 125 ARG A CD  1 
ATOM   974  N  NE  . ARG A 1 125 ? -24.420 9.191   1.226   1.00 62.12  ? 125 ARG A NE  1 
ATOM   975  C  CZ  . ARG A 1 125 ? -24.890 10.433  0.941   1.00 100.00 ? 125 ARG A CZ  1 
ATOM   976  N  NH1 . ARG A 1 125 ? -24.110 11.544  0.947   1.00 100.00 ? 125 ARG A NH1 1 
ATOM   977  N  NH2 . ARG A 1 125 ? -26.205 10.560  0.670   1.00 44.91  ? 125 ARG A NH2 1 
ATOM   978  N  N   . TRP A 1 126 ? -19.029 7.665   6.197   1.00 13.56  ? 126 TRP A N   1 
ATOM   979  C  CA  . TRP A 1 126 ? -18.061 6.736   6.741   1.00 12.93  ? 126 TRP A CA  1 
ATOM   980  C  C   . TRP A 1 126 ? -18.506 5.318   6.873   1.00 18.45  ? 126 TRP A C   1 
ATOM   981  O  O   . TRP A 1 126 ? -17.872 4.381   6.467   1.00 12.83  ? 126 TRP A O   1 
ATOM   982  C  CB  . TRP A 1 126 ? -17.477 7.303   8.036   1.00 3.73   ? 126 TRP A CB  1 
ATOM   983  C  CG  . TRP A 1 126 ? -17.030 8.755   7.878   1.00 8.94   ? 126 TRP A CG  1 
ATOM   984  C  CD1 . TRP A 1 126 ? -17.332 9.808   8.697   1.00 16.31  ? 126 TRP A CD1 1 
ATOM   985  C  CD2 . TRP A 1 126 ? -16.128 9.306   6.923   1.00 7.42   ? 126 TRP A CD2 1 
ATOM   986  N  NE1 . TRP A 1 126 ? -16.680 10.963  8.341   1.00 10.83  ? 126 TRP A NE1 1 
ATOM   987  C  CE2 . TRP A 1 126 ? -15.944 10.695  7.252   1.00 13.18  ? 126 TRP A CE2 1 
ATOM   988  C  CE3 . TRP A 1 126 ? -15.423 8.759   5.830   1.00 13.60  ? 126 TRP A CE3 1 
ATOM   989  C  CZ2 . TRP A 1 126 ? -15.086 11.533  6.539   1.00 11.81  ? 126 TRP A CZ2 1 
ATOM   990  C  CZ3 . TRP A 1 126 ? -14.615 9.615   5.074   1.00 11.01  ? 126 TRP A CZ3 1 
ATOM   991  C  CH2 . TRP A 1 126 ? -14.421 10.976  5.450   1.00 13.22  ? 126 TRP A CH2 1 
ATOM   992  N  N   . ASP A 1 127 ? -19.604 5.144   7.517   1.00 11.87  ? 127 ASP A N   1 
ATOM   993  C  CA  . ASP A 1 127 ? -20.044 3.797   7.735   1.00 14.30  ? 127 ASP A CA  1 
ATOM   994  C  C   . ASP A 1 127 ? -20.461 3.160   6.453   1.00 21.24  ? 127 ASP A C   1 
ATOM   995  O  O   . ASP A 1 127 ? -20.196 1.988   6.221   1.00 19.46  ? 127 ASP A O   1 
ATOM   996  C  CB  . ASP A 1 127 ? -21.191 3.730   8.758   1.00 18.18  ? 127 ASP A CB  1 
ATOM   997  C  CG  . ASP A 1 127 ? -20.783 4.167   10.154  1.00 23.53  ? 127 ASP A CG  1 
ATOM   998  O  OD1 . ASP A 1 127 ? -19.751 4.756   10.469  1.00 32.86  ? 127 ASP A OD1 1 
ATOM   999  O  OD2 . ASP A 1 127 ? -21.724 3.869   10.994  1.00 27.16  ? 127 ASP A OD2 1 
ATOM   1000 N  N   . GLU A 1 128 ? -21.063 3.957   5.582   1.00 17.86  ? 128 GLU A N   1 
ATOM   1001 C  CA  . GLU A 1 128 ? -21.440 3.386   4.322   1.00 14.09  ? 128 GLU A CA  1 
ATOM   1002 C  C   . GLU A 1 128 ? -20.286 2.937   3.481   1.00 18.55  ? 128 GLU A C   1 
ATOM   1003 O  O   . GLU A 1 128 ? -20.357 1.833   2.898   1.00 16.28  ? 128 GLU A O   1 
ATOM   1004 C  CB  . GLU A 1 128 ? -22.305 4.310   3.489   1.00 23.08  ? 128 GLU A CB  1 
ATOM   1005 C  CG  . GLU A 1 128 ? -23.680 4.470   4.166   1.00 29.86  ? 128 GLU A CG  1 
ATOM   1006 C  CD  . GLU A 1 128 ? -24.521 5.485   3.456   1.00 100.00 ? 128 GLU A CD  1 
ATOM   1007 O  OE1 . GLU A 1 128 ? -24.759 5.445   2.245   1.00 100.00 ? 128 GLU A OE1 1 
ATOM   1008 O  OE2 . GLU A 1 128 ? -24.928 6.429   4.277   1.00 100.00 ? 128 GLU A OE2 1 
ATOM   1009 N  N   . ALA A 1 129 ? -19.259 3.790   3.442   1.00 12.75  ? 129 ALA A N   1 
ATOM   1010 C  CA  . ALA A 1 129 ? -18.039 3.493   2.681   1.00 14.97  ? 129 ALA A CA  1 
ATOM   1011 C  C   . ALA A 1 129 ? -17.408 2.186   3.209   1.00 8.17   ? 129 ALA A C   1 
ATOM   1012 O  O   . ALA A 1 129 ? -16.979 1.328   2.434   1.00 13.22  ? 129 ALA A O   1 
ATOM   1013 C  CB  . ALA A 1 129 ? -17.183 4.746   2.789   1.00 7.11   ? 129 ALA A CB  1 
ATOM   1014 N  N   . ALA A 1 130 ? -17.371 2.067   4.557   1.00 10.51  ? 130 ALA A N   1 
ATOM   1015 C  CA  . ALA A 1 130 ? -16.787 0.960   5.275   1.00 10.48  ? 130 ALA A CA  1 
ATOM   1016 C  C   . ALA A 1 130 ? -17.441 -0.350  4.882   1.00 18.05  ? 130 ALA A C   1 
ATOM   1017 O  O   . ALA A 1 130 ? -16.763 -1.290  4.513   1.00 18.69  ? 130 ALA A O   1 
ATOM   1018 C  CB  . ALA A 1 130 ? -16.800 1.242   6.762   1.00 15.35  ? 130 ALA A CB  1 
ATOM   1019 N  N   . VAL A 1 131 ? -18.765 -0.422  4.883   1.00 12.61  ? 131 VAL A N   1 
ATOM   1020 C  CA  . VAL A 1 131 ? -19.452 -1.643  4.420   1.00 11.12  ? 131 VAL A CA  1 
ATOM   1021 C  C   . VAL A 1 131 ? -19.122 -1.907  2.918   1.00 17.56  ? 131 VAL A C   1 
ATOM   1022 O  O   . VAL A 1 131 ? -18.776 -2.982  2.475   1.00 24.64  ? 131 VAL A O   1 
ATOM   1023 C  CB  . VAL A 1 131 ? -20.978 -1.448  4.540   1.00 16.79  ? 131 VAL A CB  1 
ATOM   1024 C  CG1 . VAL A 1 131 ? -21.731 -2.422  3.645   1.00 18.39  ? 131 VAL A CG1 1 
ATOM   1025 C  CG2 . VAL A 1 131 ? -21.393 -1.620  5.991   1.00 16.82  ? 131 VAL A CG2 1 
ATOM   1026 N  N   . ASN A 1 132 ? -19.156 -0.887  2.081   1.00 22.14  ? 132 ASN A N   1 
ATOM   1027 C  CA  . ASN A 1 132 ? -18.856 -1.060  0.660   1.00 10.58  ? 132 ASN A CA  1 
ATOM   1028 C  C   . ASN A 1 132 ? -17.458 -1.580  0.410   1.00 15.36  ? 132 ASN A C   1 
ATOM   1029 O  O   . ASN A 1 132 ? -17.129 -2.453  -0.380  1.00 9.35   ? 132 ASN A O   1 
ATOM   1030 C  CB  . ASN A 1 132 ? -19.008 0.308   -0.058  1.00 14.39  ? 132 ASN A CB  1 
ATOM   1031 C  CG  . ASN A 1 132 ? -18.930 0.192   -1.569  1.00 21.82  ? 132 ASN A CG  1 
ATOM   1032 O  OD1 . ASN A 1 132 ? -17.887 0.281   -2.215  1.00 20.44  ? 132 ASN A OD1 1 
ATOM   1033 N  ND2 . ASN A 1 132 ? -20.011 -0.235  -2.158  1.00 17.49  ? 132 ASN A ND2 1 
ATOM   1034 N  N   . LEU A 1 133 ? -16.569 -0.999  1.129   1.00 12.35  ? 133 LEU A N   1 
ATOM   1035 C  CA  . LEU A 1 133 ? -15.190 -1.392  0.915   1.00 22.19  ? 133 LEU A CA  1 
ATOM   1036 C  C   . LEU A 1 133 ? -14.933 -2.881  1.215   1.00 12.22  ? 133 LEU A C   1 
ATOM   1037 O  O   . LEU A 1 133 ? -14.045 -3.542  0.676   1.00 14.77  ? 133 LEU A O   1 
ATOM   1038 C  CB  . LEU A 1 133 ? -14.255 -0.519  1.841   1.00 20.40  ? 133 LEU A CB  1 
ATOM   1039 C  CG  . LEU A 1 133 ? -13.894 0.910   1.373   1.00 17.35  ? 133 LEU A CG  1 
ATOM   1040 C  CD1 . LEU A 1 133 ? -13.189 1.649   2.548   1.00 16.27  ? 133 LEU A CD1 1 
ATOM   1041 C  CD2 . LEU A 1 133 ? -12.965 0.878   0.150   1.00 11.08  ? 133 LEU A CD2 1 
ATOM   1042 N  N   . ALA A 1 134 ? -15.679 -3.415  2.159   1.00 12.28  ? 134 ALA A N   1 
ATOM   1043 C  CA  . ALA A 1 134 ? -15.485 -4.807  2.555   1.00 15.38  ? 134 ALA A CA  1 
ATOM   1044 C  C   . ALA A 1 134 ? -15.992 -5.781  1.518   1.00 12.67  ? 134 ALA A C   1 
ATOM   1045 O  O   . ALA A 1 134 ? -15.662 -6.965  1.555   1.00 17.96  ? 134 ALA A O   1 
ATOM   1046 C  CB  . ALA A 1 134 ? -16.065 -5.076  3.940   1.00 14.05  ? 134 ALA A CB  1 
ATOM   1047 N  N   . LYS A 1 135 ? -16.808 -5.275  0.604   1.00 13.59  ? 135 LYS A N   1 
ATOM   1048 C  CA  . LYS A 1 135 ? -17.335 -6.132  -0.448  1.00 9.14   ? 135 LYS A CA  1 
ATOM   1049 C  C   . LYS A 1 135 ? -16.337 -6.162  -1.565  1.00 16.49  ? 135 LYS A C   1 
ATOM   1050 O  O   . LYS A 1 135 ? -16.525 -5.619  -2.637  1.00 16.05  ? 135 LYS A O   1 
ATOM   1051 C  CB  . LYS A 1 135 ? -18.700 -5.649  -0.872  1.00 19.42  ? 135 LYS A CB  1 
ATOM   1052 C  CG  . LYS A 1 135 ? -19.658 -5.552  0.325   1.00 21.99  ? 135 LYS A CG  1 
ATOM   1053 C  CD  . LYS A 1 135 ? -21.142 -5.352  -0.030  1.00 22.79  ? 135 LYS A CD  1 
ATOM   1054 C  CE  . LYS A 1 135 ? -21.578 -3.961  -0.520  1.00 100.00 ? 135 LYS A CE  1 
ATOM   1055 N  NZ  . LYS A 1 135 ? -22.994 -3.836  -0.977  1.00 88.46  ? 135 LYS A NZ  1 
ATOM   1056 N  N   . SER A 1 136 ? -15.219 -6.788  -1.280  1.00 9.33   ? 136 SER A N   1 
ATOM   1057 C  CA  . SER A 1 136 ? -14.174 -6.746  -2.256  1.00 13.80  ? 136 SER A CA  1 
ATOM   1058 C  C   . SER A 1 136 ? -13.202 -7.898  -2.112  1.00 13.70  ? 136 SER A C   1 
ATOM   1059 O  O   . SER A 1 136 ? -12.993 -8.483  -1.053  1.00 11.83  ? 136 SER A O   1 
ATOM   1060 C  CB  . SER A 1 136 ? -13.300 -5.471  -2.060  1.00 17.46  ? 136 SER A CB  1 
ATOM   1061 O  OG  . SER A 1 136 ? -12.753 -5.446  -0.710  1.00 12.72  ? 136 SER A OG  1 
ATOM   1062 N  N   . ARG A 1 137 ? -12.579 -8.216  -3.228  1.00 12.38  ? 137 ARG A N   1 
ATOM   1063 C  CA  . ARG A 1 137 ? -11.632 -9.269  -3.184  1.00 8.54   ? 137 ARG A CA  1 
ATOM   1064 C  C   . ARG A 1 137 ? -10.529 -8.901  -2.194  1.00 17.46  ? 137 ARG A C   1 
ATOM   1065 O  O   . ARG A 1 137 ? -10.026 -9.747  -1.482  1.00 10.99  ? 137 ARG A O   1 
ATOM   1066 C  CB  . ARG A 1 137 ? -10.988 -9.430  -4.561  1.00 13.06  ? 137 ARG A CB  1 
ATOM   1067 C  CG  . ARG A 1 137 ? -9.942  -10.515 -4.402  1.00 19.12  ? 137 ARG A CG  1 
ATOM   1068 C  CD  . ARG A 1 137 ? -9.062  -10.542 -5.644  1.00 15.65  ? 137 ARG A CD  1 
ATOM   1069 N  NE  . ARG A 1 137 ? -8.198  -11.731 -5.775  1.00 34.69  ? 137 ARG A NE  1 
ATOM   1070 C  CZ  . ARG A 1 137 ? -6.920  -11.809 -5.432  1.00 100.00 ? 137 ARG A CZ  1 
ATOM   1071 N  NH1 . ARG A 1 137 ? -6.245  -10.780 -4.892  1.00 21.78  ? 137 ARG A NH1 1 
ATOM   1072 N  NH2 . ARG A 1 137 ? -6.315  -12.973 -5.623  1.00 50.66  ? 137 ARG A NH2 1 
ATOM   1073 N  N   . TRP A 1 138 ? -10.148 -7.600  -2.156  1.00 13.64  ? 138 TRP A N   1 
ATOM   1074 C  CA  . TRP A 1 138 ? -9.085  -7.073  -1.272  1.00 14.43  ? 138 TRP A CA  1 
ATOM   1075 C  C   . TRP A 1 138 ? -9.308  -7.465  0.210   1.00 13.12  ? 138 TRP A C   1 
ATOM   1076 O  O   . TRP A 1 138 ? -8.475  -8.014  0.961   1.00 21.15  ? 138 TRP A O   1 
ATOM   1077 C  CB  . TRP A 1 138 ? -9.128  -5.541  -1.342  1.00 19.59  ? 138 TRP A CB  1 
ATOM   1078 C  CG  . TRP A 1 138 ? -8.338  -4.804  -0.281  1.00 18.68  ? 138 TRP A CG  1 
ATOM   1079 C  CD1 . TRP A 1 138 ? -6.994  -4.898  -0.027  1.00 19.72  ? 138 TRP A CD1 1 
ATOM   1080 C  CD2 . TRP A 1 138 ? -8.820  -3.723  0.540   1.00 13.21  ? 138 TRP A CD2 1 
ATOM   1081 N  NE1 . TRP A 1 138 ? -6.620  -3.983  0.951   1.00 14.28  ? 138 TRP A NE1 1 
ATOM   1082 C  CE2 . TRP A 1 138 ? -7.742  -3.238  1.294   1.00 9.00   ? 138 TRP A CE2 1 
ATOM   1083 C  CE3 . TRP A 1 138 ? -10.045 -3.118  0.679   1.00 7.50   ? 138 TRP A CE3 1 
ATOM   1084 C  CZ2 . TRP A 1 138 ? -7.878  -2.160  2.186   1.00 13.56  ? 138 TRP A CZ2 1 
ATOM   1085 C  CZ3 . TRP A 1 138 ? -10.188 -2.090  1.576   1.00 24.80  ? 138 TRP A CZ3 1 
ATOM   1086 C  CH2 . TRP A 1 138 ? -9.120  -1.588  2.314   1.00 30.44  ? 138 TRP A CH2 1 
ATOM   1087 N  N   . TYR A 1 139 ? -10.540 -7.200  0.640   1.00 11.73  ? 139 TYR A N   1 
ATOM   1088 C  CA  . TYR A 1 139 ? -10.917 -7.552  1.998   1.00 13.88  ? 139 TYR A CA  1 
ATOM   1089 C  C   . TYR A 1 139 ? -10.911 -9.069  2.217   1.00 25.92  ? 139 TYR A C   1 
ATOM   1090 O  O   . TYR A 1 139 ? -10.380 -9.554  3.233   1.00 17.85  ? 139 TYR A O   1 
ATOM   1091 C  CB  . TYR A 1 139 ? -12.355 -7.100  2.177   1.00 21.64  ? 139 TYR A CB  1 
ATOM   1092 C  CG  . TYR A 1 139 ? -12.881 -7.457  3.516   1.00 22.48  ? 139 TYR A CG  1 
ATOM   1093 C  CD1 . TYR A 1 139 ? -12.593 -6.618  4.587   1.00 29.24  ? 139 TYR A CD1 1 
ATOM   1094 C  CD2 . TYR A 1 139 ? -13.720 -8.551  3.693   1.00 17.34  ? 139 TYR A CD2 1 
ATOM   1095 C  CE1 . TYR A 1 139 ? -13.100 -6.874  5.854   1.00 29.95  ? 139 TYR A CE1 1 
ATOM   1096 C  CE2 . TYR A 1 139 ? -14.212 -8.839  4.963   1.00 21.60  ? 139 TYR A CE2 1 
ATOM   1097 C  CZ  . TYR A 1 139 ? -13.907 -7.996  6.034   1.00 45.69  ? 139 TYR A CZ  1 
ATOM   1098 O  OH  . TYR A 1 139 ? -14.406 -8.249  7.286   1.00 100.00 ? 139 TYR A OH  1 
ATOM   1099 N  N   . ASN A 1 140 ? -11.501 -9.840  1.225   1.00 13.20  ? 140 ASN A N   1 
ATOM   1100 C  CA  . ASN A 1 140 ? -11.521 -11.314 1.360   1.00 6.31   ? 140 ASN A CA  1 
ATOM   1101 C  C   . ASN A 1 140 ? -10.130 -11.939 1.254   1.00 15.26  ? 140 ASN A C   1 
ATOM   1102 O  O   . ASN A 1 140 ? -9.848  -12.942 1.882   1.00 22.65  ? 140 ASN A O   1 
ATOM   1103 C  CB  . ASN A 1 140 ? -12.469 -11.962 0.349   1.00 14.34  ? 140 ASN A CB  1 
ATOM   1104 C  CG  . ASN A 1 140 ? -13.857 -11.575 0.752   1.00 24.03  ? 140 ASN A CG  1 
ATOM   1105 O  OD1 . ASN A 1 140 ? -14.461 -10.665 0.181   1.00 26.51  ? 140 ASN A OD1 1 
ATOM   1106 N  ND2 . ASN A 1 140 ? -14.347 -12.189 1.819   1.00 25.43  ? 140 ASN A ND2 1 
ATOM   1107 N  N   . GLN A 1 141 ? -9.199  -11.355 0.514   1.00 14.90  ? 141 GLN A N   1 
ATOM   1108 C  CA  . GLN A 1 141 ? -7.886  -11.974 0.501   1.00 11.37  ? 141 GLN A CA  1 
ATOM   1109 C  C   . GLN A 1 141 ? -7.029  -11.540 1.662   1.00 25.37  ? 141 GLN A C   1 
ATOM   1110 O  O   . GLN A 1 141 ? -6.189  -12.286 2.182   1.00 19.64  ? 141 GLN A O   1 
ATOM   1111 C  CB  . GLN A 1 141 ? -7.063  -11.692 -0.767  1.00 17.87  ? 141 GLN A CB  1 
ATOM   1112 C  CG  . GLN A 1 141 ? -7.676  -12.394 -1.997  1.00 45.04  ? 141 GLN A CG  1 
ATOM   1113 C  CD  . GLN A 1 141 ? -7.921  -13.918 -1.939  1.00 43.22  ? 141 GLN A CD  1 
ATOM   1114 O  OE1 . GLN A 1 141 ? -9.062  -14.410 -2.149  1.00 30.75  ? 141 GLN A OE1 1 
ATOM   1115 N  NE2 . GLN A 1 141 ? -6.858  -14.686 -1.796  1.00 24.33  ? 141 GLN A NE2 1 
ATOM   1116 N  N   . THR A 1 142 ? -7.164  -10.309 2.077   1.00 9.19   ? 142 THR A N   1 
ATOM   1117 C  CA  . THR A 1 142 ? -6.306  -9.944  3.205   1.00 4.75   ? 142 THR A CA  1 
ATOM   1118 C  C   . THR A 1 142 ? -7.142  -9.198  4.226   1.00 13.09  ? 142 THR A C   1 
ATOM   1119 O  O   . THR A 1 142 ? -7.041  -7.987  4.402   1.00 14.53  ? 142 THR A O   1 
ATOM   1120 C  CB  . THR A 1 142 ? -5.174  -8.970  2.856   1.00 18.97  ? 142 THR A CB  1 
ATOM   1121 O  OG1 . THR A 1 142 ? -5.664  -7.878  2.099   1.00 16.69  ? 142 THR A OG1 1 
ATOM   1122 C  CG2 . THR A 1 142 ? -4.174  -9.723  2.005   1.00 11.88  ? 142 THR A CG2 1 
ATOM   1123 N  N   . PRO A 1 143 ? -8.000  -9.949  4.869   1.00 17.55  ? 143 PRO A N   1 
ATOM   1124 C  CA  . PRO A 1 143 ? -8.917  -9.380  5.836   1.00 14.66  ? 143 PRO A CA  1 
ATOM   1125 C  C   . PRO A 1 143 ? -8.313  -8.653  7.063   1.00 11.04  ? 143 PRO A C   1 
ATOM   1126 O  O   . PRO A 1 143 ? -8.822  -7.648  7.515   1.00 10.84  ? 143 PRO A O   1 
ATOM   1127 C  CB  . PRO A 1 143 ? -9.761  -10.561 6.295   1.00 12.09  ? 143 PRO A CB  1 
ATOM   1128 C  CG  . PRO A 1 143 ? -8.950  -11.823 6.027   1.00 8.87   ? 143 PRO A CG  1 
ATOM   1129 C  CD  . PRO A 1 143 ? -8.064  -11.440 4.845   1.00 17.89  ? 143 PRO A CD  1 
ATOM   1130 N  N   . ASN A 1 144 ? -7.261  -9.133  7.696   1.00 8.93   ? 144 ASN A N   1 
ATOM   1131 C  CA  . ASN A 1 144 ? -6.845  -8.417  8.872   1.00 13.59  ? 144 ASN A CA  1 
ATOM   1132 C  C   . ASN A 1 144 ? -6.342  -7.034  8.555   1.00 21.84  ? 144 ASN A C   1 
ATOM   1133 O  O   . ASN A 1 144 ? -6.659  -6.111  9.262   1.00 15.39  ? 144 ASN A O   1 
ATOM   1134 C  CB  . ASN A 1 144 ? -5.671  -9.084  9.643   1.00 14.05  ? 144 ASN A CB  1 
ATOM   1135 C  CG  . ASN A 1 144 ? -5.968  -10.508 10.137  1.00 54.95  ? 144 ASN A CG  1 
ATOM   1136 O  OD1 . ASN A 1 144 ? -7.070  -10.827 10.598  1.00 29.00  ? 144 ASN A OD1 1 
ATOM   1137 N  ND2 . ASN A 1 144 ? -4.970  -11.387 10.112  1.00 42.70  ? 144 ASN A ND2 1 
ATOM   1138 N  N   . ARG A 1 145 ? -5.554  -6.922  7.481   1.00 13.91  ? 145 ARG A N   1 
ATOM   1139 C  CA  . ARG A 1 145 ? -5.040  -5.646  7.015   1.00 18.38  ? 145 ARG A CA  1 
ATOM   1140 C  C   . ARG A 1 145 ? -6.190  -4.744  6.512   1.00 15.24  ? 145 ARG A C   1 
ATOM   1141 O  O   . ARG A 1 145 ? -6.337  -3.582  6.891   1.00 17.45  ? 145 ARG A O   1 
ATOM   1142 C  CB  . ARG A 1 145 ? -4.051  -5.785  5.851   1.00 19.50  ? 145 ARG A CB  1 
ATOM   1143 C  CG  . ARG A 1 145 ? -3.320  -4.454  5.592   1.00 14.86  ? 145 ARG A CG  1 
ATOM   1144 C  CD  . ARG A 1 145 ? -2.572  -4.446  4.298   1.00 22.90  ? 145 ARG A CD  1 
ATOM   1145 N  NE  . ARG A 1 145 ? -2.033  -3.160  3.957   1.00 19.19  ? 145 ARG A NE  1 
ATOM   1146 C  CZ  . ARG A 1 145 ? -0.893  -3.188  3.359   1.00 21.04  ? 145 ARG A CZ  1 
ATOM   1147 N  NH1 . ARG A 1 145 ? -0.354  -4.362  3.142   1.00 14.25  ? 145 ARG A NH1 1 
ATOM   1148 N  NH2 . ARG A 1 145 ? -0.324  -2.090  2.952   1.00 8.19   ? 145 ARG A NH2 1 
ATOM   1149 N  N   . ALA A 1 146 ? -7.041  -5.321  5.649   1.00 12.28  ? 146 ALA A N   1 
ATOM   1150 C  CA  . ALA A 1 146 ? -8.183  -4.601  5.109   1.00 8.28   ? 146 ALA A CA  1 
ATOM   1151 C  C   . ALA A 1 146 ? -8.981  -4.092  6.300   1.00 17.28  ? 146 ALA A C   1 
ATOM   1152 O  O   . ALA A 1 146 ? -9.332  -2.928  6.324   1.00 16.65  ? 146 ALA A O   1 
ATOM   1153 C  CB  . ALA A 1 146 ? -8.943  -5.464  4.121   1.00 12.86  ? 146 ALA A CB  1 
ATOM   1154 N  N   . LYS A 1 147 ? -9.194  -4.905  7.344   1.00 19.35  ? 147 LYS A N   1 
ATOM   1155 C  CA  . LYS A 1 147 ? -9.949  -4.393  8.462   1.00 11.18  ? 147 LYS A CA  1 
ATOM   1156 C  C   . LYS A 1 147 ? -9.344  -3.160  9.127   1.00 11.00  ? 147 LYS A C   1 
ATOM   1157 O  O   . LYS A 1 147 ? -10.061 -2.203  9.560   1.00 17.18  ? 147 LYS A O   1 
ATOM   1158 C  CB  . LYS A 1 147 ? -10.179 -5.401  9.582   1.00 14.15  ? 147 LYS A CB  1 
ATOM   1159 C  CG  . LYS A 1 147 ? -11.033 -6.550  9.108   1.00 30.96  ? 147 LYS A CG  1 
ATOM   1160 C  CD  . LYS A 1 147 ? -11.206 -7.677  10.117  1.00 59.17  ? 147 LYS A CD  1 
ATOM   1161 C  CE  . LYS A 1 147 ? -11.587 -9.040  9.515   1.00 65.06  ? 147 LYS A CE  1 
ATOM   1162 N  NZ  . LYS A 1 147 ? -10.652 -10.166 9.822   1.00 66.40  ? 147 LYS A NZ  1 
ATOM   1163 N  N   . ARG A 1 148 ? -8.040  -3.185  9.246   1.00 11.83  ? 148 ARG A N   1 
ATOM   1164 C  CA  . ARG A 1 148 ? -7.357  -2.057  9.866   1.00 6.96   ? 148 ARG A CA  1 
ATOM   1165 C  C   . ARG A 1 148 ? -7.470  -0.789  9.037   1.00 12.87  ? 148 ARG A C   1 
ATOM   1166 O  O   . ARG A 1 148 ? -7.700  0.266   9.622   1.00 13.73  ? 148 ARG A O   1 
ATOM   1167 C  CB  . ARG A 1 148 ? -5.851  -2.294  10.076  1.00 9.90   ? 148 ARG A CB  1 
ATOM   1168 C  CG  . ARG A 1 148 ? -5.589  -3.245  11.234  1.00 10.87  ? 148 ARG A CG  1 
ATOM   1169 C  CD  . ARG A 1 148 ? -4.112  -3.265  11.626  1.00 16.96  ? 148 ARG A CD  1 
ATOM   1170 N  NE  . ARG A 1 148 ? -3.168  -3.845  10.640  1.00 15.49  ? 148 ARG A NE  1 
ATOM   1171 C  CZ  . ARG A 1 148 ? -2.965  -5.145  10.439  1.00 22.59  ? 148 ARG A CZ  1 
ATOM   1172 N  NH1 . ARG A 1 148 ? -3.607  -6.116  11.091  1.00 16.96  ? 148 ARG A NH1 1 
ATOM   1173 N  NH2 . ARG A 1 148 ? -2.087  -5.525  9.550   1.00 13.13  ? 148 ARG A NH2 1 
ATOM   1174 N  N   . VAL A 1 149 ? -7.355  -0.906  7.707   1.00 7.49   ? 149 VAL A N   1 
ATOM   1175 C  CA  . VAL A 1 149 ? -7.453  0.287   6.834   1.00 8.77   ? 149 VAL A CA  1 
ATOM   1176 C  C   . VAL A 1 149 ? -8.873  0.856   6.772   1.00 14.72  ? 149 VAL A C   1 
ATOM   1177 O  O   . VAL A 1 149 ? -9.116  2.065   6.821   1.00 13.03  ? 149 VAL A O   1 
ATOM   1178 C  CB  . VAL A 1 149 ? -7.014  0.001   5.402   1.00 13.30  ? 149 VAL A CB  1 
ATOM   1179 C  CG1 . VAL A 1 149 ? -7.379  1.211   4.491   1.00 12.05  ? 149 VAL A CG1 1 
ATOM   1180 C  CG2 . VAL A 1 149 ? -5.508  -0.406  5.473   1.00 10.66  ? 149 VAL A CG2 1 
ATOM   1181 N  N   . ILE A 1 150 ? -9.821  -0.083  6.704   1.00 12.35  ? 150 ILE A N   1 
ATOM   1182 C  CA  . ILE A 1 150 ? -11.237 0.247   6.704   1.00 6.26   ? 150 ILE A CA  1 
ATOM   1183 C  C   . ILE A 1 150 ? -11.641 0.915   8.010   1.00 12.27  ? 150 ILE A C   1 
ATOM   1184 O  O   . ILE A 1 150 ? -12.446 1.831   8.056   1.00 16.98  ? 150 ILE A O   1 
ATOM   1185 C  CB  . ILE A 1 150 ? -12.103 -0.965  6.402   1.00 11.93  ? 150 ILE A CB  1 
ATOM   1186 C  CG1 . ILE A 1 150 ? -11.928 -1.394  4.953   1.00 9.11   ? 150 ILE A CG1 1 
ATOM   1187 C  CG2 . ILE A 1 150 ? -13.570 -0.616  6.593   1.00 13.20  ? 150 ILE A CG2 1 
ATOM   1188 C  CD1 . ILE A 1 150 ? -12.615 -2.720  4.745   1.00 10.56  ? 150 ILE A CD1 1 
ATOM   1189 N  N   . THR A 1 151 ? -11.112 0.450   9.118   1.00 9.72   ? 151 THR A N   1 
ATOM   1190 C  CA  . THR A 1 151 ? -11.500 1.126   10.345  1.00 12.76  ? 151 THR A CA  1 
ATOM   1191 C  C   . THR A 1 151 ? -10.922 2.520   10.445  1.00 11.97  ? 151 THR A C   1 
ATOM   1192 O  O   . THR A 1 151 ? -11.463 3.392   11.122  1.00 12.22  ? 151 THR A O   1 
ATOM   1193 C  CB  . THR A 1 151 ? -10.794 0.551   11.565  1.00 22.78  ? 151 THR A CB  1 
ATOM   1194 O  OG1 . THR A 1 151 ? -11.469 -0.658  11.732  1.00 32.74  ? 151 THR A OG1 1 
ATOM   1195 C  CG2 . THR A 1 151 ? -10.742 1.312   12.900  1.00 24.38  ? 151 THR A CG2 1 
ATOM   1196 N  N   . THR A 1 152 ? -9.783  2.670   9.793   1.00 12.54  ? 152 THR A N   1 
ATOM   1197 C  CA  . THR A 1 152 ? -9.132  3.944   9.807   1.00 18.94  ? 152 THR A CA  1 
ATOM   1198 C  C   . THR A 1 152 ? -10.006 4.916   8.992   1.00 19.77  ? 152 THR A C   1 
ATOM   1199 O  O   . THR A 1 152 ? -10.215 6.076   9.371   1.00 12.88  ? 152 THR A O   1 
ATOM   1200 C  CB  . THR A 1 152 ? -7.701  3.727   9.305   1.00 11.12  ? 152 THR A CB  1 
ATOM   1201 O  OG1 . THR A 1 152 ? -7.053  2.781   10.156  1.00 11.49  ? 152 THR A OG1 1 
ATOM   1202 C  CG2 . THR A 1 152 ? -6.921  5.026   9.326   1.00 12.83  ? 152 THR A CG2 1 
ATOM   1203 N  N   . PHE A 1 153 ? -10.504 4.443   7.843   1.00 10.28  ? 153 PHE A N   1 
ATOM   1204 C  CA  . PHE A 1 153 ? -11.353 5.301   7.026   1.00 11.66  ? 153 PHE A CA  1 
ATOM   1205 C  C   . PHE A 1 153 ? -12.669 5.598   7.744   1.00 19.96  ? 153 PHE A C   1 
ATOM   1206 O  O   . PHE A 1 153 ? -13.239 6.697   7.694   1.00 16.90  ? 153 PHE A O   1 
ATOM   1207 C  CB  . PHE A 1 153 ? -11.823 4.570   5.755   1.00 6.88   ? 153 PHE A CB  1 
ATOM   1208 C  CG  . PHE A 1 153 ? -10.839 4.592   4.592   1.00 16.90  ? 153 PHE A CG  1 
ATOM   1209 C  CD1 . PHE A 1 153 ? -10.414 3.407   3.991   1.00 16.90  ? 153 PHE A CD1 1 
ATOM   1210 C  CD2 . PHE A 1 153 ? -10.401 5.805   4.034   1.00 14.06  ? 153 PHE A CD2 1 
ATOM   1211 C  CE1 . PHE A 1 153 ? -9.516  3.451   2.917   1.00 18.10  ? 153 PHE A CE1 1 
ATOM   1212 C  CE2 . PHE A 1 153 ? -9.506  5.860   2.956   1.00 16.20  ? 153 PHE A CE2 1 
ATOM   1213 C  CZ  . PHE A 1 153 ? -9.063  4.662   2.391   1.00 15.47  ? 153 PHE A CZ  1 
ATOM   1214 N  N   . ARG A 1 154 ? -13.165 4.592   8.433   1.00 15.69  ? 154 ARG A N   1 
ATOM   1215 C  CA  . ARG A 1 154 ? -14.433 4.767   9.096   1.00 18.26  ? 154 ARG A CA  1 
ATOM   1216 C  C   . ARG A 1 154 ? -14.394 5.686   10.274  1.00 22.10  ? 154 ARG A C   1 
ATOM   1217 O  O   . ARG A 1 154 ? -15.349 6.393   10.495  1.00 21.27  ? 154 ARG A O   1 
ATOM   1218 C  CB  . ARG A 1 154 ? -14.943 3.481   9.728   1.00 14.57  ? 154 ARG A CB  1 
ATOM   1219 C  CG  . ARG A 1 154 ? -16.455 3.485   9.961   1.00 16.92  ? 154 ARG A CG  1 
ATOM   1220 C  CD  . ARG A 1 154 ? -16.781 2.213   10.752  1.00 16.89  ? 154 ARG A CD  1 
ATOM   1221 N  NE  . ARG A 1 154 ? -18.211 1.900   10.774  1.00 100.00 ? 154 ARG A NE  1 
ATOM   1222 C  CZ  . ARG A 1 154 ? -18.808 0.795   10.262  1.00 100.00 ? 154 ARG A CZ  1 
ATOM   1223 N  NH1 . ARG A 1 154 ? -18.123 -0.190  9.648   1.00 100.00 ? 154 ARG A NH1 1 
ATOM   1224 N  NH2 . ARG A 1 154 ? -20.143 0.671   10.371  1.00 100.00 ? 154 ARG A NH2 1 
ATOM   1225 N  N   . THR A 1 155 ? -13.299 5.649   11.023  1.00 11.78  ? 155 THR A N   1 
ATOM   1226 C  CA  . THR A 1 155 ? -13.231 6.445   12.225  1.00 11.42  ? 155 THR A CA  1 
ATOM   1227 C  C   . THR A 1 155 ? -12.379 7.678   12.174  1.00 24.51  ? 155 THR A C   1 
ATOM   1228 O  O   . THR A 1 155 ? -12.513 8.526   13.029  1.00 24.85  ? 155 THR A O   1 
ATOM   1229 C  CB  . THR A 1 155 ? -12.656 5.751   13.496  1.00 16.54  ? 155 THR A CB  1 
ATOM   1230 O  OG1 . THR A 1 155 ? -11.350 5.237   13.352  1.00 17.67  ? 155 THR A OG1 1 
ATOM   1231 C  CG2 . THR A 1 155 ? -13.524 4.575   13.738  1.00 18.75  ? 155 THR A CG2 1 
ATOM   1232 N  N   . GLY A 1 156 ? -11.457 7.766   11.249  1.00 26.46  ? 156 GLY A N   1 
ATOM   1233 C  CA  . GLY A 1 156 ? -10.582 8.896   11.292  1.00 10.30  ? 156 GLY A CA  1 
ATOM   1234 C  C   . GLY A 1 156 ? -9.594  8.828   12.501  1.00 15.74  ? 156 GLY A C   1 
ATOM   1235 O  O   . GLY A 1 156 ? -8.960  9.798   12.891  1.00 16.80  ? 156 GLY A O   1 
ATOM   1236 N  N   . THR A 1 157 ? -9.383  7.698   13.157  1.00 18.09  ? 157 THR A N   1 
ATOM   1237 C  CA  . THR A 1 157 ? -8.439  7.687   14.257  1.00 10.70  ? 157 THR A CA  1 
ATOM   1238 C  C   . THR A 1 157 ? -7.445  6.543   14.045  1.00 17.87  ? 157 THR A C   1 
ATOM   1239 O  O   . THR A 1 157 ? -7.618  5.762   13.132  1.00 12.99  ? 157 THR A O   1 
ATOM   1240 C  CB  . THR A 1 157 ? -9.106  7.284   15.583  1.00 26.81  ? 157 THR A CB  1 
ATOM   1241 O  OG1 . THR A 1 157 ? -9.462  5.909   15.536  1.00 19.54  ? 157 THR A OG1 1 
ATOM   1242 C  CG2 . THR A 1 157 ? -10.309 8.159   15.913  1.00 20.84  ? 157 THR A CG2 1 
ATOM   1243 N  N   . TRP A 1 158 ? -6.423  6.413   14.878  1.00 10.62  ? 158 TRP A N   1 
ATOM   1244 C  CA  . TRP A 1 158 ? -5.456  5.363   14.700  1.00 8.37   ? 158 TRP A CA  1 
ATOM   1245 C  C   . TRP A 1 158 ? -5.793  4.201   15.585  1.00 19.63  ? 158 TRP A C   1 
ATOM   1246 O  O   . TRP A 1 158 ? -4.990  3.383   15.870  1.00 14.60  ? 158 TRP A O   1 
ATOM   1247 C  CB  . TRP A 1 158 ? -4.094  5.880   15.171  1.00 8.77   ? 158 TRP A CB  1 
ATOM   1248 C  CG  . TRP A 1 158 ? -3.504  6.816   14.155  1.00 16.80  ? 158 TRP A CG  1 
ATOM   1249 C  CD1 . TRP A 1 158 ? -3.324  8.140   14.378  1.00 13.66  ? 158 TRP A CD1 1 
ATOM   1250 C  CD2 . TRP A 1 158 ? -2.989  6.560   12.791  1.00 17.75  ? 158 TRP A CD2 1 
ATOM   1251 N  NE1 . TRP A 1 158 ? -2.743  8.721   13.275  1.00 16.36  ? 158 TRP A NE1 1 
ATOM   1252 C  CE2 . TRP A 1 158 ? -2.527  7.799   12.274  1.00 17.97  ? 158 TRP A CE2 1 
ATOM   1253 C  CE3 . TRP A 1 158 ? -2.961  5.473   11.900  1.00 18.46  ? 158 TRP A CE3 1 
ATOM   1254 C  CZ2 . TRP A 1 158 ? -1.974  7.942   10.975  1.00 17.06  ? 158 TRP A CZ2 1 
ATOM   1255 C  CZ3 . TRP A 1 158 ? -2.354  5.608   10.652  1.00 19.57  ? 158 TRP A CZ3 1 
ATOM   1256 C  CH2 . TRP A 1 158 ? -1.905  6.839   10.173  1.00 15.07  ? 158 TRP A CH2 1 
ATOM   1257 N  N   . ASP A 1 159 ? -6.997  4.095   16.057  1.00 13.36  ? 159 ASP A N   1 
ATOM   1258 C  CA  . ASP A 1 159 ? -7.222  2.966   16.938  1.00 10.66  ? 159 ASP A CA  1 
ATOM   1259 C  C   . ASP A 1 159 ? -6.937  1.560   16.431  1.00 25.87  ? 159 ASP A C   1 
ATOM   1260 O  O   . ASP A 1 159 ? -6.701  0.696   17.239  1.00 15.61  ? 159 ASP A O   1 
ATOM   1261 C  CB  . ASP A 1 159 ? -8.656  2.981   17.558  1.00 18.73  ? 159 ASP A CB  1 
ATOM   1262 C  CG  . ASP A 1 159 ? -9.062  4.303   18.207  1.00 40.82  ? 159 ASP A CG  1 
ATOM   1263 O  OD1 . ASP A 1 159 ? -8.275  5.049   18.789  1.00 49.43  ? 159 ASP A OD1 1 
ATOM   1264 O  OD2 . ASP A 1 159 ? -10.344 4.576   18.046  1.00 89.61  ? 159 ASP A OD2 1 
ATOM   1265 N  N   . ALA A 1 160 ? -6.968  1.277   15.129  1.00 18.09  ? 160 ALA A N   1 
ATOM   1266 C  CA  . ALA A 1 160 ? -6.766  -0.101  14.659  1.00 11.21  ? 160 ALA A CA  1 
ATOM   1267 C  C   . ALA A 1 160 ? -5.292  -0.433  14.704  1.00 18.39  ? 160 ALA A C   1 
ATOM   1268 O  O   . ALA A 1 160 ? -4.872  -1.557  14.606  1.00 26.78  ? 160 ALA A O   1 
ATOM   1269 C  CB  . ALA A 1 160 ? -7.279  -0.231  13.213  1.00 15.09  ? 160 ALA A CB  1 
ATOM   1270 N  N   . TYR A 1 161 ? -4.495  0.607   14.823  1.00 17.38  ? 161 TYR A N   1 
ATOM   1271 C  CA  . TYR A 1 161 ? -3.103  0.451   14.848  1.00 9.65   ? 161 TYR A CA  1 
ATOM   1272 C  C   . TYR A 1 161 ? -2.662  0.524   16.274  1.00 39.54  ? 161 TYR A C   1 
ATOM   1273 O  O   . TYR A 1 161 ? -1.466  0.412   16.506  1.00 28.30  ? 161 TYR A O   1 
ATOM   1274 C  CB  . TYR A 1 161 ? -2.420  1.371   13.845  1.00 10.98  ? 161 TYR A CB  1 
ATOM   1275 C  CG  . TYR A 1 161 ? -2.713  0.952   12.422  1.00 12.12  ? 161 TYR A CG  1 
ATOM   1276 C  CD1 . TYR A 1 161 ? -3.878  1.359   11.776  1.00 10.21  ? 161 TYR A CD1 1 
ATOM   1277 C  CD2 . TYR A 1 161 ? -1.795  0.165   11.724  1.00 6.27   ? 161 TYR A CD2 1 
ATOM   1278 C  CE1 . TYR A 1 161 ? -4.126  0.944   10.465  1.00 10.46  ? 161 TYR A CE1 1 
ATOM   1279 C  CE2 . TYR A 1 161 ? -2.003  -0.204  10.401  1.00 10.93  ? 161 TYR A CE2 1 
ATOM   1280 C  CZ  . TYR A 1 161 ? -3.177  0.203   9.768   1.00 11.95  ? 161 TYR A CZ  1 
ATOM   1281 O  OH  . TYR A 1 161 ? -3.425  -0.226  8.475   1.00 12.29  ? 161 TYR A OH  1 
ATOM   1282 N  N   . LYS A 1 162 ? -3.659  0.692   17.164  1.00 57.43  ? 162 LYS A N   1 
ATOM   1283 C  CA  . LYS A 1 162 ? -3.563  0.740   18.624  1.00 42.72  ? 162 LYS A CA  1 
ATOM   1284 C  C   . LYS A 1 162 ? -2.546  1.739   19.125  1.00 43.81  ? 162 LYS A C   1 
ATOM   1285 O  O   . LYS A 1 162 ? -2.688  2.946   18.893  1.00 100.00 ? 162 LYS A O   1 
ATOM   1286 C  CB  . LYS A 1 162 ? -3.318  -0.642  19.205  1.00 34.94  ? 162 LYS A CB  1 
ATOM   1287 C  CG  . LYS A 1 162 ? -1.933  -0.759  19.806  1.00 26.00  ? 162 LYS A CG  1 
ATOM   1288 C  CD  . LYS A 1 162 ? -1.666  -2.232  20.156  1.00 90.34  ? 162 LYS A CD  1 
ATOM   1289 C  CE  . LYS A 1 162 ? -0.582  -2.936  19.319  1.00 94.74  ? 162 LYS A CE  1 
ATOM   1290 N  NZ  . LYS A 1 162 ? -1.032  -3.531  18.034  1.00 100.00 ? 162 LYS A NZ  1 
HETATM 1291 CL CL  . CL  B 2 .   ? -4.355  -9.519  6.323   1.00 46.79  ? 173 CL  A CL  1 
HETATM 1292 CL CL  . CL  C 2 .   ? 15.242  2.271   -6.961  1.00 47.02  ? 178 CL  A CL  1 
HETATM 1293 C  C1  . IPH D 3 .   ? -8.617  6.354   -1.767  1.00 34.91  ? 400 IPH A C1  1 
HETATM 1294 C  C2  . IPH D 3 .   ? -9.142  7.644   -1.736  1.00 18.35  ? 400 IPH A C2  1 
HETATM 1295 C  C3  . IPH D 3 .   ? -8.440  8.693   -2.328  1.00 15.22  ? 400 IPH A C3  1 
HETATM 1296 C  C4  . IPH D 3 .   ? -7.213  8.472   -2.936  1.00 30.26  ? 400 IPH A C4  1 
HETATM 1297 C  C5  . IPH D 3 .   ? -6.705  7.180   -2.929  1.00 20.40  ? 400 IPH A C5  1 
HETATM 1298 C  C6  . IPH D 3 .   ? -7.392  6.102   -2.363  1.00 18.97  ? 400 IPH A C6  1 
HETATM 1299 O  O1  . IPH D 3 .   ? -9.284  5.327   -1.202  1.00 32.00  ? 400 IPH A O1  1 
HETATM 1300 C  C1  . BME E 4 .   ? 6.234   13.947  -3.138  1.00 55.50  ? 169 BME A C1  1 
HETATM 1301 C  C2  . BME E 4 .   ? 5.132   13.226  -2.316  1.00 80.02  ? 169 BME A C2  1 
HETATM 1302 O  O1  . BME E 4 .   ? 7.425   13.986  -2.397  1.00 68.13  ? 169 BME A O1  1 
HETATM 1303 S  S2  . BME E 4 .   ? 3.461   13.712  -2.872  1.00 82.55  ? 169 BME A S2  1 
HETATM 1304 C  C1  . BME F 4 .   ? 1.539   12.587  4.813   1.00 25.18  ? 170 BME A C1  1 
HETATM 1305 C  C2  . BME F 4 .   ? 2.327   11.937  3.685   1.00 65.05  ? 170 BME A C2  1 
HETATM 1306 O  O1  . BME F 4 .   ? 0.345   11.816  4.997   1.00 37.28  ? 170 BME A O1  1 
HETATM 1307 S  S2  . BME F 4 .   ? 3.135   13.179  2.711   1.00 67.08  ? 170 BME A S2  1 
HETATM 1308 O  O   . HOH G 5 .   ? 9.165   -0.391  0.047   1.00 10.04  ? 171 HOH A O   1 
HETATM 1309 O  O   . HOH G 5 .   ? -5.231  -15.028 2.048   1.00 21.88  ? 174 HOH A O   1 
HETATM 1310 O  O   . HOH G 5 .   ? -7.498  2.855   12.869  1.00 19.36  ? 175 HOH A O   1 
HETATM 1311 O  O   . HOH G 5 .   ? 20.003  -9.697  -6.477  1.00 19.31  ? 176 HOH A O   1 
HETATM 1312 O  O   . HOH G 5 .   ? 16.382  8.164   -4.479  1.00 20.39  ? 177 HOH A O   1 
HETATM 1313 O  O   . HOH G 5 .   ? 11.585  -1.549  1.105   1.00 14.82  ? 179 HOH A O   1 
HETATM 1314 O  O   . HOH G 5 .   ? -7.641  -6.584  11.610  1.00 24.01  ? 180 HOH A O   1 
HETATM 1315 O  O   . HOH G 5 .   ? -7.799  17.895  5.359   1.00 29.29  ? 181 HOH A O   1 
HETATM 1316 O  O   . HOH G 5 .   ? 11.184  2.543   -5.212  1.00 24.32  ? 182 HOH A O   1 
HETATM 1317 O  O   . HOH G 5 .   ? 17.736  4.908   -5.670  1.00 32.91  ? 183 HOH A O   1 
HETATM 1318 O  O   . HOH G 5 .   ? 11.279  9.978   -3.399  1.00 27.91  ? 185 HOH A O   1 
HETATM 1319 O  O   . HOH G 5 .   ? 11.718  5.052   5.074   1.00 31.30  ? 186 HOH A O   1 
HETATM 1320 O  O   . HOH G 5 .   ? 4.380   8.981   15.626  1.00 41.58  ? 187 HOH A O   1 
HETATM 1321 O  O   . HOH G 5 .   ? -13.894 -15.326 2.578   1.00 47.99  ? 188 HOH A O   1 
HETATM 1322 O  O   . HOH G 5 .   ? 6.754   -12.889 -8.715  1.00 28.36  ? 190 HOH A O   1 
HETATM 1323 O  O   . HOH G 5 .   ? 5.898   -15.751 -8.460  1.00 45.12  ? 191 HOH A O   1 
HETATM 1324 O  O   . HOH G 5 .   ? -11.641 17.766  -3.091  1.00 26.03  ? 193 HOH A O   1 
HETATM 1325 O  O   . HOH G 5 .   ? 1.693   10.468  7.801   1.00 14.72  ? 195 HOH A O   1 
HETATM 1326 O  O   . HOH G 5 .   ? 23.848  -8.375  -0.683  1.00 33.38  ? 196 HOH A O   1 
HETATM 1327 O  O   . HOH G 5 .   ? 16.433  -6.128  -15.400 1.00 28.34  ? 198 HOH A O   1 
HETATM 1328 O  O   . HOH G 5 .   ? -1.307  13.242  6.108   1.00 27.18  ? 199 HOH A O   1 
HETATM 1329 O  O   . HOH G 5 .   ? 11.964  -2.355  -8.224  1.00 36.61  ? 200 HOH A O   1 
HETATM 1330 O  O   . HOH G 5 .   ? 9.850   7.544   -5.952  1.00 33.21  ? 201 HOH A O   1 
HETATM 1331 O  O   . HOH G 5 .   ? 4.547   -7.189  -2.987  1.00 28.31  ? 203 HOH A O   1 
HETATM 1332 O  O   . HOH G 5 .   ? 3.753   -6.865  0.032   1.00 34.48  ? 204 HOH A O   1 
HETATM 1333 O  O   . HOH G 5 .   ? -1.070  -7.240  3.474   1.00 28.75  ? 207 HOH A O   1 
HETATM 1334 O  O   . HOH G 5 .   ? -4.330  -1.381  2.094   1.00 12.39  ? 208 HOH A O   1 
HETATM 1335 O  O   . HOH G 5 .   ? -9.221  12.532  11.604  1.00 34.22  ? 210 HOH A O   1 
HETATM 1336 O  O   . HOH G 5 .   ? -5.320  -5.908  13.266  1.00 28.08  ? 211 HOH A O   1 
HETATM 1337 O  O   . HOH G 5 .   ? -14.061 13.134  2.306   1.00 15.19  ? 213 HOH A O   1 
HETATM 1338 O  O   . HOH G 5 .   ? -19.190 7.101   11.307  1.00 38.50  ? 217 HOH A O   1 
HETATM 1339 O  O   . HOH G 5 .   ? -22.678 0.814   1.951   1.00 32.87  ? 218 HOH A O   1 
HETATM 1340 O  O   . HOH G 5 .   ? -22.507 -0.954  -0.430  1.00 27.03  ? 219 HOH A O   1 
HETATM 1341 O  O   . HOH G 5 .   ? 7.609   11.440  15.027  1.00 40.28  ? 221 HOH A O   1 
HETATM 1342 O  O   . HOH G 5 .   ? 4.681   11.079  13.703  1.00 31.21  ? 223 HOH A O   1 
HETATM 1343 O  O   . HOH G 5 .   ? -2.877  18.197  -2.942  1.00 38.16  ? 226 HOH A O   1 
HETATM 1344 O  O   . HOH G 5 .   ? 4.671   -7.464  2.309   1.00 35.36  ? 229 HOH A O   1 
HETATM 1345 O  O   . HOH G 5 .   ? -6.064  7.926   17.135  1.00 43.22  ? 231 HOH A O   1 
HETATM 1346 O  O   . HOH G 5 .   ? -6.709  -3.500  14.867  1.00 45.25  ? 232 HOH A O   1 
HETATM 1347 O  O   . HOH G 5 .   ? -21.627 7.160   8.466   1.00 34.00  ? 235 HOH A O   1 
HETATM 1348 O  O   . HOH G 5 .   ? -2.837  -12.000 8.570   1.00 42.12  ? 237 HOH A O   1 
HETATM 1349 O  O   . HOH G 5 .   ? -17.024 8.215   11.958  1.00 31.65  ? 238 HOH A O   1 
HETATM 1350 O  O   . HOH G 5 .   ? 18.015  2.795   -4.334  1.00 30.88  ? 239 HOH A O   1 
HETATM 1351 O  O   . HOH G 5 .   ? 17.860  4.761   4.135   1.00 26.46  ? 240 HOH A O   1 
HETATM 1352 O  O   . HOH G 5 .   ? -19.709 -5.597  4.152   1.00 34.20  ? 251 HOH A O   1 
HETATM 1353 O  O   . HOH G 5 .   ? -13.552 10.701  -8.307  1.00 35.49  ? 253 HOH A O   1 
HETATM 1354 O  O   . HOH G 5 .   ? 1.862   -4.366  -0.254  1.00 29.89  ? 256 HOH A O   1 
HETATM 1355 O  O   . HOH G 5 .   ? 3.582   -3.999  -2.228  1.00 44.12  ? 265 HOH A O   1 
HETATM 1356 O  O   . HOH G 5 .   ? -6.875  10.401  -14.337 1.00 50.63  ? 268 HOH A O   1 
HETATM 1357 O  O   . HOH G 5 .   ? 3.934   -13.357 2.214   1.00 44.04  ? 269 HOH A O   1 
HETATM 1358 O  O   . HOH G 5 .   ? -10.881 -5.882  -4.665  1.00 19.75  ? 270 HOH A O   1 
HETATM 1359 O  O   . HOH G 5 .   ? -7.826  11.478  15.008  1.00 43.85  ? 273 HOH A O   1 
HETATM 1360 O  O   . HOH G 5 .   ? 4.079   2.104   -4.325  1.00 40.04  ? 274 HOH A O   1 
HETATM 1361 O  O   . HOH G 5 .   ? -15.151 11.325  11.664  1.00 45.49  ? 277 HOH A O   1 
HETATM 1362 O  O   . HOH G 5 .   ? 22.805  -10.617 -7.920  1.00 40.57  ? 278 HOH A O   1 
HETATM 1363 O  O   . HOH G 5 .   ? 10.640  -4.188  -10.396 1.00 34.16  ? 281 HOH A O   1 
HETATM 1364 O  O   . HOH G 5 .   ? 12.731  0.975   -7.916  1.00 21.98  ? 282 HOH A O   1 
HETATM 1365 O  O   . HOH G 5 .   ? -13.574 18.024  2.319   1.00 34.37  ? 291 HOH A O   1 
HETATM 1366 O  O   . HOH G 5 .   ? -22.569 6.446   6.220   1.00 22.40  ? 293 HOH A O   1 
HETATM 1367 O  O   . HOH G 5 .   ? -0.559  9.816   16.819  1.00 41.35  ? 296 HOH A O   1 
HETATM 1368 O  O   . HOH G 5 .   ? 5.713   -1.783  -4.239  1.00 48.68  ? 299 HOH A O   1 
HETATM 1369 O  O   . HOH G 5 .   ? -16.160 10.504  -6.579  1.00 53.07  ? 301 HOH A O   1 
HETATM 1370 O  O   . HOH G 5 .   ? -12.319 12.113  13.152  1.00 45.19  ? 309 HOH A O   1 
HETATM 1371 O  O   . HOH G 5 .   ? -20.635 9.471   8.786   1.00 30.49  ? 311 HOH A O   1 
HETATM 1372 O  O   . HOH G 5 .   ? 16.369  6.573   2.836   1.00 38.11  ? 320 HOH A O   1 
HETATM 1373 O  O   . HOH G 5 .   ? -11.355 3.216   -1.660  1.00 59.96  ? 401 HOH A O   1 
# 
loop_
_pdbx_poly_seq_scheme.asym_id 
_pdbx_poly_seq_scheme.entity_id 
_pdbx_poly_seq_scheme.seq_id 
_pdbx_poly_seq_scheme.mon_id 
_pdbx_poly_seq_scheme.ndb_seq_num 
_pdbx_poly_seq_scheme.pdb_seq_num 
_pdbx_poly_seq_scheme.auth_seq_num 
_pdbx_poly_seq_scheme.pdb_mon_id 
_pdbx_poly_seq_scheme.auth_mon_id 
_pdbx_poly_seq_scheme.pdb_strand_id 
_pdbx_poly_seq_scheme.pdb_ins_code 
_pdbx_poly_seq_scheme.hetero 
A 1 1   MET 1   1   1   MET MET A . n 
A 1 2   ASN 2   2   2   ASN ASN A . n 
A 1 3   ILE 3   3   3   ILE ILE A . n 
A 1 4   PHE 4   4   4   PHE PHE A . n 
A 1 5   GLU 5   5   5   GLU GLU A . n 
A 1 6   MET 6   6   6   MET MET A . n 
A 1 7   LEU 7   7   7   LEU LEU A . n 
A 1 8   ARG 8   8   8   ARG ARG A . n 
A 1 9   ILE 9   9   9   ILE ILE A . n 
A 1 10  ASP 10  10  10  ASP ASP A . n 
A 1 11  GLU 11  11  11  GLU GLU A . n 
A 1 12  GLY 12  12  12  GLY GLY A . n 
A 1 13  LEU 13  13  13  LEU LEU A . n 
A 1 14  ARG 14  14  14  ARG ARG A . n 
A 1 15  LEU 15  15  15  LEU LEU A . n 
A 1 16  LYS 16  16  16  LYS LYS A . n 
A 1 17  ILE 17  17  17  ILE ILE A . n 
A 1 18  TYR 18  18  18  TYR TYR A . n 
A 1 19  LYS 19  19  19  LYS LYS A . n 
A 1 20  ASP 20  20  20  ASP ASP A . n 
A 1 21  THR 21  21  21  THR THR A . n 
A 1 22  GLU 22  22  22  GLU GLU A . n 
A 1 23  GLY 23  23  23  GLY GLY A . n 
A 1 24  TYR 24  24  24  TYR TYR A . n 
A 1 25  TYR 25  25  25  TYR TYR A . n 
A 1 26  THR 26  26  26  THR THR A . n 
A 1 27  ILE 27  27  27  ILE ILE A . n 
A 1 28  GLY 28  28  28  GLY GLY A . n 
A 1 29  ILE 29  29  29  ILE ILE A . n 
A 1 30  GLY 30  30  30  GLY GLY A . n 
A 1 31  HIS 31  31  31  HIS HIS A . n 
A 1 32  LEU 32  32  32  LEU LEU A . n 
A 1 33  LEU 33  33  33  LEU LEU A . n 
A 1 34  THR 34  34  34  THR THR A . n 
A 1 35  LYS 35  35  35  LYS LYS A . n 
A 1 36  SER 36  36  36  SER SER A . n 
A 1 37  PRO 37  37  37  PRO PRO A . n 
A 1 38  SER 38  38  38  SER SER A . n 
A 1 39  LEU 39  39  39  LEU LEU A . n 
A 1 40  ASN 40  40  40  ASN ASN A . n 
A 1 41  ALA 41  41  41  ALA ALA A . n 
A 1 42  ALA 42  42  42  ALA ALA A . n 
A 1 43  LYS 43  43  43  LYS LYS A . n 
A 1 44  SER 44  44  44  SER SER A . n 
A 1 45  GLU 45  45  45  GLU GLU A . n 
A 1 46  LEU 46  46  46  LEU LEU A . n 
A 1 47  ASP 47  47  47  ASP ASP A . n 
A 1 48  LYS 48  48  48  LYS LYS A . n 
A 1 49  ALA 49  49  49  ALA ALA A . n 
A 1 50  ILE 50  50  50  ILE ILE A . n 
A 1 51  GLY 51  51  51  GLY GLY A . n 
A 1 52  ARG 52  52  52  ARG ARG A . n 
A 1 53  ASN 53  53  53  ASN ASN A . n 
A 1 54  CYS 54  54  54  CYS CYS A . n 
A 1 55  ASN 55  55  55  ASN ASN A . n 
A 1 56  GLY 56  56  56  GLY GLY A . n 
A 1 57  VAL 57  57  57  VAL VAL A . n 
A 1 58  ILE 58  58  58  ILE ILE A . n 
A 1 59  THR 59  59  59  THR THR A . n 
A 1 60  LYS 60  60  60  LYS LYS A . n 
A 1 61  ASP 61  61  61  ASP ASP A . n 
A 1 62  GLU 62  62  62  GLU GLU A . n 
A 1 63  ALA 63  63  63  ALA ALA A . n 
A 1 64  GLU 64  64  64  GLU GLU A . n 
A 1 65  LYS 65  65  65  LYS LYS A . n 
A 1 66  LEU 66  66  66  LEU LEU A . n 
A 1 67  PHE 67  67  67  PHE PHE A . n 
A 1 68  ASN 68  68  68  ASN ASN A . n 
A 1 69  GLN 69  69  69  GLN GLN A . n 
A 1 70  ASP 70  70  70  ASP ASP A . n 
A 1 71  VAL 71  71  71  VAL VAL A . n 
A 1 72  ASP 72  72  72  ASP ASP A . n 
A 1 73  ALA 73  73  73  ALA ALA A . n 
A 1 74  ALA 74  74  74  ALA ALA A . n 
A 1 75  VAL 75  75  75  VAL VAL A . n 
A 1 76  ARG 76  76  76  ARG ARG A . n 
A 1 77  GLY 77  77  77  GLY GLY A . n 
A 1 78  ILE 78  78  78  ILE ILE A . n 
A 1 79  LEU 79  79  79  LEU LEU A . n 
A 1 80  ARG 80  80  80  ARG ARG A . n 
A 1 81  ASN 81  81  81  ASN ASN A . n 
A 1 82  ALA 82  82  82  ALA ALA A . n 
A 1 83  LYS 83  83  83  LYS LYS A . n 
A 1 84  LEU 84  84  84  LEU LEU A . n 
A 1 85  LYS 85  85  85  LYS LYS A . n 
A 1 86  PRO 86  86  86  PRO PRO A . n 
A 1 87  VAL 87  87  87  VAL VAL A . n 
A 1 88  TYR 88  88  88  TYR TYR A . n 
A 1 89  ASP 89  89  89  ASP ASP A . n 
A 1 90  SER 90  90  90  SER SER A . n 
A 1 91  LEU 91  91  91  LEU LEU A . n 
A 1 92  ASP 92  92  92  ASP ASP A . n 
A 1 93  ALA 93  93  93  ALA ALA A . n 
A 1 94  VAL 94  94  94  VAL VAL A . n 
A 1 95  ARG 95  95  95  ARG ARG A . n 
A 1 96  ARG 96  96  96  ARG ARG A . n 
A 1 97  CYS 97  97  97  CYS CYS A . n 
A 1 98  ALA 98  98  98  ALA ALA A . n 
A 1 99  ALA 99  99  99  ALA ALA A . n 
A 1 100 ILE 100 100 100 ILE ILE A . n 
A 1 101 ASN 101 101 101 ASN ASN A . n 
A 1 102 GLN 102 102 102 GLN GLN A . n 
A 1 103 VAL 103 103 103 VAL VAL A . n 
A 1 104 PHE 104 104 104 PHE PHE A . n 
A 1 105 GLN 105 105 105 GLN GLN A . n 
A 1 106 MET 106 106 106 MET MET A . n 
A 1 107 GLY 107 107 107 GLY GLY A . n 
A 1 108 GLU 108 108 108 GLU GLU A . n 
A 1 109 THR 109 109 109 THR THR A . n 
A 1 110 GLY 110 110 110 GLY GLY A . n 
A 1 111 VAL 111 111 111 VAL VAL A . n 
A 1 112 ALA 112 112 112 ALA ALA A . n 
A 1 113 GLY 113 113 113 GLY GLY A . n 
A 1 114 PHE 114 114 114 PHE PHE A . n 
A 1 115 THR 115 115 115 THR THR A . n 
A 1 116 ASN 116 116 116 ASN ASN A . n 
A 1 117 SER 117 117 117 SER SER A . n 
A 1 118 LEU 118 118 118 LEU LEU A . n 
A 1 119 ARG 119 119 119 ARG ARG A . n 
A 1 120 MET 120 120 120 MET MET A . n 
A 1 121 LEU 121 121 121 LEU LEU A . n 
A 1 122 GLN 122 122 122 GLN GLN A . n 
A 1 123 GLN 123 123 123 GLN GLN A . n 
A 1 124 LYS 124 124 124 LYS LYS A . n 
A 1 125 ARG 125 125 125 ARG ARG A . n 
A 1 126 TRP 126 126 126 TRP TRP A . n 
A 1 127 ASP 127 127 127 ASP ASP A . n 
A 1 128 GLU 128 128 128 GLU GLU A . n 
A 1 129 ALA 129 129 129 ALA ALA A . n 
A 1 130 ALA 130 130 130 ALA ALA A . n 
A 1 131 VAL 131 131 131 VAL VAL A . n 
A 1 132 ASN 132 132 132 ASN ASN A . n 
A 1 133 LEU 133 133 133 LEU LEU A . n 
A 1 134 ALA 134 134 134 ALA ALA A . n 
A 1 135 LYS 135 135 135 LYS LYS A . n 
A 1 136 SER 136 136 136 SER SER A . n 
A 1 137 ARG 137 137 137 ARG ARG A . n 
A 1 138 TRP 138 138 138 TRP TRP A . n 
A 1 139 TYR 139 139 139 TYR TYR A . n 
A 1 140 ASN 140 140 140 ASN ASN A . n 
A 1 141 GLN 141 141 141 GLN GLN A . n 
A 1 142 THR 142 142 142 THR THR A . n 
A 1 143 PRO 143 143 143 PRO PRO A . n 
A 1 144 ASN 144 144 144 ASN ASN A . n 
A 1 145 ARG 145 145 145 ARG ARG A . n 
A 1 146 ALA 146 146 146 ALA ALA A . n 
A 1 147 LYS 147 147 147 LYS LYS A . n 
A 1 148 ARG 148 148 148 ARG ARG A . n 
A 1 149 VAL 149 149 149 VAL VAL A . n 
A 1 150 ILE 150 150 150 ILE ILE A . n 
A 1 151 THR 151 151 151 THR THR A . n 
A 1 152 THR 152 152 152 THR THR A . n 
A 1 153 PHE 153 153 153 PHE PHE A . n 
A 1 154 ARG 154 154 154 ARG ARG A . n 
A 1 155 THR 155 155 155 THR THR A . n 
A 1 156 GLY 156 156 156 GLY GLY A . n 
A 1 157 THR 157 157 157 THR THR A . n 
A 1 158 TRP 158 158 158 TRP TRP A . n 
A 1 159 ASP 159 159 159 ASP ASP A . n 
A 1 160 ALA 160 160 160 ALA ALA A . n 
A 1 161 TYR 161 161 161 TYR TYR A . n 
A 1 162 LYS 162 162 162 LYS LYS A . n 
A 1 163 ASN 163 163 ?   ?   ?   A . n 
A 1 164 LEU 164 164 ?   ?   ?   A . n 
# 
loop_
_pdbx_nonpoly_scheme.asym_id 
_pdbx_nonpoly_scheme.entity_id 
_pdbx_nonpoly_scheme.mon_id 
_pdbx_nonpoly_scheme.ndb_seq_num 
_pdbx_nonpoly_scheme.pdb_seq_num 
_pdbx_nonpoly_scheme.auth_seq_num 
_pdbx_nonpoly_scheme.pdb_mon_id 
_pdbx_nonpoly_scheme.auth_mon_id 
_pdbx_nonpoly_scheme.pdb_strand_id 
_pdbx_nonpoly_scheme.pdb_ins_code 
B 2 CL  1  173 173 CL  SOL A . 
C 2 CL  1  178 178 CL  SOL A . 
D 3 IPH 1  400 400 IPH PHE A . 
E 4 BME 1  169 169 BME BME A . 
F 4 BME 1  170 170 BME BME A . 
G 5 HOH 1  171 171 HOH SOL A . 
G 5 HOH 2  174 174 HOH SOL A . 
G 5 HOH 3  175 175 HOH SOL A . 
G 5 HOH 4  176 176 HOH SOL A . 
G 5 HOH 5  177 177 HOH SOL A . 
G 5 HOH 6  179 179 HOH SOL A . 
G 5 HOH 7  180 180 HOH SOL A . 
G 5 HOH 8  181 181 HOH SOL A . 
G 5 HOH 9  182 182 HOH SOL A . 
G 5 HOH 10 183 183 HOH SOL A . 
G 5 HOH 11 185 185 HOH SOL A . 
G 5 HOH 12 186 186 HOH SOL A . 
G 5 HOH 13 187 187 HOH SOL A . 
G 5 HOH 14 188 188 HOH SOL A . 
G 5 HOH 15 190 190 HOH SOL A . 
G 5 HOH 16 191 191 HOH SOL A . 
G 5 HOH 17 193 193 HOH SOL A . 
G 5 HOH 18 195 195 HOH SOL A . 
G 5 HOH 19 196 196 HOH SOL A . 
G 5 HOH 20 198 198 HOH SOL A . 
G 5 HOH 21 199 199 HOH SOL A . 
G 5 HOH 22 200 200 HOH SOL A . 
G 5 HOH 23 201 201 HOH SOL A . 
G 5 HOH 24 203 203 HOH SOL A . 
G 5 HOH 25 204 204 HOH SOL A . 
G 5 HOH 26 207 207 HOH SOL A . 
G 5 HOH 27 208 208 HOH SOL A . 
G 5 HOH 28 210 210 HOH SOL A . 
G 5 HOH 29 211 211 HOH SOL A . 
G 5 HOH 30 213 213 HOH SOL A . 
G 5 HOH 31 217 217 HOH SOL A . 
G 5 HOH 32 218 218 HOH SOL A . 
G 5 HOH 33 219 219 HOH SOL A . 
G 5 HOH 34 221 221 HOH SOL A . 
G 5 HOH 35 223 223 HOH SOL A . 
G 5 HOH 36 226 226 HOH SOL A . 
G 5 HOH 37 229 229 HOH SOL A . 
G 5 HOH 38 231 231 HOH SOL A . 
G 5 HOH 39 232 232 HOH SOL A . 
G 5 HOH 40 235 235 HOH SOL A . 
G 5 HOH 41 237 237 HOH SOL A . 
G 5 HOH 42 238 238 HOH SOL A . 
G 5 HOH 43 239 239 HOH SOL A . 
G 5 HOH 44 240 240 HOH SOL A . 
G 5 HOH 45 251 251 HOH SOL A . 
G 5 HOH 46 253 253 HOH SOL A . 
G 5 HOH 47 256 256 HOH SOL A . 
G 5 HOH 48 265 265 HOH SOL A . 
G 5 HOH 49 268 268 HOH SOL A . 
G 5 HOH 50 269 269 HOH SOL A . 
G 5 HOH 51 270 270 HOH SOL A . 
G 5 HOH 52 273 273 HOH SOL A . 
G 5 HOH 53 274 274 HOH SOL A . 
G 5 HOH 54 277 277 HOH SOL A . 
G 5 HOH 55 278 278 HOH SOL A . 
G 5 HOH 56 281 281 HOH SOL A . 
G 5 HOH 57 282 282 HOH SOL A . 
G 5 HOH 58 291 291 HOH SOL A . 
G 5 HOH 59 293 293 HOH SOL A . 
G 5 HOH 60 296 296 HOH SOL A . 
G 5 HOH 61 299 299 HOH SOL A . 
G 5 HOH 62 301 301 HOH SOL A . 
G 5 HOH 63 309 309 HOH SOL A . 
G 5 HOH 64 311 311 HOH SOL A . 
G 5 HOH 65 320 320 HOH SOL A . 
G 5 HOH 66 401 401 HOH SOL A . 
# 
_pdbx_struct_assembly.id                   1 
_pdbx_struct_assembly.details              author_defined_assembly 
_pdbx_struct_assembly.method_details       ? 
_pdbx_struct_assembly.oligomeric_details   monomeric 
_pdbx_struct_assembly.oligomeric_count     1 
# 
_pdbx_struct_assembly_gen.assembly_id       1 
_pdbx_struct_assembly_gen.oper_expression   1 
_pdbx_struct_assembly_gen.asym_id_list      A,B,C,D,E,F,G 
# 
_pdbx_struct_oper_list.id                   1 
_pdbx_struct_oper_list.type                 'identity operation' 
_pdbx_struct_oper_list.name                 1_555 
_pdbx_struct_oper_list.symmetry_operation   x,y,z 
_pdbx_struct_oper_list.matrix[1][1]         1.0000000000 
_pdbx_struct_oper_list.matrix[1][2]         0.0000000000 
_pdbx_struct_oper_list.matrix[1][3]         0.0000000000 
_pdbx_struct_oper_list.vector[1]            0.0000000000 
_pdbx_struct_oper_list.matrix[2][1]         0.0000000000 
_pdbx_struct_oper_list.matrix[2][2]         1.0000000000 
_pdbx_struct_oper_list.matrix[2][3]         0.0000000000 
_pdbx_struct_oper_list.vector[2]            0.0000000000 
_pdbx_struct_oper_list.matrix[3][1]         0.0000000000 
_pdbx_struct_oper_list.matrix[3][2]         0.0000000000 
_pdbx_struct_oper_list.matrix[3][3]         1.0000000000 
_pdbx_struct_oper_list.vector[3]            0.0000000000 
# 
loop_
_pdbx_audit_revision_history.ordinal 
_pdbx_audit_revision_history.data_content_type 
_pdbx_audit_revision_history.major_revision 
_pdbx_audit_revision_history.minor_revision 
_pdbx_audit_revision_history.revision_date 
1 'Structure model' 1 0 2002-05-08 
2 'Structure model' 1 1 2008-04-28 
3 'Structure model' 1 2 2011-07-13 
4 'Structure model' 1 3 2021-10-27 
5 'Structure model' 1 4 2023-08-16 
# 
_pdbx_audit_revision_details.ordinal             1 
_pdbx_audit_revision_details.revision_ordinal    1 
_pdbx_audit_revision_details.data_content_type   'Structure model' 
_pdbx_audit_revision_details.provider            repository 
_pdbx_audit_revision_details.type                'Initial release' 
_pdbx_audit_revision_details.description         ? 
_pdbx_audit_revision_details.details             ? 
# 
loop_
_pdbx_audit_revision_group.ordinal 
_pdbx_audit_revision_group.revision_ordinal 
_pdbx_audit_revision_group.data_content_type 
_pdbx_audit_revision_group.group 
1 2 'Structure model' 'Version format compliance' 
2 3 'Structure model' 'Version format compliance' 
3 4 'Structure model' 'Database references'       
4 4 'Structure model' 'Derived calculations'      
5 5 'Structure model' 'Data collection'           
6 5 'Structure model' 'Refinement description'    
# 
loop_
_pdbx_audit_revision_category.ordinal 
_pdbx_audit_revision_category.revision_ordinal 
_pdbx_audit_revision_category.data_content_type 
_pdbx_audit_revision_category.category 
1 4 'Structure model' database_2                    
2 4 'Structure model' struct_ref_seq_dif            
3 4 'Structure model' struct_site                   
4 5 'Structure model' chem_comp_atom                
5 5 'Structure model' chem_comp_bond                
6 5 'Structure model' pdbx_initial_refinement_model 
# 
loop_
_pdbx_audit_revision_item.ordinal 
_pdbx_audit_revision_item.revision_ordinal 
_pdbx_audit_revision_item.data_content_type 
_pdbx_audit_revision_item.item 
1 4 'Structure model' '_database_2.pdbx_DOI'                
2 4 'Structure model' '_database_2.pdbx_database_accession' 
3 4 'Structure model' '_struct_ref_seq_dif.details'         
4 4 'Structure model' '_struct_site.pdbx_auth_asym_id'      
5 4 'Structure model' '_struct_site.pdbx_auth_comp_id'      
6 4 'Structure model' '_struct_site.pdbx_auth_seq_id'       
# 
loop_
_software.name 
_software.classification 
_software.version 
_software.citation_id 
_software.pdbx_ordinal 
SDMS 'data collection' . ? 1 
SDMS 'data reduction'  . ? 2 
TNT  refinement        . ? 3 
SDMS 'data scaling'    . ? 4 
TNT  phasing           . ? 5 
# 
loop_
_pdbx_validate_rmsd_bond.id 
_pdbx_validate_rmsd_bond.PDB_model_num 
_pdbx_validate_rmsd_bond.auth_atom_id_1 
_pdbx_validate_rmsd_bond.auth_asym_id_1 
_pdbx_validate_rmsd_bond.auth_comp_id_1 
_pdbx_validate_rmsd_bond.auth_seq_id_1 
_pdbx_validate_rmsd_bond.PDB_ins_code_1 
_pdbx_validate_rmsd_bond.label_alt_id_1 
_pdbx_validate_rmsd_bond.auth_atom_id_2 
_pdbx_validate_rmsd_bond.auth_asym_id_2 
_pdbx_validate_rmsd_bond.auth_comp_id_2 
_pdbx_validate_rmsd_bond.auth_seq_id_2 
_pdbx_validate_rmsd_bond.PDB_ins_code_2 
_pdbx_validate_rmsd_bond.label_alt_id_2 
_pdbx_validate_rmsd_bond.bond_value 
_pdbx_validate_rmsd_bond.bond_target_value 
_pdbx_validate_rmsd_bond.bond_deviation 
_pdbx_validate_rmsd_bond.bond_standard_deviation 
_pdbx_validate_rmsd_bond.linker_flag 
1 1 CD A GLU 62  ? ? OE2 A GLU 62  ? ? 1.319 1.252 0.067 0.011 N 
2 1 CD A GLU 108 ? ? OE2 A GLU 108 ? ? 1.320 1.252 0.068 0.011 N 
# 
loop_
_pdbx_validate_rmsd_angle.id 
_pdbx_validate_rmsd_angle.PDB_model_num 
_pdbx_validate_rmsd_angle.auth_atom_id_1 
_pdbx_validate_rmsd_angle.auth_asym_id_1 
_pdbx_validate_rmsd_angle.auth_comp_id_1 
_pdbx_validate_rmsd_angle.auth_seq_id_1 
_pdbx_validate_rmsd_angle.PDB_ins_code_1 
_pdbx_validate_rmsd_angle.label_alt_id_1 
_pdbx_validate_rmsd_angle.auth_atom_id_2 
_pdbx_validate_rmsd_angle.auth_asym_id_2 
_pdbx_validate_rmsd_angle.auth_comp_id_2 
_pdbx_validate_rmsd_angle.auth_seq_id_2 
_pdbx_validate_rmsd_angle.PDB_ins_code_2 
_pdbx_validate_rmsd_angle.label_alt_id_2 
_pdbx_validate_rmsd_angle.auth_atom_id_3 
_pdbx_validate_rmsd_angle.auth_asym_id_3 
_pdbx_validate_rmsd_angle.auth_comp_id_3 
_pdbx_validate_rmsd_angle.auth_seq_id_3 
_pdbx_validate_rmsd_angle.PDB_ins_code_3 
_pdbx_validate_rmsd_angle.label_alt_id_3 
_pdbx_validate_rmsd_angle.angle_value 
_pdbx_validate_rmsd_angle.angle_target_value 
_pdbx_validate_rmsd_angle.angle_deviation 
_pdbx_validate_rmsd_angle.angle_standard_deviation 
_pdbx_validate_rmsd_angle.linker_flag 
1  1 NE  A ARG 8   ? ? CZ A ARG 8   ? ? NH1 A ARG 8   ? ? 123.30 120.30 3.00   0.50 N 
2  1 CG1 A ILE 9   ? ? CB A ILE 9   ? ? CG2 A ILE 9   ? ? 97.80  111.40 -13.60 2.20 N 
3  1 CB  A ASP 10  ? ? CG A ASP 10  ? ? OD2 A ASP 10  ? ? 112.39 118.30 -5.91  0.90 N 
4  1 NE  A ARG 14  ? ? CZ A ARG 14  ? ? NH2 A ARG 14  ? ? 117.20 120.30 -3.10  0.50 N 
5  1 CB  A ASP 20  ? ? CG A ASP 20  ? ? OD1 A ASP 20  ? ? 124.66 118.30 6.36   0.90 N 
6  1 CB  A ASN 40  ? ? CA A ASN 40  ? ? C   A ASN 40  ? ? 128.03 110.40 17.63  2.00 N 
7  1 CB  A ASP 47  ? ? CG A ASP 47  ? ? OD1 A ASP 47  ? ? 129.07 118.30 10.77  0.90 N 
8  1 CB  A ASP 47  ? ? CG A ASP 47  ? ? OD2 A ASP 47  ? ? 108.81 118.30 -9.49  0.90 N 
9  1 CB  A ASP 61  ? ? CG A ASP 61  ? ? OD2 A ASP 61  ? ? 112.74 118.30 -5.56  0.90 N 
10 1 CB  A ASP 72  ? ? CG A ASP 72  ? ? OD2 A ASP 72  ? ? 110.53 118.30 -7.77  0.90 N 
11 1 CB  A ARG 76  ? ? CA A ARG 76  ? ? C   A ARG 76  ? ? 123.23 110.40 12.83  2.00 N 
12 1 NE  A ARG 76  ? ? CZ A ARG 76  ? ? NH1 A ARG 76  ? ? 123.37 120.30 3.07   0.50 N 
13 1 CB  A SER 90  ? ? CA A SER 90  ? ? C   A SER 90  ? ? 98.44  110.10 -11.66 1.90 N 
14 1 CB  A ASP 92  ? ? CG A ASP 92  ? ? OD1 A ASP 92  ? ? 124.56 118.30 6.26   0.90 N 
15 1 CB  A ASP 92  ? ? CG A ASP 92  ? ? OD2 A ASP 92  ? ? 111.22 118.30 -7.08  0.90 N 
16 1 CB  A GLN 102 ? ? CA A GLN 102 ? ? C   A GLN 102 ? ? 96.75  110.40 -13.65 2.00 N 
17 1 CB  A GLU 108 ? ? CA A GLU 108 ? ? C   A GLU 108 ? ? 127.09 110.40 16.69  2.00 N 
18 1 CA  A THR 109 ? ? CB A THR 109 ? ? CG2 A THR 109 ? ? 96.42  112.40 -15.98 1.40 N 
19 1 CB  A ALA 112 ? ? CA A ALA 112 ? ? C   A ALA 112 ? ? 128.21 110.10 18.11  1.50 N 
20 1 CB  A SER 117 ? ? CA A SER 117 ? ? C   A SER 117 ? ? 96.98  110.10 -13.12 1.90 N 
21 1 CB  A ARG 119 ? ? CA A ARG 119 ? ? C   A ARG 119 ? ? 98.27  110.40 -12.13 2.00 N 
22 1 CB  A GLN 123 ? ? CA A GLN 123 ? ? C   A GLN 123 ? ? 98.18  110.40 -12.22 2.00 N 
23 1 CB  A ASP 127 ? ? CG A ASP 127 ? ? OD1 A ASP 127 ? ? 126.81 118.30 8.51   0.90 N 
24 1 CB  A ASP 127 ? ? CG A ASP 127 ? ? OD2 A ASP 127 ? ? 109.54 118.30 -8.76  0.90 N 
25 1 NE  A ARG 137 ? ? CZ A ARG 137 ? ? NH2 A ARG 137 ? ? 117.01 120.30 -3.29  0.50 N 
26 1 CD  A ARG 145 ? ? NE A ARG 145 ? ? CZ  A ARG 145 ? ? 115.11 123.60 -8.49  1.40 N 
27 1 NE  A ARG 148 ? ? CZ A ARG 148 ? ? NH1 A ARG 148 ? ? 124.29 120.30 3.99   0.50 N 
28 1 CA  A THR 151 ? ? CB A THR 151 ? ? CG2 A THR 151 ? ? 121.61 112.40 9.21   1.40 N 
29 1 CB  A ASP 159 ? ? CG A ASP 159 ? ? OD1 A ASP 159 ? ? 123.70 118.30 5.40   0.90 N 
30 1 CB  A ASP 159 ? ? CG A ASP 159 ? ? OD2 A ASP 159 ? ? 112.65 118.30 -5.65  0.90 N 
# 
loop_
_pdbx_validate_torsion.id 
_pdbx_validate_torsion.PDB_model_num 
_pdbx_validate_torsion.auth_comp_id 
_pdbx_validate_torsion.auth_asym_id 
_pdbx_validate_torsion.auth_seq_id 
_pdbx_validate_torsion.PDB_ins_code 
_pdbx_validate_torsion.label_alt_id 
_pdbx_validate_torsion.phi 
_pdbx_validate_torsion.psi 
1 1 ILE A 29  ? ? -102.82 72.50 
2 1 PHE A 114 ? ? -94.21  32.38 
# 
loop_
_pdbx_unobs_or_zero_occ_residues.id 
_pdbx_unobs_or_zero_occ_residues.PDB_model_num 
_pdbx_unobs_or_zero_occ_residues.polymer_flag 
_pdbx_unobs_or_zero_occ_residues.occupancy_flag 
_pdbx_unobs_or_zero_occ_residues.auth_asym_id 
_pdbx_unobs_or_zero_occ_residues.auth_comp_id 
_pdbx_unobs_or_zero_occ_residues.auth_seq_id 
_pdbx_unobs_or_zero_occ_residues.PDB_ins_code 
_pdbx_unobs_or_zero_occ_residues.label_asym_id 
_pdbx_unobs_or_zero_occ_residues.label_comp_id 
_pdbx_unobs_or_zero_occ_residues.label_seq_id 
1 1 Y 1 A ASN 163 ? A ASN 163 
2 1 Y 1 A LEU 164 ? A LEU 164 
# 
loop_
_chem_comp_atom.comp_id 
_chem_comp_atom.atom_id 
_chem_comp_atom.type_symbol 
_chem_comp_atom.pdbx_aromatic_flag 
_chem_comp_atom.pdbx_stereo_config 
_chem_comp_atom.pdbx_ordinal 
ALA N    N  N N 1   
ALA CA   C  N S 2   
ALA C    C  N N 3   
ALA O    O  N N 4   
ALA CB   C  N N 5   
ALA OXT  O  N N 6   
ALA H    H  N N 7   
ALA H2   H  N N 8   
ALA HA   H  N N 9   
ALA HB1  H  N N 10  
ALA HB2  H  N N 11  
ALA HB3  H  N N 12  
ALA HXT  H  N N 13  
ARG N    N  N N 14  
ARG CA   C  N S 15  
ARG C    C  N N 16  
ARG O    O  N N 17  
ARG CB   C  N N 18  
ARG CG   C  N N 19  
ARG CD   C  N N 20  
ARG NE   N  N N 21  
ARG CZ   C  N N 22  
ARG NH1  N  N N 23  
ARG NH2  N  N N 24  
ARG OXT  O  N N 25  
ARG H    H  N N 26  
ARG H2   H  N N 27  
ARG HA   H  N N 28  
ARG HB2  H  N N 29  
ARG HB3  H  N N 30  
ARG HG2  H  N N 31  
ARG HG3  H  N N 32  
ARG HD2  H  N N 33  
ARG HD3  H  N N 34  
ARG HE   H  N N 35  
ARG HH11 H  N N 36  
ARG HH12 H  N N 37  
ARG HH21 H  N N 38  
ARG HH22 H  N N 39  
ARG HXT  H  N N 40  
ASN N    N  N N 41  
ASN CA   C  N S 42  
ASN C    C  N N 43  
ASN O    O  N N 44  
ASN CB   C  N N 45  
ASN CG   C  N N 46  
ASN OD1  O  N N 47  
ASN ND2  N  N N 48  
ASN OXT  O  N N 49  
ASN H    H  N N 50  
ASN H2   H  N N 51  
ASN HA   H  N N 52  
ASN HB2  H  N N 53  
ASN HB3  H  N N 54  
ASN HD21 H  N N 55  
ASN HD22 H  N N 56  
ASN HXT  H  N N 57  
ASP N    N  N N 58  
ASP CA   C  N S 59  
ASP C    C  N N 60  
ASP O    O  N N 61  
ASP CB   C  N N 62  
ASP CG   C  N N 63  
ASP OD1  O  N N 64  
ASP OD2  O  N N 65  
ASP OXT  O  N N 66  
ASP H    H  N N 67  
ASP H2   H  N N 68  
ASP HA   H  N N 69  
ASP HB2  H  N N 70  
ASP HB3  H  N N 71  
ASP HD2  H  N N 72  
ASP HXT  H  N N 73  
BME C1   C  N N 74  
BME C2   C  N N 75  
BME O1   O  N N 76  
BME S2   S  N N 77  
BME H11  H  N N 78  
BME H12  H  N N 79  
BME H21  H  N N 80  
BME H22  H  N N 81  
BME HO1  H  N N 82  
BME HS2  H  N N 83  
CL  CL   CL N N 84  
CYS N    N  N N 85  
CYS CA   C  N R 86  
CYS C    C  N N 87  
CYS O    O  N N 88  
CYS CB   C  N N 89  
CYS SG   S  N N 90  
CYS OXT  O  N N 91  
CYS H    H  N N 92  
CYS H2   H  N N 93  
CYS HA   H  N N 94  
CYS HB2  H  N N 95  
CYS HB3  H  N N 96  
CYS HG   H  N N 97  
CYS HXT  H  N N 98  
GLN N    N  N N 99  
GLN CA   C  N S 100 
GLN C    C  N N 101 
GLN O    O  N N 102 
GLN CB   C  N N 103 
GLN CG   C  N N 104 
GLN CD   C  N N 105 
GLN OE1  O  N N 106 
GLN NE2  N  N N 107 
GLN OXT  O  N N 108 
GLN H    H  N N 109 
GLN H2   H  N N 110 
GLN HA   H  N N 111 
GLN HB2  H  N N 112 
GLN HB3  H  N N 113 
GLN HG2  H  N N 114 
GLN HG3  H  N N 115 
GLN HE21 H  N N 116 
GLN HE22 H  N N 117 
GLN HXT  H  N N 118 
GLU N    N  N N 119 
GLU CA   C  N S 120 
GLU C    C  N N 121 
GLU O    O  N N 122 
GLU CB   C  N N 123 
GLU CG   C  N N 124 
GLU CD   C  N N 125 
GLU OE1  O  N N 126 
GLU OE2  O  N N 127 
GLU OXT  O  N N 128 
GLU H    H  N N 129 
GLU H2   H  N N 130 
GLU HA   H  N N 131 
GLU HB2  H  N N 132 
GLU HB3  H  N N 133 
GLU HG2  H  N N 134 
GLU HG3  H  N N 135 
GLU HE2  H  N N 136 
GLU HXT  H  N N 137 
GLY N    N  N N 138 
GLY CA   C  N N 139 
GLY C    C  N N 140 
GLY O    O  N N 141 
GLY OXT  O  N N 142 
GLY H    H  N N 143 
GLY H2   H  N N 144 
GLY HA2  H  N N 145 
GLY HA3  H  N N 146 
GLY HXT  H  N N 147 
HIS N    N  N N 148 
HIS CA   C  N S 149 
HIS C    C  N N 150 
HIS O    O  N N 151 
HIS CB   C  N N 152 
HIS CG   C  Y N 153 
HIS ND1  N  Y N 154 
HIS CD2  C  Y N 155 
HIS CE1  C  Y N 156 
HIS NE2  N  Y N 157 
HIS OXT  O  N N 158 
HIS H    H  N N 159 
HIS H2   H  N N 160 
HIS HA   H  N N 161 
HIS HB2  H  N N 162 
HIS HB3  H  N N 163 
HIS HD1  H  N N 164 
HIS HD2  H  N N 165 
HIS HE1  H  N N 166 
HIS HE2  H  N N 167 
HIS HXT  H  N N 168 
HOH O    O  N N 169 
HOH H1   H  N N 170 
HOH H2   H  N N 171 
ILE N    N  N N 172 
ILE CA   C  N S 173 
ILE C    C  N N 174 
ILE O    O  N N 175 
ILE CB   C  N S 176 
ILE CG1  C  N N 177 
ILE CG2  C  N N 178 
ILE CD1  C  N N 179 
ILE OXT  O  N N 180 
ILE H    H  N N 181 
ILE H2   H  N N 182 
ILE HA   H  N N 183 
ILE HB   H  N N 184 
ILE HG12 H  N N 185 
ILE HG13 H  N N 186 
ILE HG21 H  N N 187 
ILE HG22 H  N N 188 
ILE HG23 H  N N 189 
ILE HD11 H  N N 190 
ILE HD12 H  N N 191 
ILE HD13 H  N N 192 
ILE HXT  H  N N 193 
IPH C1   C  Y N 194 
IPH C2   C  Y N 195 
IPH C3   C  Y N 196 
IPH C4   C  Y N 197 
IPH C5   C  Y N 198 
IPH C6   C  Y N 199 
IPH O1   O  N N 200 
IPH H2   H  N N 201 
IPH H3   H  N N 202 
IPH H4   H  N N 203 
IPH H5   H  N N 204 
IPH H6   H  N N 205 
IPH HO1  H  N N 206 
LEU N    N  N N 207 
LEU CA   C  N S 208 
LEU C    C  N N 209 
LEU O    O  N N 210 
LEU CB   C  N N 211 
LEU CG   C  N N 212 
LEU CD1  C  N N 213 
LEU CD2  C  N N 214 
LEU OXT  O  N N 215 
LEU H    H  N N 216 
LEU H2   H  N N 217 
LEU HA   H  N N 218 
LEU HB2  H  N N 219 
LEU HB3  H  N N 220 
LEU HG   H  N N 221 
LEU HD11 H  N N 222 
LEU HD12 H  N N 223 
LEU HD13 H  N N 224 
LEU HD21 H  N N 225 
LEU HD22 H  N N 226 
LEU HD23 H  N N 227 
LEU HXT  H  N N 228 
LYS N    N  N N 229 
LYS CA   C  N S 230 
LYS C    C  N N 231 
LYS O    O  N N 232 
LYS CB   C  N N 233 
LYS CG   C  N N 234 
LYS CD   C  N N 235 
LYS CE   C  N N 236 
LYS NZ   N  N N 237 
LYS OXT  O  N N 238 
LYS H    H  N N 239 
LYS H2   H  N N 240 
LYS HA   H  N N 241 
LYS HB2  H  N N 242 
LYS HB3  H  N N 243 
LYS HG2  H  N N 244 
LYS HG3  H  N N 245 
LYS HD2  H  N N 246 
LYS HD3  H  N N 247 
LYS HE2  H  N N 248 
LYS HE3  H  N N 249 
LYS HZ1  H  N N 250 
LYS HZ2  H  N N 251 
LYS HZ3  H  N N 252 
LYS HXT  H  N N 253 
MET N    N  N N 254 
MET CA   C  N S 255 
MET C    C  N N 256 
MET O    O  N N 257 
MET CB   C  N N 258 
MET CG   C  N N 259 
MET SD   S  N N 260 
MET CE   C  N N 261 
MET OXT  O  N N 262 
MET H    H  N N 263 
MET H2   H  N N 264 
MET HA   H  N N 265 
MET HB2  H  N N 266 
MET HB3  H  N N 267 
MET HG2  H  N N 268 
MET HG3  H  N N 269 
MET HE1  H  N N 270 
MET HE2  H  N N 271 
MET HE3  H  N N 272 
MET HXT  H  N N 273 
PHE N    N  N N 274 
PHE CA   C  N S 275 
PHE C    C  N N 276 
PHE O    O  N N 277 
PHE CB   C  N N 278 
PHE CG   C  Y N 279 
PHE CD1  C  Y N 280 
PHE CD2  C  Y N 281 
PHE CE1  C  Y N 282 
PHE CE2  C  Y N 283 
PHE CZ   C  Y N 284 
PHE OXT  O  N N 285 
PHE H    H  N N 286 
PHE H2   H  N N 287 
PHE HA   H  N N 288 
PHE HB2  H  N N 289 
PHE HB3  H  N N 290 
PHE HD1  H  N N 291 
PHE HD2  H  N N 292 
PHE HE1  H  N N 293 
PHE HE2  H  N N 294 
PHE HZ   H  N N 295 
PHE HXT  H  N N 296 
PRO N    N  N N 297 
PRO CA   C  N S 298 
PRO C    C  N N 299 
PRO O    O  N N 300 
PRO CB   C  N N 301 
PRO CG   C  N N 302 
PRO CD   C  N N 303 
PRO OXT  O  N N 304 
PRO H    H  N N 305 
PRO HA   H  N N 306 
PRO HB2  H  N N 307 
PRO HB3  H  N N 308 
PRO HG2  H  N N 309 
PRO HG3  H  N N 310 
PRO HD2  H  N N 311 
PRO HD3  H  N N 312 
PRO HXT  H  N N 313 
SER N    N  N N 314 
SER CA   C  N S 315 
SER C    C  N N 316 
SER O    O  N N 317 
SER CB   C  N N 318 
SER OG   O  N N 319 
SER OXT  O  N N 320 
SER H    H  N N 321 
SER H2   H  N N 322 
SER HA   H  N N 323 
SER HB2  H  N N 324 
SER HB3  H  N N 325 
SER HG   H  N N 326 
SER HXT  H  N N 327 
THR N    N  N N 328 
THR CA   C  N S 329 
THR C    C  N N 330 
THR O    O  N N 331 
THR CB   C  N R 332 
THR OG1  O  N N 333 
THR CG2  C  N N 334 
THR OXT  O  N N 335 
THR H    H  N N 336 
THR H2   H  N N 337 
THR HA   H  N N 338 
THR HB   H  N N 339 
THR HG1  H  N N 340 
THR HG21 H  N N 341 
THR HG22 H  N N 342 
THR HG23 H  N N 343 
THR HXT  H  N N 344 
TRP N    N  N N 345 
TRP CA   C  N S 346 
TRP C    C  N N 347 
TRP O    O  N N 348 
TRP CB   C  N N 349 
TRP CG   C  Y N 350 
TRP CD1  C  Y N 351 
TRP CD2  C  Y N 352 
TRP NE1  N  Y N 353 
TRP CE2  C  Y N 354 
TRP CE3  C  Y N 355 
TRP CZ2  C  Y N 356 
TRP CZ3  C  Y N 357 
TRP CH2  C  Y N 358 
TRP OXT  O  N N 359 
TRP H    H  N N 360 
TRP H2   H  N N 361 
TRP HA   H  N N 362 
TRP HB2  H  N N 363 
TRP HB3  H  N N 364 
TRP HD1  H  N N 365 
TRP HE1  H  N N 366 
TRP HE3  H  N N 367 
TRP HZ2  H  N N 368 
TRP HZ3  H  N N 369 
TRP HH2  H  N N 370 
TRP HXT  H  N N 371 
TYR N    N  N N 372 
TYR CA   C  N S 373 
TYR C    C  N N 374 
TYR O    O  N N 375 
TYR CB   C  N N 376 
TYR CG   C  Y N 377 
TYR CD1  C  Y N 378 
TYR CD2  C  Y N 379 
TYR CE1  C  Y N 380 
TYR CE2  C  Y N 381 
TYR CZ   C  Y N 382 
TYR OH   O  N N 383 
TYR OXT  O  N N 384 
TYR H    H  N N 385 
TYR H2   H  N N 386 
TYR HA   H  N N 387 
TYR HB2  H  N N 388 
TYR HB3  H  N N 389 
TYR HD1  H  N N 390 
TYR HD2  H  N N 391 
TYR HE1  H  N N 392 
TYR HE2  H  N N 393 
TYR HH   H  N N 394 
TYR HXT  H  N N 395 
VAL N    N  N N 396 
VAL CA   C  N S 397 
VAL C    C  N N 398 
VAL O    O  N N 399 
VAL CB   C  N N 400 
VAL CG1  C  N N 401 
VAL CG2  C  N N 402 
VAL OXT  O  N N 403 
VAL H    H  N N 404 
VAL H2   H  N N 405 
VAL HA   H  N N 406 
VAL HB   H  N N 407 
VAL HG11 H  N N 408 
VAL HG12 H  N N 409 
VAL HG13 H  N N 410 
VAL HG21 H  N N 411 
VAL HG22 H  N N 412 
VAL HG23 H  N N 413 
VAL HXT  H  N N 414 
# 
loop_
_chem_comp_bond.comp_id 
_chem_comp_bond.atom_id_1 
_chem_comp_bond.atom_id_2 
_chem_comp_bond.value_order 
_chem_comp_bond.pdbx_aromatic_flag 
_chem_comp_bond.pdbx_stereo_config 
_chem_comp_bond.pdbx_ordinal 
ALA N   CA   sing N N 1   
ALA N   H    sing N N 2   
ALA N   H2   sing N N 3   
ALA CA  C    sing N N 4   
ALA CA  CB   sing N N 5   
ALA CA  HA   sing N N 6   
ALA C   O    doub N N 7   
ALA C   OXT  sing N N 8   
ALA CB  HB1  sing N N 9   
ALA CB  HB2  sing N N 10  
ALA CB  HB3  sing N N 11  
ALA OXT HXT  sing N N 12  
ARG N   CA   sing N N 13  
ARG N   H    sing N N 14  
ARG N   H2   sing N N 15  
ARG CA  C    sing N N 16  
ARG CA  CB   sing N N 17  
ARG CA  HA   sing N N 18  
ARG C   O    doub N N 19  
ARG C   OXT  sing N N 20  
ARG CB  CG   sing N N 21  
ARG CB  HB2  sing N N 22  
ARG CB  HB3  sing N N 23  
ARG CG  CD   sing N N 24  
ARG CG  HG2  sing N N 25  
ARG CG  HG3  sing N N 26  
ARG CD  NE   sing N N 27  
ARG CD  HD2  sing N N 28  
ARG CD  HD3  sing N N 29  
ARG NE  CZ   sing N N 30  
ARG NE  HE   sing N N 31  
ARG CZ  NH1  sing N N 32  
ARG CZ  NH2  doub N N 33  
ARG NH1 HH11 sing N N 34  
ARG NH1 HH12 sing N N 35  
ARG NH2 HH21 sing N N 36  
ARG NH2 HH22 sing N N 37  
ARG OXT HXT  sing N N 38  
ASN N   CA   sing N N 39  
ASN N   H    sing N N 40  
ASN N   H2   sing N N 41  
ASN CA  C    sing N N 42  
ASN CA  CB   sing N N 43  
ASN CA  HA   sing N N 44  
ASN C   O    doub N N 45  
ASN C   OXT  sing N N 46  
ASN CB  CG   sing N N 47  
ASN CB  HB2  sing N N 48  
ASN CB  HB3  sing N N 49  
ASN CG  OD1  doub N N 50  
ASN CG  ND2  sing N N 51  
ASN ND2 HD21 sing N N 52  
ASN ND2 HD22 sing N N 53  
ASN OXT HXT  sing N N 54  
ASP N   CA   sing N N 55  
ASP N   H    sing N N 56  
ASP N   H2   sing N N 57  
ASP CA  C    sing N N 58  
ASP CA  CB   sing N N 59  
ASP CA  HA   sing N N 60  
ASP C   O    doub N N 61  
ASP C   OXT  sing N N 62  
ASP CB  CG   sing N N 63  
ASP CB  HB2  sing N N 64  
ASP CB  HB3  sing N N 65  
ASP CG  OD1  doub N N 66  
ASP CG  OD2  sing N N 67  
ASP OD2 HD2  sing N N 68  
ASP OXT HXT  sing N N 69  
BME C1  C2   sing N N 70  
BME C1  O1   sing N N 71  
BME C1  H11  sing N N 72  
BME C1  H12  sing N N 73  
BME C2  S2   sing N N 74  
BME C2  H21  sing N N 75  
BME C2  H22  sing N N 76  
BME O1  HO1  sing N N 77  
BME S2  HS2  sing N N 78  
CYS N   CA   sing N N 79  
CYS N   H    sing N N 80  
CYS N   H2   sing N N 81  
CYS CA  C    sing N N 82  
CYS CA  CB   sing N N 83  
CYS CA  HA   sing N N 84  
CYS C   O    doub N N 85  
CYS C   OXT  sing N N 86  
CYS CB  SG   sing N N 87  
CYS CB  HB2  sing N N 88  
CYS CB  HB3  sing N N 89  
CYS SG  HG   sing N N 90  
CYS OXT HXT  sing N N 91  
GLN N   CA   sing N N 92  
GLN N   H    sing N N 93  
GLN N   H2   sing N N 94  
GLN CA  C    sing N N 95  
GLN CA  CB   sing N N 96  
GLN CA  HA   sing N N 97  
GLN C   O    doub N N 98  
GLN C   OXT  sing N N 99  
GLN CB  CG   sing N N 100 
GLN CB  HB2  sing N N 101 
GLN CB  HB3  sing N N 102 
GLN CG  CD   sing N N 103 
GLN CG  HG2  sing N N 104 
GLN CG  HG3  sing N N 105 
GLN CD  OE1  doub N N 106 
GLN CD  NE2  sing N N 107 
GLN NE2 HE21 sing N N 108 
GLN NE2 HE22 sing N N 109 
GLN OXT HXT  sing N N 110 
GLU N   CA   sing N N 111 
GLU N   H    sing N N 112 
GLU N   H2   sing N N 113 
GLU CA  C    sing N N 114 
GLU CA  CB   sing N N 115 
GLU CA  HA   sing N N 116 
GLU C   O    doub N N 117 
GLU C   OXT  sing N N 118 
GLU CB  CG   sing N N 119 
GLU CB  HB2  sing N N 120 
GLU CB  HB3  sing N N 121 
GLU CG  CD   sing N N 122 
GLU CG  HG2  sing N N 123 
GLU CG  HG3  sing N N 124 
GLU CD  OE1  doub N N 125 
GLU CD  OE2  sing N N 126 
GLU OE2 HE2  sing N N 127 
GLU OXT HXT  sing N N 128 
GLY N   CA   sing N N 129 
GLY N   H    sing N N 130 
GLY N   H2   sing N N 131 
GLY CA  C    sing N N 132 
GLY CA  HA2  sing N N 133 
GLY CA  HA3  sing N N 134 
GLY C   O    doub N N 135 
GLY C   OXT  sing N N 136 
GLY OXT HXT  sing N N 137 
HIS N   CA   sing N N 138 
HIS N   H    sing N N 139 
HIS N   H2   sing N N 140 
HIS CA  C    sing N N 141 
HIS CA  CB   sing N N 142 
HIS CA  HA   sing N N 143 
HIS C   O    doub N N 144 
HIS C   OXT  sing N N 145 
HIS CB  CG   sing N N 146 
HIS CB  HB2  sing N N 147 
HIS CB  HB3  sing N N 148 
HIS CG  ND1  sing Y N 149 
HIS CG  CD2  doub Y N 150 
HIS ND1 CE1  doub Y N 151 
HIS ND1 HD1  sing N N 152 
HIS CD2 NE2  sing Y N 153 
HIS CD2 HD2  sing N N 154 
HIS CE1 NE2  sing Y N 155 
HIS CE1 HE1  sing N N 156 
HIS NE2 HE2  sing N N 157 
HIS OXT HXT  sing N N 158 
HOH O   H1   sing N N 159 
HOH O   H2   sing N N 160 
ILE N   CA   sing N N 161 
ILE N   H    sing N N 162 
ILE N   H2   sing N N 163 
ILE CA  C    sing N N 164 
ILE CA  CB   sing N N 165 
ILE CA  HA   sing N N 166 
ILE C   O    doub N N 167 
ILE C   OXT  sing N N 168 
ILE CB  CG1  sing N N 169 
ILE CB  CG2  sing N N 170 
ILE CB  HB   sing N N 171 
ILE CG1 CD1  sing N N 172 
ILE CG1 HG12 sing N N 173 
ILE CG1 HG13 sing N N 174 
ILE CG2 HG21 sing N N 175 
ILE CG2 HG22 sing N N 176 
ILE CG2 HG23 sing N N 177 
ILE CD1 HD11 sing N N 178 
ILE CD1 HD12 sing N N 179 
ILE CD1 HD13 sing N N 180 
ILE OXT HXT  sing N N 181 
IPH C1  C2   doub Y N 182 
IPH C1  C6   sing Y N 183 
IPH C1  O1   sing N N 184 
IPH C2  C3   sing Y N 185 
IPH C2  H2   sing N N 186 
IPH C3  C4   doub Y N 187 
IPH C3  H3   sing N N 188 
IPH C4  C5   sing Y N 189 
IPH C4  H4   sing N N 190 
IPH C5  C6   doub Y N 191 
IPH C5  H5   sing N N 192 
IPH C6  H6   sing N N 193 
IPH O1  HO1  sing N N 194 
LEU N   CA   sing N N 195 
LEU N   H    sing N N 196 
LEU N   H2   sing N N 197 
LEU CA  C    sing N N 198 
LEU CA  CB   sing N N 199 
LEU CA  HA   sing N N 200 
LEU C   O    doub N N 201 
LEU C   OXT  sing N N 202 
LEU CB  CG   sing N N 203 
LEU CB  HB2  sing N N 204 
LEU CB  HB3  sing N N 205 
LEU CG  CD1  sing N N 206 
LEU CG  CD2  sing N N 207 
LEU CG  HG   sing N N 208 
LEU CD1 HD11 sing N N 209 
LEU CD1 HD12 sing N N 210 
LEU CD1 HD13 sing N N 211 
LEU CD2 HD21 sing N N 212 
LEU CD2 HD22 sing N N 213 
LEU CD2 HD23 sing N N 214 
LEU OXT HXT  sing N N 215 
LYS N   CA   sing N N 216 
LYS N   H    sing N N 217 
LYS N   H2   sing N N 218 
LYS CA  C    sing N N 219 
LYS CA  CB   sing N N 220 
LYS CA  HA   sing N N 221 
LYS C   O    doub N N 222 
LYS C   OXT  sing N N 223 
LYS CB  CG   sing N N 224 
LYS CB  HB2  sing N N 225 
LYS CB  HB3  sing N N 226 
LYS CG  CD   sing N N 227 
LYS CG  HG2  sing N N 228 
LYS CG  HG3  sing N N 229 
LYS CD  CE   sing N N 230 
LYS CD  HD2  sing N N 231 
LYS CD  HD3  sing N N 232 
LYS CE  NZ   sing N N 233 
LYS CE  HE2  sing N N 234 
LYS CE  HE3  sing N N 235 
LYS NZ  HZ1  sing N N 236 
LYS NZ  HZ2  sing N N 237 
LYS NZ  HZ3  sing N N 238 
LYS OXT HXT  sing N N 239 
MET N   CA   sing N N 240 
MET N   H    sing N N 241 
MET N   H2   sing N N 242 
MET CA  C    sing N N 243 
MET CA  CB   sing N N 244 
MET CA  HA   sing N N 245 
MET C   O    doub N N 246 
MET C   OXT  sing N N 247 
MET CB  CG   sing N N 248 
MET CB  HB2  sing N N 249 
MET CB  HB3  sing N N 250 
MET CG  SD   sing N N 251 
MET CG  HG2  sing N N 252 
MET CG  HG3  sing N N 253 
MET SD  CE   sing N N 254 
MET CE  HE1  sing N N 255 
MET CE  HE2  sing N N 256 
MET CE  HE3  sing N N 257 
MET OXT HXT  sing N N 258 
PHE N   CA   sing N N 259 
PHE N   H    sing N N 260 
PHE N   H2   sing N N 261 
PHE CA  C    sing N N 262 
PHE CA  CB   sing N N 263 
PHE CA  HA   sing N N 264 
PHE C   O    doub N N 265 
PHE C   OXT  sing N N 266 
PHE CB  CG   sing N N 267 
PHE CB  HB2  sing N N 268 
PHE CB  HB3  sing N N 269 
PHE CG  CD1  doub Y N 270 
PHE CG  CD2  sing Y N 271 
PHE CD1 CE1  sing Y N 272 
PHE CD1 HD1  sing N N 273 
PHE CD2 CE2  doub Y N 274 
PHE CD2 HD2  sing N N 275 
PHE CE1 CZ   doub Y N 276 
PHE CE1 HE1  sing N N 277 
PHE CE2 CZ   sing Y N 278 
PHE CE2 HE2  sing N N 279 
PHE CZ  HZ   sing N N 280 
PHE OXT HXT  sing N N 281 
PRO N   CA   sing N N 282 
PRO N   CD   sing N N 283 
PRO N   H    sing N N 284 
PRO CA  C    sing N N 285 
PRO CA  CB   sing N N 286 
PRO CA  HA   sing N N 287 
PRO C   O    doub N N 288 
PRO C   OXT  sing N N 289 
PRO CB  CG   sing N N 290 
PRO CB  HB2  sing N N 291 
PRO CB  HB3  sing N N 292 
PRO CG  CD   sing N N 293 
PRO CG  HG2  sing N N 294 
PRO CG  HG3  sing N N 295 
PRO CD  HD2  sing N N 296 
PRO CD  HD3  sing N N 297 
PRO OXT HXT  sing N N 298 
SER N   CA   sing N N 299 
SER N   H    sing N N 300 
SER N   H2   sing N N 301 
SER CA  C    sing N N 302 
SER CA  CB   sing N N 303 
SER CA  HA   sing N N 304 
SER C   O    doub N N 305 
SER C   OXT  sing N N 306 
SER CB  OG   sing N N 307 
SER CB  HB2  sing N N 308 
SER CB  HB3  sing N N 309 
SER OG  HG   sing N N 310 
SER OXT HXT  sing N N 311 
THR N   CA   sing N N 312 
THR N   H    sing N N 313 
THR N   H2   sing N N 314 
THR CA  C    sing N N 315 
THR CA  CB   sing N N 316 
THR CA  HA   sing N N 317 
THR C   O    doub N N 318 
THR C   OXT  sing N N 319 
THR CB  OG1  sing N N 320 
THR CB  CG2  sing N N 321 
THR CB  HB   sing N N 322 
THR OG1 HG1  sing N N 323 
THR CG2 HG21 sing N N 324 
THR CG2 HG22 sing N N 325 
THR CG2 HG23 sing N N 326 
THR OXT HXT  sing N N 327 
TRP N   CA   sing N N 328 
TRP N   H    sing N N 329 
TRP N   H2   sing N N 330 
TRP CA  C    sing N N 331 
TRP CA  CB   sing N N 332 
TRP CA  HA   sing N N 333 
TRP C   O    doub N N 334 
TRP C   OXT  sing N N 335 
TRP CB  CG   sing N N 336 
TRP CB  HB2  sing N N 337 
TRP CB  HB3  sing N N 338 
TRP CG  CD1  doub Y N 339 
TRP CG  CD2  sing Y N 340 
TRP CD1 NE1  sing Y N 341 
TRP CD1 HD1  sing N N 342 
TRP CD2 CE2  doub Y N 343 
TRP CD2 CE3  sing Y N 344 
TRP NE1 CE2  sing Y N 345 
TRP NE1 HE1  sing N N 346 
TRP CE2 CZ2  sing Y N 347 
TRP CE3 CZ3  doub Y N 348 
TRP CE3 HE3  sing N N 349 
TRP CZ2 CH2  doub Y N 350 
TRP CZ2 HZ2  sing N N 351 
TRP CZ3 CH2  sing Y N 352 
TRP CZ3 HZ3  sing N N 353 
TRP CH2 HH2  sing N N 354 
TRP OXT HXT  sing N N 355 
TYR N   CA   sing N N 356 
TYR N   H    sing N N 357 
TYR N   H2   sing N N 358 
TYR CA  C    sing N N 359 
TYR CA  CB   sing N N 360 
TYR CA  HA   sing N N 361 
TYR C   O    doub N N 362 
TYR C   OXT  sing N N 363 
TYR CB  CG   sing N N 364 
TYR CB  HB2  sing N N 365 
TYR CB  HB3  sing N N 366 
TYR CG  CD1  doub Y N 367 
TYR CG  CD2  sing Y N 368 
TYR CD1 CE1  sing Y N 369 
TYR CD1 HD1  sing N N 370 
TYR CD2 CE2  doub Y N 371 
TYR CD2 HD2  sing N N 372 
TYR CE1 CZ   doub Y N 373 
TYR CE1 HE1  sing N N 374 
TYR CE2 CZ   sing Y N 375 
TYR CE2 HE2  sing N N 376 
TYR CZ  OH   sing N N 377 
TYR OH  HH   sing N N 378 
TYR OXT HXT  sing N N 379 
VAL N   CA   sing N N 380 
VAL N   H    sing N N 381 
VAL N   H2   sing N N 382 
VAL CA  C    sing N N 383 
VAL CA  CB   sing N N 384 
VAL CA  HA   sing N N 385 
VAL C   O    doub N N 386 
VAL C   OXT  sing N N 387 
VAL CB  CG1  sing N N 388 
VAL CB  CG2  sing N N 389 
VAL CB  HB   sing N N 390 
VAL CG1 HG11 sing N N 391 
VAL CG1 HG12 sing N N 392 
VAL CG1 HG13 sing N N 393 
VAL CG2 HG21 sing N N 394 
VAL CG2 HG22 sing N N 395 
VAL CG2 HG23 sing N N 396 
VAL OXT HXT  sing N N 397 
# 
loop_
_pdbx_entity_nonpoly.entity_id 
_pdbx_entity_nonpoly.name 
_pdbx_entity_nonpoly.comp_id 
2 'CHLORIDE ION'       CL  
3 PHENOL               IPH 
4 BETA-MERCAPTOETHANOL BME 
5 water                HOH 
# 
_pdbx_initial_refinement_model.id               1 
_pdbx_initial_refinement_model.entity_id_list   ? 
_pdbx_initial_refinement_model.type             'experimental model' 
_pdbx_initial_refinement_model.source_name      PDB 
_pdbx_initial_refinement_model.accession_code   1LGU 
_pdbx_initial_refinement_model.details          'PDB ENTRY 1LGU' 
# 
